data_4XH7
# 
_entry.id   4XH7 
# 
_audit_conform.dict_name       mmcif_pdbx.dic 
_audit_conform.dict_version    5.380 
_audit_conform.dict_location   http://mmcif.pdb.org/dictionaries/ascii/mmcif_pdbx.dic 
# 
loop_
_database_2.database_id 
_database_2.database_code 
_database_2.pdbx_database_accession 
_database_2.pdbx_DOI 
PDB   4XH7         pdb_00004xh7 10.2210/pdb4xh7/pdb 
WWPDB D_1000205673 ?            ?                   
# 
_pdbx_database_status.status_code                     REL 
_pdbx_database_status.status_code_sf                  REL 
_pdbx_database_status.status_code_mr                  ? 
_pdbx_database_status.entry_id                        4XH7 
_pdbx_database_status.recvd_initial_deposition_date   2015-01-05 
_pdbx_database_status.SG_entry                        N 
_pdbx_database_status.deposit_site                    RCSB 
_pdbx_database_status.process_site                    PDBJ 
_pdbx_database_status.status_code_cs                  ? 
_pdbx_database_status.methods_development_category    ? 
_pdbx_database_status.pdb_format_compatible           Y 
_pdbx_database_status.status_code_nmr_data            ? 
# 
loop_
_audit_author.name 
_audit_author.pdbx_ordinal 
'Liu, Z.' 1 
'Zhu, H.' 2 
'Liu, W.' 3 
# 
_citation.abstract                  ? 
_citation.abstract_id_CAS           ? 
_citation.book_id_ISBN              ? 
_citation.book_publisher            ? 
_citation.book_publisher_city       ? 
_citation.book_title                ? 
_citation.coordinate_linkage        ? 
_citation.country                   CN 
_citation.database_id_Medline       ? 
_citation.details                   ? 
_citation.id                        primary 
_citation.journal_abbrev            'Acta Biochim.Biophys.Sin.' 
_citation.journal_id_ASTM           ? 
_citation.journal_id_CSD            ? 
_citation.journal_id_ISSN           1745-7270 
_citation.journal_full              ? 
_citation.journal_issue             ? 
_citation.journal_volume            47 
_citation.language                  ? 
_citation.page_first                199 
_citation.page_last                 206 
_citation.title                     'Biochemical and structural characterization of MUPP1-PDZ4 domain from Mus musculus.' 
_citation.year                      2015 
_citation.database_id_CSD           ? 
_citation.pdbx_database_id_DOI      10.1093/abbs/gmv002 
_citation.pdbx_database_id_PubMed   25662616 
_citation.unpublished_flag          ? 
# 
loop_
_citation_author.citation_id 
_citation_author.name 
_citation_author.ordinal 
_citation_author.identifier_ORCID 
primary 'Zhu, H.'   1 ? 
primary 'Liu, Z.'   2 ? 
primary 'Huang, Y.' 3 ? 
primary 'Zhang, C.' 4 ? 
primary 'Li, G.'    5 ? 
primary 'Liu, W.'   6 ? 
# 
_cell.angle_alpha                  90.00 
_cell.angle_alpha_esd              ? 
_cell.angle_beta                   90.00 
_cell.angle_beta_esd               ? 
_cell.angle_gamma                  90.00 
_cell.angle_gamma_esd              ? 
_cell.entry_id                     4XH7 
_cell.details                      ? 
_cell.formula_units_Z              ? 
_cell.length_a                     51.142 
_cell.length_a_esd                 ? 
_cell.length_b                     52.681 
_cell.length_b_esd                 ? 
_cell.length_c                     96.844 
_cell.length_c_esd                 ? 
_cell.volume                       ? 
_cell.volume_esd                   ? 
_cell.Z_PDB                        8 
_cell.reciprocal_angle_alpha       ? 
_cell.reciprocal_angle_beta        ? 
_cell.reciprocal_angle_gamma       ? 
_cell.reciprocal_angle_alpha_esd   ? 
_cell.reciprocal_angle_beta_esd    ? 
_cell.reciprocal_angle_gamma_esd   ? 
_cell.reciprocal_length_a          ? 
_cell.reciprocal_length_b          ? 
_cell.reciprocal_length_c          ? 
_cell.reciprocal_length_a_esd      ? 
_cell.reciprocal_length_b_esd      ? 
_cell.reciprocal_length_c_esd      ? 
_cell.pdbx_unique_axis             ? 
# 
_symmetry.entry_id                         4XH7 
_symmetry.cell_setting                     ? 
_symmetry.Int_Tables_number                23 
_symmetry.space_group_name_Hall            ? 
_symmetry.space_group_name_H-M             'I 2 2 2' 
_symmetry.pdbx_full_space_group_name_H-M   ? 
# 
loop_
_entity.id 
_entity.type 
_entity.src_method 
_entity.pdbx_description 
_entity.formula_weight 
_entity.pdbx_number_of_molecules 
_entity.pdbx_ec 
_entity.pdbx_mutation 
_entity.pdbx_fragment 
_entity.details 
1 polymer     man 'Multiple PDZ domain protein' 16199.199 1  ? ? 'PDZ 4 domain, UNP residues 521-665' ? 
2 non-polymer syn IMIDAZOLE                     69.085    1  ? ? ?                                    ? 
3 water       nat water                         18.015    99 ? ? ?                                    ? 
# 
_entity_poly.entity_id                      1 
_entity_poly.type                           'polypeptide(L)' 
_entity_poly.nstd_linkage                   no 
_entity_poly.nstd_monomer                   no 
_entity_poly.pdbx_seq_one_letter_code       
;GPGSAEDVQQEAALLTKWQRIMGINYEIVVAHVSKFSENSGLGISLEATVGHHFIRSVLPEGPVGHSGKLFSGDELLEVN
GINLLGENHQDVVNILKELPIDVTMVCCRRTVPPIALSEMDSLDINDLELTEKPHIDLGEFIGSSETED
;
_entity_poly.pdbx_seq_one_letter_code_can   
;GPGSAEDVQQEAALLTKWQRIMGINYEIVVAHVSKFSENSGLGISLEATVGHHFIRSVLPEGPVGHSGKLFSGDELLEVN
GINLLGENHQDVVNILKELPIDVTMVCCRRTVPPIALSEMDSLDINDLELTEKPHIDLGEFIGSSETED
;
_entity_poly.pdbx_strand_id                 A 
_entity_poly.pdbx_target_identifier         ? 
# 
loop_
_entity_poly_seq.entity_id 
_entity_poly_seq.num 
_entity_poly_seq.mon_id 
_entity_poly_seq.hetero 
1 1   GLY n 
1 2   PRO n 
1 3   GLY n 
1 4   SER n 
1 5   ALA n 
1 6   GLU n 
1 7   ASP n 
1 8   VAL n 
1 9   GLN n 
1 10  GLN n 
1 11  GLU n 
1 12  ALA n 
1 13  ALA n 
1 14  LEU n 
1 15  LEU n 
1 16  THR n 
1 17  LYS n 
1 18  TRP n 
1 19  GLN n 
1 20  ARG n 
1 21  ILE n 
1 22  MET n 
1 23  GLY n 
1 24  ILE n 
1 25  ASN n 
1 26  TYR n 
1 27  GLU n 
1 28  ILE n 
1 29  VAL n 
1 30  VAL n 
1 31  ALA n 
1 32  HIS n 
1 33  VAL n 
1 34  SER n 
1 35  LYS n 
1 36  PHE n 
1 37  SER n 
1 38  GLU n 
1 39  ASN n 
1 40  SER n 
1 41  GLY n 
1 42  LEU n 
1 43  GLY n 
1 44  ILE n 
1 45  SER n 
1 46  LEU n 
1 47  GLU n 
1 48  ALA n 
1 49  THR n 
1 50  VAL n 
1 51  GLY n 
1 52  HIS n 
1 53  HIS n 
1 54  PHE n 
1 55  ILE n 
1 56  ARG n 
1 57  SER n 
1 58  VAL n 
1 59  LEU n 
1 60  PRO n 
1 61  GLU n 
1 62  GLY n 
1 63  PRO n 
1 64  VAL n 
1 65  GLY n 
1 66  HIS n 
1 67  SER n 
1 68  GLY n 
1 69  LYS n 
1 70  LEU n 
1 71  PHE n 
1 72  SER n 
1 73  GLY n 
1 74  ASP n 
1 75  GLU n 
1 76  LEU n 
1 77  LEU n 
1 78  GLU n 
1 79  VAL n 
1 80  ASN n 
1 81  GLY n 
1 82  ILE n 
1 83  ASN n 
1 84  LEU n 
1 85  LEU n 
1 86  GLY n 
1 87  GLU n 
1 88  ASN n 
1 89  HIS n 
1 90  GLN n 
1 91  ASP n 
1 92  VAL n 
1 93  VAL n 
1 94  ASN n 
1 95  ILE n 
1 96  LEU n 
1 97  LYS n 
1 98  GLU n 
1 99  LEU n 
1 100 PRO n 
1 101 ILE n 
1 102 ASP n 
1 103 VAL n 
1 104 THR n 
1 105 MET n 
1 106 VAL n 
1 107 CYS n 
1 108 CYS n 
1 109 ARG n 
1 110 ARG n 
1 111 THR n 
1 112 VAL n 
1 113 PRO n 
1 114 PRO n 
1 115 ILE n 
1 116 ALA n 
1 117 LEU n 
1 118 SER n 
1 119 GLU n 
1 120 MET n 
1 121 ASP n 
1 122 SER n 
1 123 LEU n 
1 124 ASP n 
1 125 ILE n 
1 126 ASN n 
1 127 ASP n 
1 128 LEU n 
1 129 GLU n 
1 130 LEU n 
1 131 THR n 
1 132 GLU n 
1 133 LYS n 
1 134 PRO n 
1 135 HIS n 
1 136 ILE n 
1 137 ASP n 
1 138 LEU n 
1 139 GLY n 
1 140 GLU n 
1 141 PHE n 
1 142 ILE n 
1 143 GLY n 
1 144 SER n 
1 145 SER n 
1 146 GLU n 
1 147 THR n 
1 148 GLU n 
1 149 ASP n 
# 
_entity_src_gen.entity_id                          1 
_entity_src_gen.pdbx_src_id                        1 
_entity_src_gen.pdbx_alt_source_flag               sample 
_entity_src_gen.pdbx_seq_type                      'Biological sequence' 
_entity_src_gen.pdbx_beg_seq_num                   1 
_entity_src_gen.pdbx_end_seq_num                   149 
_entity_src_gen.gene_src_common_name               Mouse 
_entity_src_gen.gene_src_genus                     ? 
_entity_src_gen.pdbx_gene_src_gene                 Mpdz 
_entity_src_gen.gene_src_species                   ? 
_entity_src_gen.gene_src_strain                    ? 
_entity_src_gen.gene_src_tissue                    ? 
_entity_src_gen.gene_src_tissue_fraction           ? 
_entity_src_gen.gene_src_details                   ? 
_entity_src_gen.pdbx_gene_src_fragment             ? 
_entity_src_gen.pdbx_gene_src_scientific_name      'Mus musculus' 
_entity_src_gen.pdbx_gene_src_ncbi_taxonomy_id     10090 
_entity_src_gen.pdbx_gene_src_variant              ? 
_entity_src_gen.pdbx_gene_src_cell_line            ? 
_entity_src_gen.pdbx_gene_src_atcc                 ? 
_entity_src_gen.pdbx_gene_src_organ                ? 
_entity_src_gen.pdbx_gene_src_organelle            ? 
_entity_src_gen.pdbx_gene_src_cell                 ? 
_entity_src_gen.pdbx_gene_src_cellular_location    ? 
_entity_src_gen.host_org_common_name               ? 
_entity_src_gen.pdbx_host_org_scientific_name      'Escherichia coli' 
_entity_src_gen.pdbx_host_org_ncbi_taxonomy_id     562 
_entity_src_gen.host_org_genus                     ? 
_entity_src_gen.pdbx_host_org_gene                 ? 
_entity_src_gen.pdbx_host_org_organ                ? 
_entity_src_gen.host_org_species                   ? 
_entity_src_gen.pdbx_host_org_tissue               ? 
_entity_src_gen.pdbx_host_org_tissue_fraction      ? 
_entity_src_gen.pdbx_host_org_strain               ? 
_entity_src_gen.pdbx_host_org_variant              ? 
_entity_src_gen.pdbx_host_org_cell_line            ? 
_entity_src_gen.pdbx_host_org_atcc                 ? 
_entity_src_gen.pdbx_host_org_culture_collection   ? 
_entity_src_gen.pdbx_host_org_cell                 ? 
_entity_src_gen.pdbx_host_org_organelle            ? 
_entity_src_gen.pdbx_host_org_cellular_location    ? 
_entity_src_gen.pdbx_host_org_vector_type          ? 
_entity_src_gen.pdbx_host_org_vector               ? 
_entity_src_gen.host_org_details                   ? 
_entity_src_gen.expression_system_id               ? 
_entity_src_gen.plasmid_name                       ? 
_entity_src_gen.plasmid_details                    ? 
_entity_src_gen.pdbx_description                   ? 
# 
_struct_ref.id                         1 
_struct_ref.db_name                    UNP 
_struct_ref.db_code                    MPDZ_MOUSE 
_struct_ref.pdbx_db_accession          Q8VBX6 
_struct_ref.pdbx_db_isoform            ? 
_struct_ref.entity_id                  1 
_struct_ref.pdbx_seq_one_letter_code   
;AEDVQQEAALLTKWQRIMGINYEIVVAHVSKFSENSGLGISLEATVGHHFIRSVLPEGPVGHSGKLFSGDELLEVNGINL
LGENHQDVVNILKELPIDVTMVCCRRTVPPIALSEMDSLDINDLELTEKPHIDLGEFIGSSETED
;
_struct_ref.pdbx_align_begin           521 
# 
_struct_ref_seq.align_id                      1 
_struct_ref_seq.ref_id                        1 
_struct_ref_seq.pdbx_PDB_id_code              4XH7 
_struct_ref_seq.pdbx_strand_id                A 
_struct_ref_seq.seq_align_beg                 5 
_struct_ref_seq.pdbx_seq_align_beg_ins_code   ? 
_struct_ref_seq.seq_align_end                 149 
_struct_ref_seq.pdbx_seq_align_end_ins_code   ? 
_struct_ref_seq.pdbx_db_accession             Q8VBX6 
_struct_ref_seq.db_align_beg                  521 
_struct_ref_seq.pdbx_db_align_beg_ins_code    ? 
_struct_ref_seq.db_align_end                  665 
_struct_ref_seq.pdbx_db_align_end_ins_code    ? 
_struct_ref_seq.pdbx_auth_seq_align_beg       521 
_struct_ref_seq.pdbx_auth_seq_align_end       665 
# 
loop_
_struct_ref_seq_dif.align_id 
_struct_ref_seq_dif.pdbx_pdb_id_code 
_struct_ref_seq_dif.mon_id 
_struct_ref_seq_dif.pdbx_pdb_strand_id 
_struct_ref_seq_dif.seq_num 
_struct_ref_seq_dif.pdbx_pdb_ins_code 
_struct_ref_seq_dif.pdbx_seq_db_name 
_struct_ref_seq_dif.pdbx_seq_db_accession_code 
_struct_ref_seq_dif.db_mon_id 
_struct_ref_seq_dif.pdbx_seq_db_seq_num 
_struct_ref_seq_dif.details 
_struct_ref_seq_dif.pdbx_auth_seq_num 
_struct_ref_seq_dif.pdbx_ordinal 
1 4XH7 GLY A 1 ? UNP Q8VBX6 ? ? 'expression tag' 517 1 
1 4XH7 PRO A 2 ? UNP Q8VBX6 ? ? 'expression tag' 518 2 
1 4XH7 GLY A 3 ? UNP Q8VBX6 ? ? 'expression tag' 519 3 
1 4XH7 SER A 4 ? UNP Q8VBX6 ? ? 'expression tag' 520 4 
# 
loop_
_chem_comp.id 
_chem_comp.type 
_chem_comp.mon_nstd_flag 
_chem_comp.name 
_chem_comp.pdbx_synonyms 
_chem_comp.formula 
_chem_comp.formula_weight 
ALA 'L-peptide linking' y ALANINE         ? 'C3 H7 N O2'     89.093  
ARG 'L-peptide linking' y ARGININE        ? 'C6 H15 N4 O2 1' 175.209 
ASN 'L-peptide linking' y ASPARAGINE      ? 'C4 H8 N2 O3'    132.118 
ASP 'L-peptide linking' y 'ASPARTIC ACID' ? 'C4 H7 N O4'     133.103 
CYS 'L-peptide linking' y CYSTEINE        ? 'C3 H7 N O2 S'   121.158 
GLN 'L-peptide linking' y GLUTAMINE       ? 'C5 H10 N2 O3'   146.144 
GLU 'L-peptide linking' y 'GLUTAMIC ACID' ? 'C5 H9 N O4'     147.129 
GLY 'peptide linking'   y GLYCINE         ? 'C2 H5 N O2'     75.067  
HIS 'L-peptide linking' y HISTIDINE       ? 'C6 H10 N3 O2 1' 156.162 
HOH non-polymer         . WATER           ? 'H2 O'           18.015  
ILE 'L-peptide linking' y ISOLEUCINE      ? 'C6 H13 N O2'    131.173 
IMD non-polymer         . IMIDAZOLE       ? 'C3 H5 N2 1'     69.085  
LEU 'L-peptide linking' y LEUCINE         ? 'C6 H13 N O2'    131.173 
LYS 'L-peptide linking' y LYSINE          ? 'C6 H15 N2 O2 1' 147.195 
MET 'L-peptide linking' y METHIONINE      ? 'C5 H11 N O2 S'  149.211 
PHE 'L-peptide linking' y PHENYLALANINE   ? 'C9 H11 N O2'    165.189 
PRO 'L-peptide linking' y PROLINE         ? 'C5 H9 N O2'     115.130 
SER 'L-peptide linking' y SERINE          ? 'C3 H7 N O3'     105.093 
THR 'L-peptide linking' y THREONINE       ? 'C4 H9 N O3'     119.119 
TRP 'L-peptide linking' y TRYPTOPHAN      ? 'C11 H12 N2 O2'  204.225 
TYR 'L-peptide linking' y TYROSINE        ? 'C9 H11 N O3'    181.189 
VAL 'L-peptide linking' y VALINE          ? 'C5 H11 N O2'    117.146 
# 
_exptl.absorpt_coefficient_mu     ? 
_exptl.absorpt_correction_T_max   ? 
_exptl.absorpt_correction_T_min   ? 
_exptl.absorpt_correction_type    ? 
_exptl.absorpt_process_details    ? 
_exptl.entry_id                   4XH7 
_exptl.crystals_number            ? 
_exptl.details                    ? 
_exptl.method                     'X-RAY DIFFRACTION' 
_exptl.method_details             ? 
# 
_exptl_crystal.colour                      ? 
_exptl_crystal.density_diffrn              ? 
_exptl_crystal.density_Matthews            2.01 
_exptl_crystal.density_method              ? 
_exptl_crystal.density_percent_sol         38.91 
_exptl_crystal.description                 ? 
_exptl_crystal.F_000                       ? 
_exptl_crystal.id                          1 
_exptl_crystal.preparation                 ? 
_exptl_crystal.size_max                    ? 
_exptl_crystal.size_mid                    ? 
_exptl_crystal.size_min                    ? 
_exptl_crystal.size_rad                    ? 
_exptl_crystal.colour_lustre               ? 
_exptl_crystal.colour_modifier             ? 
_exptl_crystal.colour_primary              ? 
_exptl_crystal.density_meas                ? 
_exptl_crystal.density_meas_esd            ? 
_exptl_crystal.density_meas_gt             ? 
_exptl_crystal.density_meas_lt             ? 
_exptl_crystal.density_meas_temp           ? 
_exptl_crystal.density_meas_temp_esd       ? 
_exptl_crystal.density_meas_temp_gt        ? 
_exptl_crystal.density_meas_temp_lt        ? 
_exptl_crystal.pdbx_crystal_image_url      ? 
_exptl_crystal.pdbx_crystal_image_format   ? 
_exptl_crystal.pdbx_mosaicity              ? 
_exptl_crystal.pdbx_mosaicity_esd          ? 
# 
_exptl_crystal_grow.apparatus       ? 
_exptl_crystal_grow.atmosphere      ? 
_exptl_crystal_grow.crystal_id      1 
_exptl_crystal_grow.details         ? 
_exptl_crystal_grow.method          'VAPOR DIFFUSION, SITTING DROP' 
_exptl_crystal_grow.method_ref      ? 
_exptl_crystal_grow.pH              7.0 
_exptl_crystal_grow.pressure        ? 
_exptl_crystal_grow.pressure_esd    ? 
_exptl_crystal_grow.seeding         ? 
_exptl_crystal_grow.seeding_ref     ? 
_exptl_crystal_grow.temp            289 
_exptl_crystal_grow.temp_details    ? 
_exptl_crystal_grow.temp_esd        ? 
_exptl_crystal_grow.time            ? 
_exptl_crystal_grow.pdbx_details    
'2%(v/v) polyethylene glycol 400, 0.1 M imidazole, 24%(w/v) polyethylene glycol monoethyl ether 5000' 
_exptl_crystal_grow.pdbx_pH_range   ? 
# 
_diffrn.ambient_environment    ? 
_diffrn.ambient_temp           100 
_diffrn.ambient_temp_details   ? 
_diffrn.ambient_temp_esd       ? 
_diffrn.crystal_id             1 
_diffrn.crystal_support        ? 
_diffrn.crystal_treatment      ? 
_diffrn.details                ? 
_diffrn.id                     1 
_diffrn.ambient_pressure       ? 
_diffrn.ambient_pressure_esd   ? 
_diffrn.ambient_pressure_gt    ? 
_diffrn.ambient_pressure_lt    ? 
_diffrn.ambient_temp_gt        ? 
_diffrn.ambient_temp_lt        ? 
# 
_diffrn_detector.details                      ? 
_diffrn_detector.detector                     CCD 
_diffrn_detector.diffrn_id                    1 
_diffrn_detector.type                         'ADSC QUANTUM 315r' 
_diffrn_detector.area_resol_mean              ? 
_diffrn_detector.dtime                        ? 
_diffrn_detector.pdbx_frames_total            ? 
_diffrn_detector.pdbx_collection_time_total   ? 
_diffrn_detector.pdbx_collection_date         2013-12-21 
# 
_diffrn_radiation.collimation                      ? 
_diffrn_radiation.diffrn_id                        1 
_diffrn_radiation.filter_edge                      ? 
_diffrn_radiation.inhomogeneity                    ? 
_diffrn_radiation.monochromator                    ? 
_diffrn_radiation.polarisn_norm                    ? 
_diffrn_radiation.polarisn_ratio                   ? 
_diffrn_radiation.probe                            ? 
_diffrn_radiation.type                             ? 
_diffrn_radiation.xray_symbol                      ? 
_diffrn_radiation.wavelength_id                    1 
_diffrn_radiation.pdbx_monochromatic_or_laue_m_l   M 
_diffrn_radiation.pdbx_wavelength_list             ? 
_diffrn_radiation.pdbx_wavelength                  ? 
_diffrn_radiation.pdbx_diffrn_protocol             'SINGLE WAVELENGTH' 
_diffrn_radiation.pdbx_analyzer                    ? 
_diffrn_radiation.pdbx_scattering_type             x-ray 
# 
_diffrn_radiation_wavelength.id           1 
_diffrn_radiation_wavelength.wavelength   1.0093 
_diffrn_radiation_wavelength.wt           1.0 
# 
_diffrn_source.current                     ? 
_diffrn_source.details                     ? 
_diffrn_source.diffrn_id                   1 
_diffrn_source.power                       ? 
_diffrn_source.size                        ? 
_diffrn_source.source                      SYNCHROTRON 
_diffrn_source.target                      ? 
_diffrn_source.type                        'SSRF BEAMLINE BL17U' 
_diffrn_source.voltage                     ? 
_diffrn_source.take-off_angle              ? 
_diffrn_source.pdbx_wavelength_list        1.0093 
_diffrn_source.pdbx_wavelength             ? 
_diffrn_source.pdbx_synchrotron_beamline   BL17U 
_diffrn_source.pdbx_synchrotron_site       SSRF 
# 
_reflns.B_iso_Wilson_estimate            ? 
_reflns.entry_id                         4XH7 
_reflns.data_reduction_details           ? 
_reflns.data_reduction_method            ? 
_reflns.d_resolution_high                1.65 
_reflns.d_resolution_low                 50 
_reflns.details                          ? 
_reflns.limit_h_max                      ? 
_reflns.limit_h_min                      ? 
_reflns.limit_k_max                      ? 
_reflns.limit_k_min                      ? 
_reflns.limit_l_max                      ? 
_reflns.limit_l_min                      ? 
_reflns.number_all                       ? 
_reflns.number_obs                       16041 
_reflns.observed_criterion               ? 
_reflns.observed_criterion_F_max         ? 
_reflns.observed_criterion_F_min         ? 
_reflns.observed_criterion_I_max         ? 
_reflns.observed_criterion_I_min         ? 
_reflns.observed_criterion_sigma_F       ? 
_reflns.observed_criterion_sigma_I       ? 
_reflns.percent_possible_obs             99.4 
_reflns.R_free_details                   ? 
_reflns.Rmerge_F_all                     ? 
_reflns.Rmerge_F_obs                     ? 
_reflns.Friedel_coverage                 ? 
_reflns.number_gt                        ? 
_reflns.threshold_expression             ? 
_reflns.pdbx_redundancy                  7.2 
_reflns.pdbx_Rmerge_I_obs                ? 
_reflns.pdbx_Rmerge_I_all                ? 
_reflns.pdbx_Rsym_value                  ? 
_reflns.pdbx_netI_over_av_sigmaI         ? 
_reflns.pdbx_netI_over_sigmaI            48.2 
_reflns.pdbx_res_netI_over_av_sigmaI_2   ? 
_reflns.pdbx_res_netI_over_sigmaI_2      ? 
_reflns.pdbx_chi_squared                 ? 
_reflns.pdbx_scaling_rejects             ? 
_reflns.pdbx_d_res_high_opt              ? 
_reflns.pdbx_d_res_low_opt               ? 
_reflns.pdbx_d_res_opt_method            ? 
_reflns.phase_calculation_details        ? 
_reflns.pdbx_Rrim_I_all                  ? 
_reflns.pdbx_Rpim_I_all                  ? 
_reflns.pdbx_d_opt                       ? 
_reflns.pdbx_number_measured_all         ? 
_reflns.pdbx_diffrn_id                   1 
_reflns.pdbx_ordinal                     1 
_reflns.pdbx_CC_half                     ? 
_reflns.pdbx_R_split                     ? 
# 
_reflns_shell.Rmerge_F_all                ? 
_reflns_shell.Rmerge_F_gt                 ? 
_reflns_shell.Rmerge_F_obs                ? 
_reflns_shell.Rmerge_I_all                ? 
_reflns_shell.Rmerge_I_gt                 ? 
_reflns_shell.Rmerge_I_obs                0.773 
_reflns_shell.d_res_high                  1.65 
_reflns_shell.d_res_low                   1.68 
_reflns_shell.meanI_over_sigI_all         ? 
_reflns_shell.meanI_over_sigI_gt          ? 
_reflns_shell.meanI_over_sigI_obs         3.7 
_reflns_shell.meanI_over_uI_all           ? 
_reflns_shell.meanI_over_uI_gt            ? 
_reflns_shell.number_measured_all         ? 
_reflns_shell.number_measured_gt          ? 
_reflns_shell.number_measured_obs         ? 
_reflns_shell.number_possible             ? 
_reflns_shell.number_unique_all           ? 
_reflns_shell.number_unique_gt            ? 
_reflns_shell.number_unique_obs           ? 
_reflns_shell.pdbx_CC_half                ? 
_reflns_shell.pdbx_R_split                ? 
_reflns_shell.pdbx_Rpim_I_all             ? 
_reflns_shell.pdbx_Rrim_I_all             ? 
_reflns_shell.pdbx_Rsym_value             ? 
_reflns_shell.pdbx_chi_squared            ? 
_reflns_shell.pdbx_diffrn_id              ? 
_reflns_shell.pdbx_netI_over_sigmaI_all   ? 
_reflns_shell.pdbx_netI_over_sigmaI_obs   ? 
_reflns_shell.pdbx_ordinal                1 
_reflns_shell.pdbx_redundancy             7.8 
_reflns_shell.pdbx_rejects                ? 
_reflns_shell.percent_possible_all        100 
_reflns_shell.percent_possible_gt         ? 
_reflns_shell.percent_possible_obs        ? 
# 
_refine.aniso_B[1][1]                            ? 
_refine.aniso_B[1][2]                            ? 
_refine.aniso_B[1][3]                            ? 
_refine.aniso_B[2][2]                            ? 
_refine.aniso_B[2][3]                            ? 
_refine.aniso_B[3][3]                            ? 
_refine.B_iso_max                                ? 
_refine.B_iso_mean                               ? 
_refine.B_iso_min                                ? 
_refine.correlation_coeff_Fo_to_Fc               ? 
_refine.correlation_coeff_Fo_to_Fc_free          ? 
_refine.details                                  ? 
_refine.diff_density_max                         ? 
_refine.diff_density_max_esd                     ? 
_refine.diff_density_min                         ? 
_refine.diff_density_min_esd                     ? 
_refine.diff_density_rms                         ? 
_refine.diff_density_rms_esd                     ? 
_refine.entry_id                                 4XH7 
_refine.pdbx_refine_id                           'X-RAY DIFFRACTION' 
_refine.ls_abs_structure_details                 ? 
_refine.ls_abs_structure_Flack                   ? 
_refine.ls_abs_structure_Flack_esd               ? 
_refine.ls_abs_structure_Rogers                  ? 
_refine.ls_abs_structure_Rogers_esd              ? 
_refine.ls_d_res_high                            1.65 
_refine.ls_d_res_low                             50 
_refine.ls_extinction_coef                       ? 
_refine.ls_extinction_coef_esd                   ? 
_refine.ls_extinction_expression                 ? 
_refine.ls_extinction_method                     ? 
_refine.ls_goodness_of_fit_all                   ? 
_refine.ls_goodness_of_fit_all_esd               ? 
_refine.ls_goodness_of_fit_obs                   ? 
_refine.ls_goodness_of_fit_obs_esd               ? 
_refine.ls_hydrogen_treatment                    ? 
_refine.ls_matrix_type                           ? 
_refine.ls_number_constraints                    ? 
_refine.ls_number_parameters                     ? 
_refine.ls_number_reflns_all                     ? 
_refine.ls_number_reflns_obs                     16031 
_refine.ls_number_reflns_R_free                  805 
_refine.ls_number_reflns_R_work                  ? 
_refine.ls_number_restraints                     ? 
_refine.ls_percent_reflns_obs                    99.04 
_refine.ls_percent_reflns_R_free                 5.02 
_refine.ls_R_factor_all                          ? 
_refine.ls_R_factor_obs                          0.1742 
_refine.ls_R_factor_R_free                       0.2038 
_refine.ls_R_factor_R_free_error                 ? 
_refine.ls_R_factor_R_free_error_details         ? 
_refine.ls_R_factor_R_work                       0.1726 
_refine.ls_R_Fsqd_factor_obs                     ? 
_refine.ls_R_I_factor_obs                        ? 
_refine.ls_redundancy_reflns_all                 ? 
_refine.ls_redundancy_reflns_obs                 ? 
_refine.ls_restrained_S_all                      ? 
_refine.ls_restrained_S_obs                      ? 
_refine.ls_shift_over_esd_max                    ? 
_refine.ls_shift_over_esd_mean                   ? 
_refine.ls_structure_factor_coef                 ? 
_refine.ls_weighting_details                     ? 
_refine.ls_weighting_scheme                      ? 
_refine.ls_wR_factor_all                         ? 
_refine.ls_wR_factor_obs                         ? 
_refine.ls_wR_factor_R_free                      ? 
_refine.ls_wR_factor_R_work                      ? 
_refine.occupancy_max                            ? 
_refine.occupancy_min                            ? 
_refine.solvent_model_details                    'FLAT BULK SOLVENT MODEL' 
_refine.solvent_model_param_bsol                 ? 
_refine.solvent_model_param_ksol                 ? 
_refine.ls_R_factor_gt                           ? 
_refine.ls_goodness_of_fit_gt                    ? 
_refine.ls_goodness_of_fit_ref                   ? 
_refine.ls_shift_over_su_max                     ? 
_refine.ls_shift_over_su_max_lt                  ? 
_refine.ls_shift_over_su_mean                    ? 
_refine.ls_shift_over_su_mean_lt                 ? 
_refine.pdbx_ls_sigma_I                          ? 
_refine.pdbx_ls_sigma_F                          1.35 
_refine.pdbx_ls_sigma_Fsqd                       ? 
_refine.pdbx_data_cutoff_high_absF               ? 
_refine.pdbx_data_cutoff_high_rms_absF           ? 
_refine.pdbx_data_cutoff_low_absF                ? 
_refine.pdbx_isotropic_thermal_model             ? 
_refine.pdbx_ls_cross_valid_method               'FREE R-VALUE' 
_refine.pdbx_method_to_determine_struct          'MOLECULAR REPLACEMENT' 
_refine.pdbx_starting_model                      3JXT 
_refine.pdbx_stereochemistry_target_values       ML 
_refine.pdbx_R_Free_selection_details            ? 
_refine.pdbx_stereochem_target_val_spec_case     ? 
_refine.pdbx_overall_ESU_R                       ? 
_refine.pdbx_overall_ESU_R_Free                  ? 
_refine.pdbx_solvent_vdw_probe_radii             1.11 
_refine.pdbx_solvent_ion_probe_radii             ? 
_refine.pdbx_solvent_shrinkage_radii             0.90 
_refine.pdbx_real_space_R                        ? 
_refine.pdbx_density_correlation                 ? 
_refine.pdbx_pd_number_of_powder_patterns        ? 
_refine.pdbx_pd_number_of_points                 ? 
_refine.pdbx_pd_meas_number_of_points            ? 
_refine.pdbx_pd_proc_ls_prof_R_factor            ? 
_refine.pdbx_pd_proc_ls_prof_wR_factor           ? 
_refine.pdbx_pd_Marquardt_correlation_coeff      ? 
_refine.pdbx_pd_Fsqrd_R_factor                   ? 
_refine.pdbx_pd_ls_matrix_band_width             ? 
_refine.pdbx_overall_phase_error                 21.94 
_refine.pdbx_overall_SU_R_free_Cruickshank_DPI   ? 
_refine.pdbx_overall_SU_R_free_Blow_DPI          ? 
_refine.pdbx_overall_SU_R_Blow_DPI               ? 
_refine.pdbx_TLS_residual_ADP_flag               ? 
_refine.pdbx_diffrn_id                           1 
_refine.overall_SU_B                             ? 
_refine.overall_SU_ML                            0.13 
_refine.overall_SU_R_Cruickshank_DPI             ? 
_refine.overall_SU_R_free                        ? 
_refine.overall_FOM_free_R_set                   ? 
_refine.overall_FOM_work_R_set                   ? 
_refine.pdbx_average_fsc_overall                 ? 
_refine.pdbx_average_fsc_work                    ? 
_refine.pdbx_average_fsc_free                    ? 
# 
_refine_hist.pdbx_refine_id                   'X-RAY DIFFRACTION' 
_refine_hist.cycle_id                         LAST 
_refine_hist.pdbx_number_atoms_protein        804 
_refine_hist.pdbx_number_atoms_nucleic_acid   0 
_refine_hist.pdbx_number_atoms_ligand         5 
_refine_hist.number_atoms_solvent             99 
_refine_hist.number_atoms_total               908 
_refine_hist.d_res_high                       1.65 
_refine_hist.d_res_low                        50 
# 
loop_
_refine_ls_restr.pdbx_refine_id 
_refine_ls_restr.criterion 
_refine_ls_restr.dev_ideal 
_refine_ls_restr.dev_ideal_target 
_refine_ls_restr.number 
_refine_ls_restr.rejects 
_refine_ls_restr.type 
_refine_ls_restr.weight 
_refine_ls_restr.pdbx_restraint_function 
'X-RAY DIFFRACTION' ? 0.012  ? 830  ? f_bond_d           ? ? 
'X-RAY DIFFRACTION' ? 1.372  ? 1130 ? f_angle_d          ? ? 
'X-RAY DIFFRACTION' ? 12.686 ? 286  ? f_dihedral_angle_d ? ? 
'X-RAY DIFFRACTION' ? 0.062  ? 138  ? f_chiral_restr     ? ? 
'X-RAY DIFFRACTION' ? 0.008  ? 145  ? f_plane_restr      ? ? 
# 
loop_
_refine_ls_shell.pdbx_refine_id 
_refine_ls_shell.d_res_high 
_refine_ls_shell.d_res_low 
_refine_ls_shell.number_reflns_all 
_refine_ls_shell.number_reflns_obs 
_refine_ls_shell.number_reflns_R_free 
_refine_ls_shell.number_reflns_R_work 
_refine_ls_shell.percent_reflns_obs 
_refine_ls_shell.percent_reflns_R_free 
_refine_ls_shell.R_factor_all 
_refine_ls_shell.R_factor_obs 
_refine_ls_shell.R_factor_R_free 
_refine_ls_shell.R_factor_R_free_error 
_refine_ls_shell.R_factor_R_work 
_refine_ls_shell.redundancy_reflns_all 
_refine_ls_shell.redundancy_reflns_obs 
_refine_ls_shell.wR_factor_all 
_refine_ls_shell.wR_factor_obs 
_refine_ls_shell.wR_factor_R_free 
_refine_ls_shell.wR_factor_R_work 
_refine_ls_shell.pdbx_total_number_of_bins_used 
_refine_ls_shell.pdbx_phase_error 
_refine_ls_shell.pdbx_fsc_work 
_refine_ls_shell.pdbx_fsc_free 
'X-RAY DIFFRACTION' 1.6480 1.7512  . . 138 2442 98.00  . . . 0.2967 . 0.2081 . . . . . . . . . . 
'X-RAY DIFFRACTION' 1.7512 1.8864  . . 132 2543 100.00 . . . 0.2213 . 0.1823 . . . . . . . . . . 
'X-RAY DIFFRACTION' 1.8864 2.0763  . . 135 2513 100.00 . . . 0.2184 . 0.1672 . . . . . . . . . . 
'X-RAY DIFFRACTION' 2.0763 2.3767  . . 133 2544 100.00 . . . 0.2158 . 0.1674 . . . . . . . . . . 
'X-RAY DIFFRACTION' 2.3767 2.9941  . . 136 2569 100.00 . . . 0.2179 . 0.1854 . . . . . . . . . . 
'X-RAY DIFFRACTION' 2.9941 36.7040 . . 131 2615 97.00  . . . 0.1789 . 0.1650 . . . . . . . . . . 
# 
_struct.entry_id                     4XH7 
_struct.title                        'Crystal structure of MUPP1 PDZ4' 
_struct.pdbx_model_details           ? 
_struct.pdbx_formula_weight          ? 
_struct.pdbx_formula_weight_method   ? 
_struct.pdbx_model_type_details      ? 
_struct.pdbx_CASP_flag               ? 
# 
_struct_keywords.entry_id        4XH7 
_struct_keywords.text            'MUPP1, PDZ domain, SIGNALING PROTEIN' 
_struct_keywords.pdbx_keywords   'SIGNALING PROTEIN' 
# 
loop_
_struct_asym.id 
_struct_asym.pdbx_blank_PDB_chainid_flag 
_struct_asym.pdbx_modified 
_struct_asym.entity_id 
_struct_asym.details 
A N N 1 ? 
B N N 2 ? 
C N N 3 ? 
# 
loop_
_struct_conf.conf_type_id 
_struct_conf.id 
_struct_conf.pdbx_PDB_helix_id 
_struct_conf.beg_label_comp_id 
_struct_conf.beg_label_asym_id 
_struct_conf.beg_label_seq_id 
_struct_conf.pdbx_beg_PDB_ins_code 
_struct_conf.end_label_comp_id 
_struct_conf.end_label_asym_id 
_struct_conf.end_label_seq_id 
_struct_conf.pdbx_end_PDB_ins_code 
_struct_conf.beg_auth_comp_id 
_struct_conf.beg_auth_asym_id 
_struct_conf.beg_auth_seq_id 
_struct_conf.end_auth_comp_id 
_struct_conf.end_auth_asym_id 
_struct_conf.end_auth_seq_id 
_struct_conf.pdbx_PDB_helix_class 
_struct_conf.details 
_struct_conf.pdbx_PDB_helix_length 
HELX_P HELX_P1 AA1 SER A 4  ? GLY A 23 ? SER A 520 GLY A 539 1 ? 20 
HELX_P HELX_P2 AA2 GLY A 62 ? GLY A 68 ? GLY A 578 GLY A 584 1 ? 7  
HELX_P HELX_P3 AA3 ASN A 88 ? GLU A 98 ? ASN A 604 GLU A 614 1 ? 11 
# 
_struct_conf_type.id          HELX_P 
_struct_conf_type.criteria    ? 
_struct_conf_type.reference   ? 
# 
loop_
_struct_sheet.id 
_struct_sheet.type 
_struct_sheet.number_strands 
_struct_sheet.details 
AA1 ? 4 ? 
AA2 ? 2 ? 
# 
loop_
_struct_sheet_order.sheet_id 
_struct_sheet_order.range_id_1 
_struct_sheet_order.range_id_2 
_struct_sheet_order.offset 
_struct_sheet_order.sense 
AA1 1 2 ? anti-parallel 
AA1 2 3 ? anti-parallel 
AA1 3 4 ? anti-parallel 
AA2 1 2 ? anti-parallel 
# 
loop_
_struct_sheet_range.sheet_id 
_struct_sheet_range.id 
_struct_sheet_range.beg_label_comp_id 
_struct_sheet_range.beg_label_asym_id 
_struct_sheet_range.beg_label_seq_id 
_struct_sheet_range.pdbx_beg_PDB_ins_code 
_struct_sheet_range.end_label_comp_id 
_struct_sheet_range.end_label_asym_id 
_struct_sheet_range.end_label_seq_id 
_struct_sheet_range.pdbx_end_PDB_ins_code 
_struct_sheet_range.beg_auth_comp_id 
_struct_sheet_range.beg_auth_asym_id 
_struct_sheet_range.beg_auth_seq_id 
_struct_sheet_range.end_auth_comp_id 
_struct_sheet_range.end_auth_asym_id 
_struct_sheet_range.end_auth_seq_id 
AA1 1 TYR A 26  ? SER A 34  ? TYR A 542 SER A 550 
AA1 2 ASP A 102 ? ARG A 110 ? ASP A 618 ARG A 626 
AA1 3 GLU A 75  ? VAL A 79  ? GLU A 591 VAL A 595 
AA1 4 ILE A 82  ? ASN A 83  ? ILE A 598 ASN A 599 
AA2 1 ILE A 44  ? THR A 49  ? ILE A 560 THR A 565 
AA2 2 HIS A 52  ? VAL A 58  ? HIS A 568 VAL A 574 
# 
loop_
_pdbx_struct_sheet_hbond.sheet_id 
_pdbx_struct_sheet_hbond.range_id_1 
_pdbx_struct_sheet_hbond.range_id_2 
_pdbx_struct_sheet_hbond.range_1_label_atom_id 
_pdbx_struct_sheet_hbond.range_1_label_comp_id 
_pdbx_struct_sheet_hbond.range_1_label_asym_id 
_pdbx_struct_sheet_hbond.range_1_label_seq_id 
_pdbx_struct_sheet_hbond.range_1_PDB_ins_code 
_pdbx_struct_sheet_hbond.range_1_auth_atom_id 
_pdbx_struct_sheet_hbond.range_1_auth_comp_id 
_pdbx_struct_sheet_hbond.range_1_auth_asym_id 
_pdbx_struct_sheet_hbond.range_1_auth_seq_id 
_pdbx_struct_sheet_hbond.range_2_label_atom_id 
_pdbx_struct_sheet_hbond.range_2_label_comp_id 
_pdbx_struct_sheet_hbond.range_2_label_asym_id 
_pdbx_struct_sheet_hbond.range_2_label_seq_id 
_pdbx_struct_sheet_hbond.range_2_PDB_ins_code 
_pdbx_struct_sheet_hbond.range_2_auth_atom_id 
_pdbx_struct_sheet_hbond.range_2_auth_comp_id 
_pdbx_struct_sheet_hbond.range_2_auth_asym_id 
_pdbx_struct_sheet_hbond.range_2_auth_seq_id 
AA1 1 2 N VAL A 33  ? N VAL A 549 O VAL A 103 ? O VAL A 619 
AA1 2 3 O CYS A 108 ? O CYS A 624 N GLU A 75  ? N GLU A 591 
AA1 3 4 N VAL A 79  ? N VAL A 595 O ILE A 82  ? O ILE A 598 
AA2 1 2 N SER A 45  ? N SER A 561 O ARG A 56  ? O ARG A 572 
# 
_struct_site.id                   AC1 
_struct_site.pdbx_evidence_code   Software 
_struct_site.pdbx_auth_asym_id    A 
_struct_site.pdbx_auth_comp_id    IMD 
_struct_site.pdbx_auth_seq_id     701 
_struct_site.pdbx_auth_ins_code   ? 
_struct_site.pdbx_num_residues    6 
_struct_site.details              'binding site for residue IMD A 701' 
# 
loop_
_struct_site_gen.id 
_struct_site_gen.site_id 
_struct_site_gen.pdbx_num_res 
_struct_site_gen.label_comp_id 
_struct_site_gen.label_asym_id 
_struct_site_gen.label_seq_id 
_struct_site_gen.pdbx_auth_ins_code 
_struct_site_gen.auth_comp_id 
_struct_site_gen.auth_asym_id 
_struct_site_gen.auth_seq_id 
_struct_site_gen.label_atom_id 
_struct_site_gen.label_alt_id 
_struct_site_gen.symmetry 
_struct_site_gen.details 
1 AC1 6 GLY A 68 ? GLY A 584 . ? 1_555 ? 
2 AC1 6 GLY A 68 ? GLY A 584 . ? 2_545 ? 
3 AC1 6 LEU A 70 ? LEU A 586 . ? 2_545 ? 
4 AC1 6 LEU A 70 ? LEU A 586 . ? 1_555 ? 
5 AC1 6 PHE A 71 ? PHE A 587 . ? 2_545 ? 
6 AC1 6 PHE A 71 ? PHE A 587 . ? 1_555 ? 
# 
_atom_sites.entry_id                    4XH7 
_atom_sites.fract_transf_matrix[1][1]   0.01806906 
_atom_sites.fract_transf_matrix[1][2]   0.00522588 
_atom_sites.fract_transf_matrix[1][3]   -0.00534033 
_atom_sites.fract_transf_matrix[2][1]   -0.00150919 
_atom_sites.fract_transf_matrix[2][2]   -0.01071741 
_atom_sites.fract_transf_matrix[2][3]   -0.01559409 
_atom_sites.fract_transf_matrix[3][1]   -0.00385957 
_atom_sites.fract_transf_matrix[3][2]   0.00806344 
_atom_sites.fract_transf_matrix[3][3]   -0.00516826 
_atom_sites.fract_transf_vector[1]      -0.195655 
_atom_sites.fract_transf_vector[2]      -0.334123 
_atom_sites.fract_transf_vector[3]      -0.151114 
# 
loop_
_atom_type.symbol 
C 
N 
O 
S 
# 
loop_
_atom_site.group_PDB 
_atom_site.id 
_atom_site.type_symbol 
_atom_site.label_atom_id 
_atom_site.label_alt_id 
_atom_site.label_comp_id 
_atom_site.label_asym_id 
_atom_site.label_entity_id 
_atom_site.label_seq_id 
_atom_site.pdbx_PDB_ins_code 
_atom_site.Cartn_x 
_atom_site.Cartn_y 
_atom_site.Cartn_z 
_atom_site.occupancy 
_atom_site.B_iso_or_equiv 
_atom_site.pdbx_formal_charge 
_atom_site.auth_seq_id 
_atom_site.auth_comp_id 
_atom_site.auth_asym_id 
_atom_site.auth_atom_id 
_atom_site.pdbx_PDB_model_num 
ATOM   1   N N   . SER A 1 4   ? -5.979  19.735  -7.865  1.00 64.17 ?  520 SER A N   1 
ATOM   2   C CA  . SER A 1 4   ? -5.732  19.652  -6.429  1.00 64.95 ?  520 SER A CA  1 
ATOM   3   C C   . SER A 1 4   ? -6.992  19.260  -5.674  1.00 63.12 ?  520 SER A C   1 
ATOM   4   O O   . SER A 1 4   ? -6.969  18.322  -4.886  1.00 65.82 ?  520 SER A O   1 
ATOM   5   C CB  . SER A 1 4   ? -5.203  20.978  -5.879  1.00 61.23 ?  520 SER A CB  1 
ATOM   6   N N   . ALA A 1 5   ? -8.088  19.980  -5.906  1.00 53.59 ?  521 ALA A N   1 
ATOM   7   C CA  . ALA A 1 5   ? -9.331  19.682  -5.207  1.00 51.37 ?  521 ALA A CA  1 
ATOM   8   C C   . ALA A 1 5   ? -9.804  18.270  -5.528  1.00 61.64 ?  521 ALA A C   1 
ATOM   9   O O   . ALA A 1 5   ? -10.179 17.513  -4.622  1.00 51.81 ?  521 ALA A O   1 
ATOM   10  C CB  . ALA A 1 5   ? -10.406 20.683  -5.561  1.00 51.08 ?  521 ALA A CB  1 
ATOM   11  N N   . GLU A 1 6   ? -9.780  17.925  -6.816  1.00 57.12 ?  522 GLU A N   1 
ATOM   12  C CA  . GLU A 1 6   ? -10.214 16.608  -7.277  1.00 62.39 ?  522 GLU A CA  1 
ATOM   13  C C   . GLU A 1 6   ? -9.333  15.522  -6.661  1.00 49.31 ?  522 GLU A C   1 
ATOM   14  O O   . GLU A 1 6   ? -9.841  14.555  -6.078  1.00 51.21 ?  522 GLU A O   1 
ATOM   15  C CB  . GLU A 1 6   ? -10.177 16.534  -8.808  1.00 54.87 ?  522 GLU A CB  1 
ATOM   16  N N   . ASP A 1 7   ? -8.018  15.704  -6.795  1.00 56.88 ?  523 ASP A N   1 
ATOM   17  C CA  . ASP A 1 7   ? -7.029  14.818  -6.196  1.00 46.48 ?  523 ASP A CA  1 
ATOM   18  C C   . ASP A 1 7   ? -7.231  14.717  -4.684  1.00 47.85 ?  523 ASP A C   1 
ATOM   19  O O   . ASP A 1 7   ? -7.307  13.619  -4.141  1.00 41.50 ?  523 ASP A O   1 
ATOM   20  C CB  . ASP A 1 7   ? -5.610  15.298  -6.510  1.00 44.62 ?  523 ASP A CB  1 
ATOM   21  N N   . VAL A 1 8   ? -7.339  15.853  -3.999  1.00 38.42 ?  524 VAL A N   1 
ATOM   22  C CA  . VAL A 1 8   ? -7.487  15.820  -2.548  1.00 35.18 ?  524 VAL A CA  1 
ATOM   23  C C   . VAL A 1 8   ? -8.746  15.073  -2.104  1.00 32.22 ?  524 VAL A C   1 
ATOM   24  O O   . VAL A 1 8   ? -8.708  14.239  -1.190  1.00 31.77 ?  524 VAL A O   1 
ATOM   25  C CB  . VAL A 1 8   ? -7.510  17.246  -1.944  1.00 40.01 ?  524 VAL A CB  1 
ATOM   26  C CG1 . VAL A 1 8   ? -8.034  17.206  -0.543  1.00 38.87 ?  524 VAL A CG1 1 
ATOM   27  C CG2 . VAL A 1 8   ? -6.112  17.827  -1.944  1.00 41.81 ?  524 VAL A CG2 1 
ATOM   28  N N   . GLN A 1 9   ? -9.876  15.360  -2.726  1.00 30.01 ?  525 GLN A N   1 
ATOM   29  C CA  . GLN A 1 9   ? -11.101 14.686  -2.299  1.00 32.47 ?  525 GLN A CA  1 
ATOM   30  C C   . GLN A 1 9   ? -11.091 13.211  -2.667  1.00 36.75 ?  525 GLN A C   1 
ATOM   31  O O   . GLN A 1 9   ? -11.698 12.407  -1.966  1.00 30.52 ?  525 GLN A O   1 
ATOM   32  C CB  . GLN A 1 9   ? -12.327 15.359  -2.887  1.00 34.58 ?  525 GLN A CB  1 
ATOM   33  C CG  . GLN A 1 9   ? -12.530 16.735  -2.300  1.00 39.35 ?  525 GLN A CG  1 
ATOM   34  C CD  . GLN A 1 9   ? -13.878 17.301  -2.628  1.00 42.73 ?  525 GLN A CD  1 
ATOM   35  O OE1 . GLN A 1 9   ? -14.157 17.654  -3.774  1.00 42.57 ?  525 GLN A OE1 1 
ATOM   36  N NE2 . GLN A 1 9   ? -14.733 17.387  -1.626  1.00 39.25 ?  525 GLN A NE2 1 
ATOM   37  N N   . GLN A 1 10  ? -10.395 12.860  -3.748  1.00 34.02 ?  526 GLN A N   1 
ATOM   38  C CA  . GLN A 1 10  ? -10.280 11.450  -4.112  1.00 38.47 ?  526 GLN A CA  1 
ATOM   39  C C   . GLN A 1 10  ? -9.432  10.717  -3.073  1.00 29.32 ?  526 GLN A C   1 
ATOM   40  O O   . GLN A 1 10  ? -9.811  9.619   -2.635  1.00 34.57 ?  526 GLN A O   1 
ATOM   41  C CB  . GLN A 1 10  ? -9.701  11.276  -5.520  1.00 36.91 ?  526 GLN A CB  1 
ATOM   42  N N   . GLU A 1 11  ? -8.315  11.317  -2.653  1.00 33.93 ?  527 GLU A N   1 
ATOM   43  C CA  . GLU A 1 11  ? -7.474  10.703  -1.628  1.00 29.34 ?  527 GLU A CA  1 
ATOM   44  C C   . GLU A 1 11  ? -8.230  10.640  -0.300  1.00 32.46 ?  527 GLU A C   1 
ATOM   45  O O   . GLU A 1 11  ? -8.162  9.651   0.417   1.00 28.65 ?  527 GLU A O   1 
ATOM   46  C CB  . GLU A 1 11  ? -6.168  11.458  -1.460  1.00 29.46 ?  527 GLU A CB  1 
ATOM   47  C CG  . GLU A 1 11  ? -5.283  10.898  -0.362  1.00 33.04 ?  527 GLU A CG  1 
ATOM   48  C CD  . GLU A 1 11  ? -3.846  11.385  -0.493  1.00 54.05 ?  527 GLU A CD  1 
ATOM   49  O OE1 . GLU A 1 11  ? -3.492  11.867  -1.591  1.00 53.51 ?  527 GLU A OE1 1 
ATOM   50  O OE2 . GLU A 1 11  ? -3.074  11.291  0.493   1.00 50.71 -1 527 GLU A OE2 1 
ATOM   51  N N   . ALA A 1 12  ? -8.958  11.700  0.037   1.00 27.17 ?  528 ALA A N   1 
ATOM   52  C CA  . ALA A 1 12  ? -9.756  11.672  1.252   1.00 28.14 ?  528 ALA A CA  1 
ATOM   53  C C   . ALA A 1 12  ? -10.804 10.575  1.266   1.00 30.88 ?  528 ALA A C   1 
ATOM   54  O O   . ALA A 1 12  ? -11.068 9.998   2.308   1.00 30.16 ?  528 ALA A O   1 
ATOM   55  C CB  . ALA A 1 12  ? -10.439 13.005  1.473   1.00 34.51 ?  528 ALA A CB  1 
ATOM   56  N N   . ALA A 1 13  ? -11.424 10.308  0.122   1.00 27.52 ?  529 ALA A N   1 
ATOM   57  C CA  . ALA A 1 13  ? -12.431 9.268   0.032   1.00 35.34 ?  529 ALA A CA  1 
ATOM   58  C C   . ALA A 1 13  ? -11.797 7.891   0.249   1.00 29.08 ?  529 ALA A C   1 
ATOM   59  O O   . ALA A 1 13  ? -12.379 7.051   0.928   1.00 30.70 ?  529 ALA A O   1 
ATOM   60  C CB  . ALA A 1 13  ? -13.132 9.336   -1.309  1.00 39.62 ?  529 ALA A CB  1 
ATOM   61  N N   . LEU A 1 14  ? -10.603 7.686   -0.303  1.00 29.64 ?  530 LEU A N   1 
ATOM   62  C CA  . LEU A 1 14  ? -9.852  6.445   -0.092  1.00 24.84 ?  530 LEU A CA  1 
ATOM   63  C C   . LEU A 1 14  ? -9.536  6.225   1.382   1.00 25.47 ?  530 LEU A C   1 
ATOM   64  O O   . LEU A 1 14  ? -9.766  5.132   1.917   1.00 27.19 ?  530 LEU A O   1 
ATOM   65  C CB  . LEU A 1 14  ? -8.557  6.449   -0.896  1.00 27.80 ?  530 LEU A CB  1 
ATOM   66  C CG  . LEU A 1 14  ? -8.471  5.613   -2.148  1.00 36.85 ?  530 LEU A CG  1 
ATOM   67  C CD1 . LEU A 1 14  ? -7.005  5.546   -2.525  1.00 39.63 ?  530 LEU A CD1 1 
ATOM   68  C CD2 . LEU A 1 14  ? -9.083  4.229   -1.935  1.00 34.59 ?  530 LEU A CD2 1 
ATOM   69  N N   . LEU A 1 15  ? -8.976  7.248   2.035   1.00 27.37 ?  531 LEU A N   1 
ATOM   70  C CA  . LEU A 1 15  ? -8.759  7.211   3.471   1.00 25.66 ?  531 LEU A CA  1 
ATOM   71  C C   . LEU A 1 15  ? -10.044 6.853   4.216   1.00 25.67 ?  531 LEU A C   1 
ATOM   72  O O   . LEU A 1 15  ? -10.064 6.015   5.126   1.00 25.66 ?  531 LEU A O   1 
ATOM   73  C CB  . LEU A 1 15  ? -8.258  8.569   3.961   1.00 25.11 ?  531 LEU A CB  1 
ATOM   74  C CG  . LEU A 1 15  ? -6.877  8.881   3.433   1.00 25.29 ?  531 LEU A CG  1 
ATOM   75  C CD1 . LEU A 1 15  ? -6.539  10.358  3.666   1.00 29.05 ?  531 LEU A CD1 1 
ATOM   76  C CD2 . LEU A 1 15  ? -5.865  7.959   4.132   1.00 26.85 ?  531 LEU A CD2 1 
ATOM   77  N N   . THR A 1 16  ? -11.128 7.524   3.846   1.00 23.73 ?  532 THR A N   1 
ATOM   78  C CA  . THR A 1 16  ? -12.364 7.361   4.556   1.00 24.49 ?  532 THR A CA  1 
ATOM   79  C C   . THR A 1 16  ? -12.907 5.949   4.397   1.00 25.13 ?  532 THR A C   1 
ATOM   80  O O   . THR A 1 16  ? -13.377 5.363   5.361   1.00 26.68 ?  532 THR A O   1 
ATOM   81  C CB  . THR A 1 16  ? -13.405 8.402   4.069   1.00 31.46 ?  532 THR A CB  1 
ATOM   82  O OG1 . THR A 1 16  ? -13.026 9.692   4.558   1.00 36.19 ?  532 THR A OG1 1 
ATOM   83  C CG2 . THR A 1 16  ? -14.744 8.091   4.604   1.00 32.95 ?  532 THR A CG2 1 
ATOM   84  N N   . LYS A 1 17  ? -12.816 5.413   3.182   1.00 26.37 ?  533 LYS A N   1 
ATOM   85  C CA  . LYS A 1 17  ? -13.239 4.052   2.901   1.00 26.08 ?  533 LYS A CA  1 
ATOM   86  C C   . LYS A 1 17  ? -12.551 3.058   3.821   1.00 23.20 ?  533 LYS A C   1 
ATOM   87  O O   . LYS A 1 17  ? -13.181 2.181   4.419   1.00 23.47 ?  533 LYS A O   1 
ATOM   88  C CB  . LYS A 1 17  ? -12.933 3.704   1.436   1.00 25.38 ?  533 LYS A CB  1 
ATOM   89  C CG  . LYS A 1 17  ? -13.229 2.237   1.059   1.00 31.35 ?  533 LYS A CG  1 
ATOM   90  C CD  . LYS A 1 17  ? -12.680 1.948   -0.351  1.00 34.45 ?  533 LYS A CD  1 
ATOM   91  C CE  . LYS A 1 17  ? -12.705 0.465   -0.675  1.00 38.87 ?  533 LYS A CE  1 
ATOM   92  N NZ  . LYS A 1 17  ? -12.182 0.231   -2.046  1.00 41.35 ?  533 LYS A NZ  1 
ATOM   93  N N   . TRP A 1 18  ? -11.237 3.190   3.917   1.00 21.37 ?  534 TRP A N   1 
ATOM   94  C CA  . TRP A 1 18  ? -10.470 2.205   4.659   1.00 19.72 ?  534 TRP A CA  1 
ATOM   95  C C   . TRP A 1 18  ? -10.517 2.467   6.151   1.00 21.18 ?  534 TRP A C   1 
ATOM   96  O O   . TRP A 1 18  ? -10.335 1.527   6.943   1.00 20.03 ?  534 TRP A O   1 
ATOM   97  C CB  . TRP A 1 18  ? -9.015  2.134   4.125   1.00 17.16 ?  534 TRP A CB  1 
ATOM   98  C CG  . TRP A 1 18  ? -9.022  1.329   2.898   1.00 18.88 ?  534 TRP A CG  1 
ATOM   99  C CD1 . TRP A 1 18  ? -9.050  1.786   1.607   1.00 19.61 ?  534 TRP A CD1 1 
ATOM   100 C CD2 . TRP A 1 18  ? -9.113  -0.093  2.828   1.00 21.30 ?  534 TRP A CD2 1 
ATOM   101 N NE1 . TRP A 1 18  ? -9.112  0.717   0.728   1.00 21.67 ?  534 TRP A NE1 1 
ATOM   102 C CE2 . TRP A 1 18  ? -9.148  -0.444  1.455   1.00 21.72 ?  534 TRP A CE2 1 
ATOM   103 C CE3 . TRP A 1 18  ? -9.124  -1.110  3.794   1.00 19.99 ?  534 TRP A CE3 1 
ATOM   104 C CZ2 . TRP A 1 18  ? -9.187  -1.776  1.015   1.00 20.70 ?  534 TRP A CZ2 1 
ATOM   105 C CZ3 . TRP A 1 18  ? -9.186  -2.444  3.349   1.00 20.92 ?  534 TRP A CZ3 1 
ATOM   106 C CH2 . TRP A 1 18  ? -9.213  -2.751  1.979   1.00 21.08 ?  534 TRP A CH2 1 
ATOM   107 N N   . GLN A 1 19  ? -10.765 3.716   6.558   1.00 21.59 ?  535 GLN A N   1 
ATOM   108 C CA  . GLN A 1 19  ? -11.038 3.943   7.980   1.00 26.08 ?  535 GLN A CA  1 
ATOM   109 C C   . GLN A 1 19  ? -12.318 3.222   8.408   1.00 27.98 ?  535 GLN A C   1 
ATOM   110 O O   . GLN A 1 19  ? -12.379 2.613   9.491   1.00 22.35 ?  535 GLN A O   1 
ATOM   111 C CB  . GLN A 1 19  ? -11.120 5.452   8.284   1.00 23.48 ?  535 GLN A CB  1 
ATOM   112 C CG  . GLN A 1 19  ? -9.750  6.121   8.257   1.00 28.01 ?  535 GLN A CG  1 
ATOM   113 C CD  . GLN A 1 19  ? -9.840  7.610   8.077   1.00 34.24 ?  535 GLN A CD  1 
ATOM   114 O OE1 . GLN A 1 19  ? -10.928 8.154   7.867   1.00 35.45 ?  535 GLN A OE1 1 
ATOM   115 N NE2 . GLN A 1 19  ? -8.702  8.284   8.165   1.00 30.50 ?  535 GLN A NE2 1 
ATOM   116 N N   . ARG A 1 20  ? -13.353 3.246   7.563   1.00 21.19 ?  536 ARG A N   1 
ATOM   117 C CA  . ARG A 1 20  ? -14.604 2.590   7.885   1.00 23.53 ?  536 ARG A CA  1 
ATOM   118 C C   . ARG A 1 20  ? -14.419 1.058   7.877   1.00 24.74 ?  536 ARG A C   1 
ATOM   119 O O   . ARG A 1 20  ? -15.092 0.343   8.593   1.00 23.60 ?  536 ARG A O   1 
ATOM   120 C CB  . ARG A 1 20  ? -15.695 3.029   6.892   1.00 26.98 ?  536 ARG A CB  1 
ATOM   121 C CG  . ARG A 1 20  ? -17.063 2.430   7.137   1.00 38.10 ?  536 ARG A CG  1 
ATOM   122 N N   . ILE A 1 21  ? -13.463 0.547   7.094   1.00 22.19 ?  537 ILE A N   1 
ATOM   123 C CA  . ILE A 1 21  ? -13.205 -0.877  7.093   1.00 19.43 ?  537 ILE A CA  1 
ATOM   124 C C   . ILE A 1 21  ? -12.363 -1.320  8.308   1.00 21.78 ?  537 ILE A C   1 
ATOM   125 O O   . ILE A 1 21  ? -12.702 -2.300  8.981   1.00 19.67 ?  537 ILE A O   1 
ATOM   126 C CB  . ILE A 1 21  ? -12.497 -1.293  5.766   1.00 18.54 ?  537 ILE A CB  1 
ATOM   127 C CG1 . ILE A 1 21  ? -13.492 -1.159  4.596   1.00 19.98 ?  537 ILE A CG1 1 
ATOM   128 C CG2 . ILE A 1 21  ? -11.971 -2.735  5.873   1.00 19.81 ?  537 ILE A CG2 1 
ATOM   129 C CD1 . ILE A 1 21  ? -12.776 -1.292  3.221   1.00 22.94 ?  537 ILE A CD1 1 
ATOM   130 N N   . MET A 1 22  ? -11.275 -0.602  8.613   1.00 19.46 ?  538 MET A N   1 
ATOM   131 C CA  . MET A 1 22  ? -10.360 -1.052  9.658   1.00 20.06 ?  538 MET A CA  1 
ATOM   132 C C   . MET A 1 22  ? -10.754 -0.639  11.075  1.00 19.07 ?  538 MET A C   1 
ATOM   133 O O   . MET A 1 22  ? -10.426 -1.342  12.031  1.00 21.86 ?  538 MET A O   1 
ATOM   134 C CB  . MET A 1 22  ? -8.934  -0.542  9.378   1.00 21.37 ?  538 MET A CB  1 
ATOM   135 C CG  . MET A 1 22  ? -8.391  -0.985  8.011   1.00 21.28 ?  538 MET A CG  1 
ATOM   136 S SD  . MET A 1 22  ? -8.409  -2.775  7.758   1.00 23.16 ?  538 MET A SD  1 
ATOM   137 C CE  . MET A 1 22  ? -7.160  -3.251  8.953   1.00 23.00 ?  538 MET A CE  1 
ATOM   138 N N   . GLY A 1 23  ? -11.438 0.494   11.208  1.00 19.86 ?  539 GLY A N   1 
ATOM   139 C CA  . GLY A 1 23  ? -11.769 1.021   12.531  1.00 18.67 ?  539 GLY A CA  1 
ATOM   140 C C   . GLY A 1 23  ? -10.621 1.783   13.180  1.00 21.13 ?  539 GLY A C   1 
ATOM   141 O O   . GLY A 1 23  ? -9.515  1.949   12.619  1.00 20.46 ?  539 GLY A O   1 
ATOM   142 N N   . ILE A 1 24  ? -10.889 2.220   14.397  1.00 20.32 ?  540 ILE A N   1 
ATOM   143 C CA  . ILE A 1 24  ? -10.101 3.275   15.054  1.00 22.29 ?  540 ILE A CA  1 
ATOM   144 C C   . ILE A 1 24  ? -8.688  2.823   15.463  1.00 22.51 ?  540 ILE A C   1 
ATOM   145 O O   . ILE A 1 24  ? -7.807  3.661   15.719  1.00 23.28 ?  540 ILE A O   1 
ATOM   146 C CB  . ILE A 1 24  ? -10.881 3.799   16.299  1.00 24.98 ?  540 ILE A CB  1 
ATOM   147 C CG1 . ILE A 1 24  ? -10.343 5.162   16.724  1.00 31.41 ?  540 ILE A CG1 1 
ATOM   148 C CG2 . ILE A 1 24  ? -10.814 2.806   17.434  1.00 28.87 ?  540 ILE A CG2 1 
ATOM   149 C CD1 . ILE A 1 24  ? -10.515 6.213   15.651  1.00 40.42 ?  540 ILE A CD1 1 
ATOM   150 N N   . ASN A 1 25  ? -8.446  1.520   15.505  1.00 22.19 ?  541 ASN A N   1 
ATOM   151 C CA  . ASN A 1 25  ? -7.144  1.046   15.955  1.00 26.60 ?  541 ASN A CA  1 
ATOM   152 C C   . ASN A 1 25  ? -6.058  1.132   14.895  1.00 24.40 ?  541 ASN A C   1 
ATOM   153 O O   . ASN A 1 25  ? -4.911  0.736   15.155  1.00 22.57 ?  541 ASN A O   1 
ATOM   154 C CB  . ASN A 1 25  ? -7.235  -0.387  16.437  1.00 30.77 ?  541 ASN A CB  1 
ATOM   155 C CG  . ASN A 1 25  ? -8.013  -0.493  17.734  1.00 36.03 ?  541 ASN A CG  1 
ATOM   156 O OD1 . ASN A 1 25  ? -7.902  0.378   18.597  1.00 39.75 ?  541 ASN A OD1 1 
ATOM   157 N ND2 . ASN A 1 25  ? -8.806  -1.539  17.869  1.00 38.49 ?  541 ASN A ND2 1 
ATOM   158 N N   . TYR A 1 26  ? -6.407  1.654   13.726  1.00 21.28 ?  542 TYR A N   1 
ATOM   159 C CA  . TYR A 1 26  ? -5.445  1.702   12.608  1.00 18.99 ?  542 TYR A CA  1 
ATOM   160 C C   . TYR A 1 26  ? -5.337  3.103   12.046  1.00 23.39 ?  542 TYR A C   1 
ATOM   161 O O   . TYR A 1 26  ? -6.337  3.821   11.943  1.00 24.22 ?  542 TYR A O   1 
ATOM   162 C CB  . TYR A 1 26  ? -5.863  0.766   11.500  1.00 18.48 ?  542 TYR A CB  1 
ATOM   163 C CG  . TYR A 1 26  ? -5.917  -0.668  11.911  1.00 20.68 ?  542 TYR A CG  1 
ATOM   164 C CD1 . TYR A 1 26  ? -7.041  -1.178  12.545  1.00 19.98 ?  542 TYR A CD1 1 
ATOM   165 C CD2 . TYR A 1 26  ? -4.831  -1.498  11.701  1.00 24.26 ?  542 TYR A CD2 1 
ATOM   166 C CE1 . TYR A 1 26  ? -7.063  -2.519  12.942  1.00 29.12 ?  542 TYR A CE1 1 
ATOM   167 C CE2 . TYR A 1 26  ? -4.845  -2.807  12.086  1.00 28.11 ?  542 TYR A CE2 1 
ATOM   168 C CZ  . TYR A 1 26  ? -5.959  -3.314  12.707  1.00 33.75 ?  542 TYR A CZ  1 
ATOM   169 O OH  . TYR A 1 26  ? -5.947  -4.630  13.074  1.00 45.70 ?  542 TYR A OH  1 
ATOM   170 N N   . GLU A 1 27  ? -4.113  3.478   11.669  1.00 18.83 ?  543 GLU A N   1 
ATOM   171 C CA  . GLU A 1 27  ? -3.859  4.672   10.883  1.00 20.44 ?  543 GLU A CA  1 
ATOM   172 C C   . GLU A 1 27  ? -3.779  4.256   9.416   1.00 22.33 ?  543 GLU A C   1 
ATOM   173 O O   . GLU A 1 27  ? -3.025  3.352   9.089   1.00 21.40 ?  543 GLU A O   1 
ATOM   174 C CB  . GLU A 1 27  ? -2.545  5.344   11.296  1.00 21.45 ?  543 GLU A CB  1 
ATOM   175 C CG  . GLU A 1 27  ? -2.254  6.547   10.453  1.00 28.45 ?  543 GLU A CG  1 
ATOM   176 C CD  . GLU A 1 27  ? -0.888  7.172   10.697  1.00 49.84 ?  543 GLU A CD  1 
ATOM   177 O OE1 . GLU A 1 27  ? -0.037  6.569   11.396  1.00 40.01 ?  543 GLU A OE1 1 
ATOM   178 O OE2 . GLU A 1 27  ? -0.673  8.288   10.178  1.00 61.99 -1 543 GLU A OE2 1 
ATOM   179 N N   . ILE A 1 28  ? -4.568  4.898   8.562   1.00 21.79 ?  544 ILE A N   1 
ATOM   180 C CA  . ILE A 1 28  ? -4.538  4.597   7.122   1.00 20.76 ?  544 ILE A CA  1 
ATOM   181 C C   . ILE A 1 28  ? -3.602  5.558   6.418   1.00 21.85 ?  544 ILE A C   1 
ATOM   182 O O   . ILE A 1 28  ? -3.558  6.740   6.776   1.00 21.96 ?  544 ILE A O   1 
ATOM   183 C CB  . ILE A 1 28  ? -5.952  4.725   6.476   1.00 18.26 ?  544 ILE A CB  1 
ATOM   184 C CG1 . ILE A 1 28  ? -7.012  4.001   7.320   1.00 18.62 ?  544 ILE A CG1 1 
ATOM   185 C CG2 . ILE A 1 28  ? -5.934  4.235   5.002   1.00 18.55 ?  544 ILE A CG2 1 
ATOM   186 C CD1 . ILE A 1 28  ? -6.732  2.461   7.500   1.00 18.99 ?  544 ILE A CD1 1 
ATOM   187 N N   . VAL A 1 29  ? -2.838  5.055   5.437   1.00 18.82 ?  545 VAL A N   1 
ATOM   188 C CA  . VAL A 1 29  ? -1.890  5.853   4.700   1.00 22.04 ?  545 VAL A CA  1 
ATOM   189 C C   . VAL A 1 29  ? -2.103  5.621   3.221   1.00 25.13 ?  545 VAL A C   1 
ATOM   190 O O   . VAL A 1 29  ? -2.262  4.480   2.790   1.00 22.78 ?  545 VAL A O   1 
ATOM   191 C CB  . VAL A 1 29  ? -0.443  5.472   5.066   1.00 22.54 ?  545 VAL A CB  1 
ATOM   192 C CG1 . VAL A 1 29  ? 0.525   6.333   4.275   1.00 27.84 ?  545 VAL A CG1 1 
ATOM   193 C CG2 . VAL A 1 29  ? -0.243  5.608   6.579   1.00 29.96 ?  545 VAL A CG2 1 
ATOM   194 N N   . VAL A 1 30  ? -2.126  6.697   2.440   1.00 19.91 ?  546 VAL A N   1 
ATOM   195 C CA  . VAL A 1 30  ? -2.150  6.567   0.980   1.00 21.60 ?  546 VAL A CA  1 
ATOM   196 C C   . VAL A 1 30  ? -0.813  7.003   0.402   1.00 24.90 ?  546 VAL A C   1 
ATOM   197 O O   . VAL A 1 30  ? -0.315  8.086   0.732   1.00 25.32 ?  546 VAL A O   1 
ATOM   198 C CB  . VAL A 1 30  ? -3.309  7.391   0.363   1.00 24.25 ?  546 VAL A CB  1 
ATOM   199 C CG1 . VAL A 1 30  ? -3.271  7.355   -1.172  1.00 26.51 ?  546 VAL A CG1 1 
ATOM   200 C CG2 . VAL A 1 30  ? -4.624  6.801   0.820   1.00 23.13 ?  546 VAL A CG2 1 
ATOM   201 N N   . ALA A 1 31  ? -0.212  6.168   -0.449  1.00 21.76 ?  547 ALA A N   1 
ATOM   202 C CA  . ALA A 1 31  ? 1.061   6.546   -1.078  1.00 21.78 ?  547 ALA A CA  1 
ATOM   203 C C   . ALA A 1 31  ? 0.916   6.548   -2.586  1.00 24.67 ?  547 ALA A C   1 
ATOM   204 O O   . ALA A 1 31  ? 0.371   5.616   -3.152  1.00 26.49 ?  547 ALA A O   1 
ATOM   205 C CB  . ALA A 1 31  ? 2.173   5.597   -0.666  1.00 24.22 ?  547 ALA A CB  1 
ATOM   206 N N   . HIS A 1 32  ? 1.413   7.600   -3.235  1.00 24.98 ?  548 HIS A N   1 
ATOM   207 C CA  . HIS A 1 32  ? 1.448   7.613   -4.693  1.00 27.23 ?  548 HIS A CA  1 
ATOM   208 C C   . HIS A 1 32  ? 2.859   7.274   -5.115  1.00 24.90 ?  548 HIS A C   1 
ATOM   209 O O   . HIS A 1 32  ? 3.831   7.986   -4.777  1.00 27.62 ?  548 HIS A O   1 
ATOM   210 C CB  . HIS A 1 32  ? 0.995   8.971   -5.226  1.00 26.59 ?  548 HIS A CB  1 
ATOM   211 C CG  . HIS A 1 32  ? -0.402  9.305   -4.829  1.00 30.69 ?  548 HIS A CG  1 
ATOM   212 N ND1 . HIS A 1 32  ? -0.692  10.140  -3.773  1.00 41.06 ?  548 HIS A ND1 1 
ATOM   213 C CD2 . HIS A 1 32  ? -1.591  8.876   -5.310  1.00 41.24 ?  548 HIS A CD2 1 
ATOM   214 C CE1 . HIS A 1 32  ? -2.003  10.227  -3.630  1.00 37.54 ?  548 HIS A CE1 1 
ATOM   215 N NE2 . HIS A 1 32  ? -2.573  9.463   -4.546  1.00 39.43 ?  548 HIS A NE2 1 
ATOM   216 N N   . VAL A 1 33  ? 2.981   6.158   -5.814  1.00 23.22 ?  549 VAL A N   1 
ATOM   217 C CA  . VAL A 1 33  ? 4.282   5.601   -6.132  1.00 22.51 ?  549 VAL A CA  1 
ATOM   218 C C   . VAL A 1 33  ? 4.427   5.580   -7.645  1.00 24.50 ?  549 VAL A C   1 
ATOM   219 O O   . VAL A 1 33  ? 3.452   5.331   -8.350  1.00 28.22 ?  549 VAL A O   1 
ATOM   220 C CB  . VAL A 1 33  ? 4.402   4.163   -5.551  1.00 23.64 ?  549 VAL A CB  1 
ATOM   221 C CG1 . VAL A 1 33  ? 5.701   3.474   -5.973  1.00 22.90 ?  549 VAL A CG1 1 
ATOM   222 C CG2 . VAL A 1 33  ? 4.345   4.216   -4.031  1.00 23.81 ?  549 VAL A CG2 1 
ATOM   223 N N   . SER A 1 34  ? 5.629   5.860   -8.139  1.00 24.35 ?  550 SER A N   1 
ATOM   224 C CA  . SER A 1 34  ? 5.926   5.682   -9.559  1.00 26.98 ?  550 SER A CA  1 
ATOM   225 C C   . SER A 1 34  ? 7.086   4.731   -9.734  1.00 25.93 ?  550 SER A C   1 
ATOM   226 O O   . SER A 1 34  ? 8.185   4.980   -9.222  1.00 26.69 ?  550 SER A O   1 
ATOM   227 C CB  . SER A 1 34  ? 6.252   7.026   -10.211 1.00 34.42 ?  550 SER A CB  1 
ATOM   228 O OG  . SER A 1 34  ? 5.077   7.818   -10.244 1.00 40.01 ?  550 SER A OG  1 
ATOM   229 N N   . LYS A 1 35  ? 6.822   3.616   -10.400 1.00 29.20 ?  551 LYS A N   1 
ATOM   230 C CA  . LYS A 1 35  ? 7.877   2.655   -10.664 1.00 30.09 ?  551 LYS A CA  1 
ATOM   231 C C   . LYS A 1 35  ? 8.857   3.258   -11.665 1.00 33.41 ?  551 LYS A C   1 
ATOM   232 O O   . LYS A 1 35  ? 8.501   4.159   -12.417 1.00 33.19 ?  551 LYS A O   1 
ATOM   233 C CB  . LYS A 1 35  ? 7.294   1.348   -11.174 1.00 30.51 ?  551 LYS A CB  1 
ATOM   234 C CG  . LYS A 1 35  ? 6.674   0.523   -10.067 1.00 32.51 ?  551 LYS A CG  1 
ATOM   235 C CD  . LYS A 1 35  ? 5.578   -0.396  -10.564 1.00 43.22 ?  551 LYS A CD  1 
ATOM   236 C CE  . LYS A 1 35  ? 6.058   -1.287  -11.661 1.00 45.86 ?  551 LYS A CE  1 
ATOM   237 N NZ  . LYS A 1 35  ? 5.054   -2.309  -11.988 1.00 44.99 ?  551 LYS A NZ  1 
ATOM   238 N N   . PHE A 1 36  ? 10.094  2.778   -11.647 1.00 28.50 ?  552 PHE A N   1 
ATOM   239 C CA  . PHE A 1 36  ? 11.156  3.369   -12.461 1.00 32.11 ?  552 PHE A CA  1 
ATOM   240 C C   . PHE A 1 36  ? 11.076  2.871   -13.919 1.00 37.15 ?  552 PHE A C   1 
ATOM   241 O O   . PHE A 1 36  ? 11.626  3.498   -14.833 1.00 40.46 ?  552 PHE A O   1 
ATOM   242 C CB  . PHE A 1 36  ? 12.522  3.034   -11.862 1.00 32.45 ?  552 PHE A CB  1 
ATOM   243 C CG  . PHE A 1 36  ? 12.752  3.603   -10.471 1.00 30.23 ?  552 PHE A CG  1 
ATOM   244 C CD1 . PHE A 1 36  ? 11.985  4.654   -9.979  1.00 31.29 ?  552 PHE A CD1 1 
ATOM   245 C CD2 . PHE A 1 36  ? 13.742  3.072   -9.663  1.00 33.37 ?  552 PHE A CD2 1 
ATOM   246 C CE1 . PHE A 1 36  ? 12.212  5.166   -8.697  1.00 28.65 ?  552 PHE A CE1 1 
ATOM   247 C CE2 . PHE A 1 36  ? 13.987  3.565   -8.404  1.00 27.86 ?  552 PHE A CE2 1 
ATOM   248 C CZ  . PHE A 1 36  ? 13.217  4.627   -7.909  1.00 27.80 ?  552 PHE A CZ  1 
ATOM   249 N N   . SER A 1 37  ? 10.409  1.738   -14.115 1.00 36.63 ?  553 SER A N   1 
ATOM   250 C CA  . SER A 1 37  ? 10.194  1.146   -15.437 1.00 39.92 ?  553 SER A CA  1 
ATOM   251 C C   . SER A 1 37  ? 9.047   0.134   -15.390 1.00 56.45 ?  553 SER A C   1 
ATOM   252 O O   . SER A 1 37  ? 8.687   -0.355  -14.316 1.00 45.14 ?  553 SER A O   1 
ATOM   253 C CB  . SER A 1 37  ? 11.471  0.470   -15.926 1.00 46.57 ?  553 SER A CB  1 
ATOM   254 O OG  . SER A 1 37  ? 11.546  -0.841  -15.391 1.00 47.55 ?  553 SER A OG  1 
ATOM   255 N N   . GLU A 1 38  ? 8.457   -0.171  -16.542 1.00 56.39 ?  554 GLU A N   1 
ATOM   256 C CA  . GLU A 1 38  ? 7.325   -1.101  -16.580 1.00 58.35 ?  554 GLU A CA  1 
ATOM   257 C C   . GLU A 1 38  ? 7.737   -2.491  -16.074 1.00 53.26 ?  554 GLU A C   1 
ATOM   258 O O   . GLU A 1 38  ? 6.949   -3.203  -15.438 1.00 62.77 ?  554 GLU A O   1 
ATOM   259 C CB  . GLU A 1 38  ? 6.755   -1.189  -18.003 1.00 53.16 ?  554 GLU A CB  1 
ATOM   260 N N   . ASN A 1 39  ? 8.994   -2.841  -16.334 1.00 63.49 ?  555 ASN A N   1 
ATOM   261 C CA  . ASN A 1 39  ? 9.520   -4.169  -16.042 1.00 65.54 ?  555 ASN A CA  1 
ATOM   262 C C   . ASN A 1 39  ? 10.204  -4.290  -14.680 1.00 67.08 ?  555 ASN A C   1 
ATOM   263 O O   . ASN A 1 39  ? 10.885  -5.280  -14.414 1.00 70.80 ?  555 ASN A O   1 
ATOM   264 C CB  . ASN A 1 39  ? 10.510  -4.585  -17.142 1.00 63.14 ?  555 ASN A CB  1 
ATOM   265 N N   . SER A 1 40  ? 10.037  -3.294  -13.818 1.00 57.66 ?  556 SER A N   1 
ATOM   266 C CA  . SER A 1 40  ? 10.652  -3.364  -12.493 1.00 44.64 ?  556 SER A CA  1 
ATOM   267 C C   . SER A 1 40  ? 9.599   -3.263  -11.398 1.00 49.36 ?  556 SER A C   1 
ATOM   268 O O   . SER A 1 40  ? 8.398   -3.167  -11.684 1.00 43.48 ?  556 SER A O   1 
ATOM   269 C CB  . SER A 1 40  ? 11.702  -2.282  -12.328 1.00 39.92 ?  556 SER A CB  1 
ATOM   270 O OG  . SER A 1 40  ? 11.177  -1.020  -12.694 1.00 45.44 ?  556 SER A OG  1 
ATOM   271 N N   . GLY A 1 41  ? 10.042  -3.300  -10.145 1.00 33.92 ?  557 GLY A N   1 
ATOM   272 C CA  . GLY A 1 41  ? 9.103   -3.475  -9.065  1.00 32.03 ?  557 GLY A CA  1 
ATOM   273 C C   . GLY A 1 41  ? 8.970   -2.253  -8.173  1.00 28.66 ?  557 GLY A C   1 
ATOM   274 O O   . GLY A 1 41  ? 9.333   -1.145  -8.524  1.00 30.26 ?  557 GLY A O   1 
ATOM   275 N N   . LEU A 1 42  ? 8.439   -2.498  -6.991  1.00 25.28 ?  558 LEU A N   1 
ATOM   276 C CA  . LEU A 1 42  ? 8.151   -1.441  -6.040  1.00 21.33 ?  558 LEU A CA  1 
ATOM   277 C C   . LEU A 1 42  ? 9.267   -1.105  -5.061  1.00 24.73 ?  558 LEU A C   1 
ATOM   278 O O   . LEU A 1 42  ? 9.152   -0.112  -4.329  1.00 22.57 ?  558 LEU A O   1 
ATOM   279 C CB  . LEU A 1 42  ? 6.910   -1.839  -5.223  1.00 22.36 ?  558 LEU A CB  1 
ATOM   280 C CG  . LEU A 1 42  ? 5.633   -2.009  -6.053  1.00 27.91 ?  558 LEU A CG  1 
ATOM   281 C CD1 . LEU A 1 42  ? 4.511   -2.708  -5.224  1.00 24.86 ?  558 LEU A CD1 1 
ATOM   282 C CD2 . LEU A 1 42  ? 5.157   -0.649  -6.564  1.00 26.97 ?  558 LEU A CD2 1 
ATOM   283 N N   . GLY A 1 43  ? 10.319  -1.916  -4.989  1.00 23.88 ?  559 GLY A N   1 
ATOM   284 C CA  . GLY A 1 43  ? 11.350  -1.643  -3.997  1.00 23.17 ?  559 GLY A CA  1 
ATOM   285 C C   . GLY A 1 43  ? 11.012  -2.003  -2.556  1.00 22.34 ?  559 GLY A C   1 
ATOM   286 O O   . GLY A 1 43  ? 11.491  -1.339  -1.621  1.00 21.52 ?  559 GLY A O   1 
ATOM   287 N N   . ILE A 1 44  ? 10.189  -3.040  -2.363  1.00 22.27 ?  560 ILE A N   1 
ATOM   288 C CA  . ILE A 1 44  ? 9.844   -3.503  -1.013  1.00 19.61 ?  560 ILE A CA  1 
ATOM   289 C C   . ILE A 1 44  ? 9.997   -5.022  -0.933  1.00 24.01 ?  560 ILE A C   1 
ATOM   290 O O   . ILE A 1 44  ? 9.869   -5.717  -1.943  1.00 28.10 ?  560 ILE A O   1 
ATOM   291 C CB  . ILE A 1 44  ? 8.408   -3.171  -0.618  1.00 18.91 ?  560 ILE A CB  1 
ATOM   292 C CG1 . ILE A 1 44  ? 7.417   -3.749  -1.646  1.00 20.18 ?  560 ILE A CG1 1 
ATOM   293 C CG2 . ILE A 1 44  ? 8.257   -1.648  -0.465  1.00 25.11 ?  560 ILE A CG2 1 
ATOM   294 C CD1 . ILE A 1 44  ? 5.953   -3.475  -1.257  1.00 24.85 ?  560 ILE A CD1 1 
ATOM   295 N N   . SER A 1 45  ? 10.294  -5.533  0.256   1.00 22.88 ?  561 SER A N   1 
ATOM   296 C CA  . SER A 1 45  ? 10.115  -6.968  0.466   1.00 22.50 ?  561 SER A CA  1 
ATOM   297 C C   . SER A 1 45  ? 8.898   -7.146  1.326   1.00 21.24 ?  561 SER A C   1 
ATOM   298 O O   . SER A 1 45  ? 8.525   -6.240  2.091   1.00 22.96 ?  561 SER A O   1 
ATOM   299 C CB  . SER A 1 45  ? 11.315  -7.611  1.134   1.00 26.19 ?  561 SER A CB  1 
ATOM   300 O OG  . SER A 1 45  ? 11.551  -7.052  2.397   1.00 27.24 ?  561 SER A OG  1 
ATOM   301 N N   . LEU A 1 46  ? 8.300   -8.330  1.226   1.00 23.34 ?  562 LEU A N   1 
ATOM   302 C CA  . LEU A 1 46  ? 7.064   -8.603  1.945   1.00 25.34 ?  562 LEU A CA  1 
ATOM   303 C C   . LEU A 1 46  ? 7.237   -9.697  2.961   1.00 26.84 ?  562 LEU A C   1 
ATOM   304 O O   . LEU A 1 46  ? 8.133   -10.558 2.839   1.00 25.31 ?  562 LEU A O   1 
ATOM   305 C CB  . LEU A 1 46  ? 5.953   -9.031  0.977   1.00 27.40 ?  562 LEU A CB  1 
ATOM   306 C CG  . LEU A 1 46  ? 5.515   -8.149  -0.172  1.00 28.36 ?  562 LEU A CG  1 
ATOM   307 C CD1 . LEU A 1 46  ? 4.317   -8.839  -0.820  1.00 33.70 ?  562 LEU A CD1 1 
ATOM   308 C CD2 . LEU A 1 46  ? 5.103   -6.812  0.347   1.00 31.57 ?  562 LEU A CD2 1 
ATOM   309 N N   . GLU A 1 47  ? 6.347   -9.690  3.939   1.00 22.02 ?  563 GLU A N   1 
ATOM   310 C CA  . GLU A 1 47  ? 6.170   -10.843 4.789   1.00 22.37 ?  563 GLU A CA  1 
ATOM   311 C C   . GLU A 1 47  ? 4.705   -10.991 5.044   1.00 22.88 ?  563 GLU A C   1 
ATOM   312 O O   . GLU A 1 47  ? 3.933   -10.069 4.837   1.00 25.38 ?  563 GLU A O   1 
ATOM   313 C CB  . GLU A 1 47  ? 6.938   -10.708 6.084   1.00 23.93 ?  563 GLU A CB  1 
ATOM   314 C CG  . GLU A 1 47  ? 6.568   -9.500  6.896   1.00 25.43 ?  563 GLU A CG  1 
ATOM   315 C CD  . GLU A 1 47  ? 7.547   -9.294  8.027   1.00 48.59 ?  563 GLU A CD  1 
ATOM   316 O OE1 . GLU A 1 47  ? 7.327   -8.386  8.852   1.00 51.50 ?  563 GLU A OE1 1 
ATOM   317 O OE2 . GLU A 1 47  ? 8.547   -10.043 8.076   1.00 58.08 -1 563 GLU A OE2 1 
ATOM   318 N N   . ALA A 1 48  ? 4.304   -12.160 5.482   1.00 19.57 ?  564 ALA A N   1 
ATOM   319 C CA  . ALA A 1 48  ? 2.862   -12.361 5.569   1.00 18.49 ?  564 ALA A CA  1 
ATOM   320 C C   . ALA A 1 48  ? 2.475   -13.279 6.691   1.00 24.37 ?  564 ALA A C   1 
ATOM   321 O O   . ALA A 1 48  ? 3.260   -14.099 7.145   1.00 27.36 ?  564 ALA A O   1 
ATOM   322 C CB  . ALA A 1 48  ? 2.338   -12.918 4.243   1.00 24.03 ?  564 ALA A CB  1 
ATOM   323 N N   . THR A 1 49  ? 1.230   -13.146 7.113   1.00 22.12 ?  565 THR A N   1 
ATOM   324 C CA  . THR A 1 49  ? 0.591   -14.176 7.920   1.00 22.98 ?  565 THR A CA  1 
ATOM   325 C C   . THR A 1 49  ? -0.602  -14.634 7.084   1.00 25.83 ?  565 THR A C   1 
ATOM   326 O O   . THR A 1 49  ? -0.724  -14.257 5.924   1.00 25.37 ?  565 THR A O   1 
ATOM   327 C CB  . THR A 1 49  ? 0.143   -13.661 9.263   1.00 26.77 ?  565 THR A CB  1 
ATOM   328 O OG1 . THR A 1 49  ? -0.783  -12.582 9.079   1.00 29.04 ?  565 THR A OG1 1 
ATOM   329 C CG2 . THR A 1 49  ? 1.325   -13.167 10.070  1.00 29.87 ?  565 THR A CG2 1 
ATOM   330 N N   . VAL A 1 50  ? -1.462  -15.461 7.643   1.00 26.63 ?  566 VAL A N   1 
ATOM   331 C CA  . VAL A 1 50  ? -2.634  -15.918 6.894   1.00 23.78 ?  566 VAL A CA  1 
ATOM   332 C C   . VAL A 1 50  ? -3.629  -14.773 6.760   1.00 20.96 ?  566 VAL A C   1 
ATOM   333 O O   . VAL A 1 50  ? -4.190  -14.310 7.746   1.00 25.78 ?  566 VAL A O   1 
ATOM   334 C CB  . VAL A 1 50  ? -3.274  -17.116 7.599   1.00 27.52 ?  566 VAL A CB  1 
ATOM   335 C CG1 . VAL A 1 50  ? -4.582  -17.540 6.922   1.00 29.53 ?  566 VAL A CG1 1 
ATOM   336 C CG2 . VAL A 1 50  ? -2.259  -18.281 7.623   1.00 29.37 ?  566 VAL A CG2 1 
ATOM   337 N N   . GLY A 1 51  ? -3.813  -14.305 5.532   1.00 20.69 ?  567 GLY A N   1 
ATOM   338 C CA  . GLY A 1 51  ? -4.758  -13.254 5.236   1.00 24.10 ?  567 GLY A CA  1 
ATOM   339 C C   . GLY A 1 51  ? -4.262  -11.838 5.487   1.00 21.28 ?  567 GLY A C   1 
ATOM   340 O O   . GLY A 1 51  ? -5.064  -10.902 5.449   1.00 23.29 ?  567 GLY A O   1 
ATOM   341 N N   . HIS A 1 52  ? -2.958  -11.676 5.737   1.00 19.97 ?  568 HIS A N   1 
ATOM   342 C CA  . HIS A 1 52  ? -2.397  -10.326 5.931   1.00 18.10 ?  568 HIS A CA  1 
ATOM   343 C C   . HIS A 1 52  ? -1.037  -10.212 5.315   1.00 19.24 ?  568 HIS A C   1 
ATOM   344 O O   . HIS A 1 52  ? -0.196  -11.100 5.478   1.00 21.06 ?  568 HIS A O   1 
ATOM   345 C CB  . HIS A 1 52  ? -2.289  -9.983  7.421   1.00 20.91 ?  568 HIS A CB  1 
ATOM   346 C CG  . HIS A 1 52  ? -3.600  -10.017 8.122   1.00 23.44 ?  568 HIS A CG  1 
ATOM   347 N ND1 . HIS A 1 52  ? -4.475  -8.952  8.116   1.00 24.66 ?  568 HIS A ND1 1 
ATOM   348 C CD2 . HIS A 1 52  ? -4.201  -11.002 8.831   1.00 26.67 ?  568 HIS A CD2 1 
ATOM   349 C CE1 . HIS A 1 52  ? -5.561  -9.277  8.798   1.00 32.09 ?  568 HIS A CE1 1 
ATOM   350 N NE2 . HIS A 1 52  ? -5.417  -10.510 9.253   1.00 26.26 ?  568 HIS A NE2 1 
ATOM   351 N N   . HIS A 1 53  ? -0.795  -9.101  4.621   1.00 17.58 ?  569 HIS A N   1 
ATOM   352 C CA  . HIS A 1 53  ? 0.503   -8.931  3.976   1.00 18.58 ?  569 HIS A CA  1 
ATOM   353 C C   . HIS A 1 53  ? 1.129   -7.632  4.405   1.00 18.91 ?  569 HIS A C   1 
ATOM   354 O O   . HIS A 1 53  ? 0.428   -6.625  4.475   1.00 20.14 ?  569 HIS A O   1 
ATOM   355 C CB  . HIS A 1 53  ? 0.319   -9.006  2.470   1.00 19.46 ?  569 HIS A CB  1 
ATOM   356 C CG  . HIS A 1 53  ? -0.093  -10.372 2.024   1.00 21.09 ?  569 HIS A CG  1 
ATOM   357 N ND1 . HIS A 1 53  ? -1.397  -10.814 2.088   1.00 23.31 ?  569 HIS A ND1 1 
ATOM   358 C CD2 . HIS A 1 53  ? 0.652   -11.433 1.634   1.00 25.80 ?  569 HIS A CD2 1 
ATOM   359 C CE1 . HIS A 1 53  ? -1.449  -12.077 1.699   1.00 23.62 ?  569 HIS A CE1 1 
ATOM   360 N NE2 . HIS A 1 53  ? -0.216  -12.480 1.433   1.00 22.78 ?  569 HIS A NE2 1 
ATOM   361 N N   . PHE A 1 54  ? 2.438   -7.675  4.720   1.00 19.56 ?  570 PHE A N   1 
ATOM   362 C CA  . PHE A 1 54  ? 3.113   -6.528  5.336   1.00 18.49 ?  570 PHE A CA  1 
ATOM   363 C C   . PHE A 1 54  ? 4.351   -6.169  4.569   1.00 19.84 ?  570 PHE A C   1 
ATOM   364 O O   . PHE A 1 54  ? 4.984   -7.036  3.961   1.00 21.83 ?  570 PHE A O   1 
ATOM   365 C CB  . PHE A 1 54  ? 3.506   -6.838  6.774   1.00 18.50 ?  570 PHE A CB  1 
ATOM   366 C CG  . PHE A 1 54  ? 2.345   -7.269  7.646   1.00 19.37 ?  570 PHE A CG  1 
ATOM   367 C CD1 . PHE A 1 54  ? 1.574   -6.318  8.299   1.00 19.47 ?  570 PHE A CD1 1 
ATOM   368 C CD2 . PHE A 1 54  ? 2.046   -8.610  7.790   1.00 22.24 ?  570 PHE A CD2 1 
ATOM   369 C CE1 . PHE A 1 54  ? 0.487   -6.684  9.087   1.00 22.88 ?  570 PHE A CE1 1 
ATOM   370 C CE2 . PHE A 1 54  ? 0.949   -9.032  8.606   1.00 22.18 ?  570 PHE A CE2 1 
ATOM   371 C CZ  . PHE A 1 54  ? 0.162   -8.041  9.259   1.00 24.56 ?  570 PHE A CZ  1 
ATOM   372 N N   . ILE A 1 55  ? 4.707   -4.899  4.629   1.00 18.23 ?  571 ILE A N   1 
ATOM   373 C CA  . ILE A 1 55  ? 6.033   -4.499  4.156   1.00 18.12 ?  571 ILE A CA  1 
ATOM   374 C C   . ILE A 1 55  ? 7.102   -4.940  5.162   1.00 21.51 ?  571 ILE A C   1 
ATOM   375 O O   . ILE A 1 55  ? 7.057   -4.579  6.328   1.00 22.07 ?  571 ILE A O   1 
ATOM   376 C CB  . ILE A 1 55  ? 6.075   -2.997  3.954   1.00 18.67 ?  571 ILE A CB  1 
ATOM   377 C CG1 . ILE A 1 55  ? 5.084   -2.579  2.864   1.00 25.42 ?  571 ILE A CG1 1 
ATOM   378 C CG2 . ILE A 1 55  ? 7.504   -2.550  3.615   1.00 19.86 ?  571 ILE A CG2 1 
ATOM   379 C CD1 . ILE A 1 55  ? 5.087   -1.031  2.669   1.00 26.15 ?  571 ILE A CD1 1 
ATOM   380 N N   . ARG A 1 56  ? 8.019   -5.791  4.721   1.00 20.52 ?  572 ARG A N   1 
ATOM   381 C CA  . ARG A 1 56  ? 9.132   -6.203  5.565   1.00 22.00 ?  572 ARG A CA  1 
ATOM   382 C C   . ARG A 1 56  ? 10.232  -5.144  5.545   1.00 28.11 ?  572 ARG A C   1 
ATOM   383 O O   . ARG A 1 56  ? 10.732  -4.718  6.589   1.00 28.53 ?  572 ARG A O   1 
ATOM   384 C CB  . ARG A 1 56  ? 9.680   -7.550  5.091   1.00 25.56 ?  572 ARG A CB  1 
ATOM   385 C CG  . ARG A 1 56  ? 10.880  -8.064  5.870   1.00 27.68 ?  572 ARG A CG  1 
ATOM   386 C CD  . ARG A 1 56  ? 11.241  -9.457  5.389   1.00 31.57 ?  572 ARG A CD  1 
ATOM   387 N N   . SER A 1 57  ? 10.588  -4.708  4.357   1.00 22.76 ?  573 SER A N   1 
ATOM   388 C CA  . SER A 1 57  ? 11.627  -3.680  4.257   1.00 26.74 ?  573 SER A CA  1 
ATOM   389 C C   . SER A 1 57  ? 11.314  -2.743  3.098   1.00 21.87 ?  573 SER A C   1 
ATOM   390 O O   . SER A 1 57  ? 10.688  -3.148  2.105   1.00 22.01 ?  573 SER A O   1 
ATOM   391 C CB  . SER A 1 57  ? 13.016  -4.326  4.078   1.00 28.92 ?  573 SER A CB  1 
ATOM   392 O OG  . SER A 1 57  ? 13.147  -4.918  2.792   1.00 37.22 ?  573 SER A OG  1 
ATOM   393 N N   . VAL A 1 58  ? 11.689  -1.478  3.264   1.00 22.15 ?  574 VAL A N   1 
ATOM   394 C CA  . VAL A 1 58  ? 11.587  -0.480  2.196   1.00 19.02 ?  574 VAL A CA  1 
ATOM   395 C C   . VAL A 1 58  ? 13.006  -0.083  1.799   1.00 21.76 ?  574 VAL A C   1 
ATOM   396 O O   . VAL A 1 58  ? 13.740  0.428   2.652   1.00 23.36 ?  574 VAL A O   1 
ATOM   397 C CB  . VAL A 1 58  ? 10.864  0.763   2.676   1.00 20.09 ?  574 VAL A CB  1 
ATOM   398 C CG1 . VAL A 1 58  ? 10.844  1.817   1.626   1.00 22.93 ?  574 VAL A CG1 1 
ATOM   399 C CG2 . VAL A 1 58  ? 9.394   0.422   3.038   1.00 18.89 ?  574 VAL A CG2 1 
ATOM   400 N N   . LEU A 1 59  ? 13.368  -0.272  0.540   1.00 19.68 ?  575 LEU A N   1 
ATOM   401 C CA  . LEU A 1 59  ? 14.688  0.210   0.071   1.00 19.98 ?  575 LEU A CA  1 
ATOM   402 C C   . LEU A 1 59  ? 14.615  1.722   -0.123  1.00 21.01 ?  575 LEU A C   1 
ATOM   403 O O   . LEU A 1 59  ? 13.761  2.196   -0.874  1.00 22.77 ?  575 LEU A O   1 
ATOM   404 C CB  . LEU A 1 59  ? 15.079  -0.492  -1.234  1.00 19.57 ?  575 LEU A CB  1 
ATOM   405 C CG  . LEU A 1 59  ? 15.148  -2.009  -1.123  1.00 30.14 ?  575 LEU A CG  1 
ATOM   406 C CD1 . LEU A 1 59  ? 15.463  -2.599  -2.473  1.00 34.71 ?  575 LEU A CD1 1 
ATOM   407 C CD2 . LEU A 1 59  ? 16.223  -2.407  -0.168  1.00 30.28 ?  575 LEU A CD2 1 
ATOM   408 N N   . PRO A 1 60  ? 15.522  2.490   0.532   1.00 22.31 ?  576 PRO A N   1 
ATOM   409 C CA  . PRO A 1 60  ? 15.468  3.944   0.348   1.00 23.19 ?  576 PRO A CA  1 
ATOM   410 C C   . PRO A 1 60  ? 15.546  4.347   -1.125  1.00 28.40 ?  576 PRO A C   1 
ATOM   411 O O   . PRO A 1 60  ? 14.903  5.328   -1.549  1.00 24.83 ?  576 PRO A O   1 
ATOM   412 C CB  . PRO A 1 60  ? 16.709  4.428   1.103   1.00 19.72 ?  576 PRO A CB  1 
ATOM   413 C CG  . PRO A 1 60  ? 16.895  3.441   2.178   1.00 25.61 ?  576 PRO A CG  1 
ATOM   414 C CD  . PRO A 1 60  ? 16.510  2.105   1.554   1.00 21.15 ?  576 PRO A CD  1 
ATOM   415 N N   . GLU A 1 61  ? 16.322  3.585   -1.903  1.00 21.65 ?  577 GLU A N   1 
ATOM   416 C CA  . GLU A 1 61  ? 16.543  3.887   -3.307  1.00 26.24 ?  577 GLU A CA  1 
ATOM   417 C C   . GLU A 1 61  ? 15.438  3.470   -4.281  1.00 25.61 ?  577 GLU A C   1 
ATOM   418 O O   . GLU A 1 61  ? 15.503  3.800   -5.480  1.00 24.02 ?  577 GLU A O   1 
ATOM   419 C CB  . GLU A 1 61  ? 17.868  3.233   -3.747  1.00 23.26 ?  577 GLU A CB  1 
ATOM   420 C CG  . GLU A 1 61  ? 17.889  1.698   -3.608  1.00 23.25 ?  577 GLU A CG  1 
ATOM   421 C CD  . GLU A 1 61  ? 18.489  1.218   -2.267  1.00 24.84 ?  577 GLU A CD  1 
ATOM   422 O OE1 . GLU A 1 61  ? 18.383  1.913   -1.224  1.00 24.27 ?  577 GLU A OE1 1 
ATOM   423 O OE2 . GLU A 1 61  ? 19.081  0.121   -2.268  1.00 24.95 -1 577 GLU A OE2 1 
ATOM   424 N N   . GLY A 1 62  ? 14.405  2.778   -3.802  1.00 20.56 ?  578 GLY A N   1 
ATOM   425 C CA  . GLY A 1 62  ? 13.383  2.292   -4.710  1.00 20.63 ?  578 GLY A CA  1 
ATOM   426 C C   . GLY A 1 62  ? 12.122  3.153   -4.774  1.00 22.59 ?  578 GLY A C   1 
ATOM   427 O O   . GLY A 1 62  ? 12.012  4.155   -4.082  1.00 23.16 ?  578 GLY A O   1 
ATOM   428 N N   . PRO A 1 63  ? 11.149  2.739   -5.587  1.00 22.01 ?  579 PRO A N   1 
ATOM   429 C CA  . PRO A 1 63  ? 9.951   3.567   -5.789  1.00 22.60 ?  579 PRO A CA  1 
ATOM   430 C C   . PRO A 1 63  ? 9.198   3.878   -4.492  1.00 21.12 ?  579 PRO A C   1 
ATOM   431 O O   . PRO A 1 63  ? 8.834   5.031   -4.260  1.00 20.94 ?  579 PRO A O   1 
ATOM   432 C CB  . PRO A 1 63  ? 9.088   2.707   -6.715  1.00 23.38 ?  579 PRO A CB  1 
ATOM   433 C CG  . PRO A 1 63  ? 10.147  1.947   -7.540  1.00 24.61 ?  579 PRO A CG  1 
ATOM   434 C CD  . PRO A 1 63  ? 11.253  1.647   -6.572  1.00 23.89 ?  579 PRO A CD  1 
ATOM   435 N N   . VAL A 1 64  ? 8.932   2.863   -3.673  1.00 21.66 ?  580 VAL A N   1 
ATOM   436 C CA  . VAL A 1 64  ? 8.198   3.133   -2.422  1.00 20.92 ?  580 VAL A CA  1 
ATOM   437 C C   . VAL A 1 64  ? 9.032   4.030   -1.491  1.00 18.62 ?  580 VAL A C   1 
ATOM   438 O O   . VAL A 1 64  ? 8.491   4.956   -0.835  1.00 20.23 ?  580 VAL A O   1 
ATOM   439 C CB  . VAL A 1 64  ? 7.814   1.825   -1.736  1.00 16.58 ?  580 VAL A CB  1 
ATOM   440 C CG1 . VAL A 1 64  ? 7.358   2.086   -0.304  1.00 18.66 ?  580 VAL A CG1 1 
ATOM   441 C CG2 . VAL A 1 64  ? 6.704   1.106   -2.529  1.00 19.71 ?  580 VAL A CG2 1 
ATOM   442 N N   . GLY A 1 65  ? 10.351  3.796   -1.447  1.00 20.80 ?  581 GLY A N   1 
ATOM   443 C CA  . GLY A 1 65  ? 11.220  4.648   -0.648  1.00 18.20 ?  581 GLY A CA  1 
ATOM   444 C C   . GLY A 1 65  ? 11.159  6.101   -1.125  1.00 22.25 ?  581 GLY A C   1 
ATOM   445 O O   . GLY A 1 65  ? 11.166  7.045   -0.311  1.00 25.09 ?  581 GLY A O   1 
ATOM   446 N N   . HIS A 1 66  ? 11.062  6.287   -2.443  1.00 23.36 ?  582 HIS A N   1 
ATOM   447 C CA  . HIS A 1 66  ? 11.001  7.640   -2.986  1.00 24.09 ?  582 HIS A CA  1 
ATOM   448 C C   . HIS A 1 66  ? 9.715   8.343   -2.599  1.00 26.27 ?  582 HIS A C   1 
ATOM   449 O O   . HIS A 1 66  ? 9.709   9.573   -2.427  1.00 25.69 ?  582 HIS A O   1 
ATOM   450 C CB  . HIS A 1 66  ? 11.140  7.632   -4.501  1.00 24.74 ?  582 HIS A CB  1 
ATOM   451 C CG  . HIS A 1 66  ? 12.555  7.465   -4.970  1.00 28.96 ?  582 HIS A CG  1 
ATOM   452 N ND1 . HIS A 1 66  ? 12.986  7.889   -6.208  1.00 35.37 ?  582 HIS A ND1 1 
ATOM   453 C CD2 . HIS A 1 66  ? 13.628  6.897   -4.370  1.00 25.34 ?  582 HIS A CD2 1 
ATOM   454 C CE1 . HIS A 1 66  ? 14.275  7.616   -6.342  1.00 33.54 ?  582 HIS A CE1 1 
ATOM   455 N NE2 . HIS A 1 66  ? 14.690  7.011   -5.242  1.00 34.22 ?  582 HIS A NE2 1 
ATOM   456 N N   . SER A 1 67  ? 8.630   7.588   -2.463  1.00 20.43 ?  583 SER A N   1 
ATOM   457 C CA  . SER A 1 67  ? 7.378   8.174   -1.962  1.00 21.67 ?  583 SER A CA  1 
ATOM   458 C C   . SER A 1 67  ? 7.510   8.652   -0.519  1.00 24.75 ?  583 SER A C   1 
ATOM   459 O O   . SER A 1 67  ? 6.984   9.705   -0.158  1.00 28.51 ?  583 SER A O   1 
ATOM   460 C CB  . SER A 1 67  ? 6.224   7.181   -2.056  1.00 25.97 ?  583 SER A CB  1 
ATOM   461 O OG  . SER A 1 67  ? 5.331   7.434   -0.992  1.00 35.87 ?  583 SER A OG  1 
ATOM   462 N N   . GLY A 1 68  ? 8.199   7.883   0.315   1.00 20.79 ?  584 GLY A N   1 
ATOM   463 C CA  . GLY A 1 68  ? 8.450   8.306   1.678   1.00 22.00 ?  584 GLY A CA  1 
ATOM   464 C C   . GLY A 1 68  ? 7.336   8.038   2.689   1.00 22.01 ?  584 GLY A C   1 
ATOM   465 O O   . GLY A 1 68  ? 7.561   8.190   3.879   1.00 23.29 ?  584 GLY A O   1 
ATOM   466 N N   . LYS A 1 69  ? 6.163   7.632   2.210   1.00 21.94 ?  585 LYS A N   1 
ATOM   467 C CA  . LYS A 1 69  ? 4.993   7.473   3.056   1.00 24.73 ?  585 LYS A CA  1 
ATOM   468 C C   . LYS A 1 69  ? 4.882   6.140   3.777   1.00 23.74 ?  585 LYS A C   1 
ATOM   469 O O   . LYS A 1 69  ? 4.121   6.020   4.756   1.00 23.63 ?  585 LYS A O   1 
ATOM   470 C CB  . LYS A 1 69  ? 3.723   7.619   2.207   1.00 23.86 ?  585 LYS A CB  1 
ATOM   471 C CG  . LYS A 1 69  ? 3.533   8.960   1.524   1.00 32.59 ?  585 LYS A CG  1 
ATOM   472 C CD  . LYS A 1 69  ? 3.079   9.992   2.507   1.00 48.19 ?  585 LYS A CD  1 
ATOM   473 C CE  . LYS A 1 69  ? 2.594   11.230  1.792   1.00 60.79 ?  585 LYS A CE  1 
ATOM   474 N NZ  . LYS A 1 69  ? 2.700   12.411  2.687   1.00 66.67 ?  585 LYS A NZ  1 
ATOM   475 N N   . LEU A 1 70  ? 5.522   5.116   3.226   1.00 21.17 ?  586 LEU A N   1 
ATOM   476 C CA  . LEU A 1 70  ? 5.340   3.768   3.732   1.00 18.06 ?  586 LEU A CA  1 
ATOM   477 C C   . LEU A 1 70  ? 6.573   3.289   4.486   1.00 21.37 ?  586 LEU A C   1 
ATOM   478 O O   . LEU A 1 70  ? 7.713   3.565   4.101   1.00 22.49 ?  586 LEU A O   1 
ATOM   479 C CB  . LEU A 1 70  ? 5.019   2.812   2.581   1.00 18.67 ?  586 LEU A CB  1 
ATOM   480 C CG  . LEU A 1 70  ? 3.786   3.163   1.757   1.00 21.75 ?  586 LEU A CG  1 
ATOM   481 C CD1 . LEU A 1 70  ? 3.485   2.110   0.708   1.00 20.96 ?  586 LEU A CD1 1 
ATOM   482 C CD2 . LEU A 1 70  ? 2.541   3.334   2.640   1.00 24.13 ?  586 LEU A CD2 1 
ATOM   483 N N   . PHE A 1 71  ? 6.339   2.560   5.565   1.00 19.52 ?  587 PHE A N   1 
ATOM   484 C CA  . PHE A 1 71  ? 7.395   2.096   6.457   1.00 19.74 ?  587 PHE A CA  1 
ATOM   485 C C   . PHE A 1 71  ? 7.352   0.594   6.651   1.00 21.33 ?  587 PHE A C   1 
ATOM   486 O O   . PHE A 1 71  ? 6.298   -0.032  6.492   1.00 20.73 ?  587 PHE A O   1 
ATOM   487 C CB  . PHE A 1 71  ? 7.255   2.764   7.843   1.00 20.31 ?  587 PHE A CB  1 
ATOM   488 C CG  . PHE A 1 71  ? 7.519   4.248   7.830   1.00 22.53 ?  587 PHE A CG  1 
ATOM   489 C CD1 . PHE A 1 71  ? 6.565   5.120   7.334   1.00 22.60 ?  587 PHE A CD1 1 
ATOM   490 C CD2 . PHE A 1 71  ? 8.719   4.758   8.303   1.00 25.44 ?  587 PHE A CD2 1 
ATOM   491 C CE1 . PHE A 1 71  ? 6.779   6.498   7.301   1.00 26.34 ?  587 PHE A CE1 1 
ATOM   492 C CE2 . PHE A 1 71  ? 8.952   6.131   8.280   1.00 26.64 ?  587 PHE A CE2 1 
ATOM   493 C CZ  . PHE A 1 71  ? 7.993   6.999   7.759   1.00 26.98 ?  587 PHE A CZ  1 
ATOM   494 N N   A SER A 1 72  ? 8.497   -0.008  6.983   0.62 22.45 ?  588 SER A N   1 
ATOM   495 N N   B SER A 1 72  ? 8.487   -0.002  7.012   0.38 22.54 ?  588 SER A N   1 
ATOM   496 C CA  A SER A 1 72  ? 8.483   -1.401  7.424   0.62 23.44 ?  588 SER A CA  1 
ATOM   497 C CA  B SER A 1 72  ? 8.477   -1.406  7.413   0.38 23.45 ?  588 SER A CA  1 
ATOM   498 C C   A SER A 1 72  ? 7.400   -1.612  8.474   0.62 22.71 ?  588 SER A C   1 
ATOM   499 C C   B SER A 1 72  ? 7.432   -1.636  8.496   0.38 22.73 ?  588 SER A C   1 
ATOM   500 O O   A SER A 1 72  ? 7.192   -0.767  9.351   0.62 23.22 ?  588 SER A O   1 
ATOM   501 O O   B SER A 1 72  ? 7.285   -0.828  9.415   0.38 23.40 ?  588 SER A O   1 
ATOM   502 C CB  A SER A 1 72  ? 9.837   -1.805  8.018   0.62 28.32 ?  588 SER A CB  1 
ATOM   503 C CB  B SER A 1 72  ? 9.854   -1.840  7.918   0.38 28.25 ?  588 SER A CB  1 
ATOM   504 O OG  A SER A 1 72  ? 10.056  -1.103  9.230   0.62 36.14 ?  588 SER A OG  1 
ATOM   505 O OG  B SER A 1 72  ? 10.830  -1.624  6.924   0.38 27.63 ?  588 SER A OG  1 
ATOM   506 N N   . GLY A 1 73  ? 6.691   -2.732  8.370   1.00 22.40 ?  589 GLY A N   1 
ATOM   507 C CA  . GLY A 1 73  ? 5.625   -3.042  9.292   1.00 21.85 ?  589 GLY A CA  1 
ATOM   508 C C   . GLY A 1 73  ? 4.260   -2.654  8.759   1.00 23.59 ?  589 GLY A C   1 
ATOM   509 O O   . GLY A 1 73  ? 3.271   -3.160  9.263   1.00 20.47 ?  589 GLY A O   1 
ATOM   510 N N   . ASP A 1 74  ? 4.198   -1.795  7.745   1.00 17.86 ?  590 ASP A N   1 
ATOM   511 C CA  . ASP A 1 74  ? 2.860   -1.386  7.259   1.00 17.28 ?  590 ASP A CA  1 
ATOM   512 C C   . ASP A 1 74  ? 2.139   -2.556  6.587   1.00 18.02 ?  590 ASP A C   1 
ATOM   513 O O   . ASP A 1 74  ? 2.759   -3.358  5.876   1.00 20.84 ?  590 ASP A O   1 
ATOM   514 C CB  . ASP A 1 74  ? 2.968   -0.225  6.270   1.00 19.10 ?  590 ASP A CB  1 
ATOM   515 C CG  . ASP A 1 74  ? 3.325   1.095   6.945   1.00 26.01 ?  590 ASP A CG  1 
ATOM   516 O OD1 . ASP A 1 74  ? 3.334   1.176   8.198   1.00 24.33 ?  590 ASP A OD1 1 
ATOM   517 O OD2 . ASP A 1 74  ? 3.606   2.070   6.210   1.00 25.95 -1 590 ASP A OD2 1 
ATOM   518 N N   . GLU A 1 75  ? 0.822   -2.623  6.780   1.00 16.58 ?  591 GLU A N   1 
ATOM   519 C CA  . GLU A 1 75  ? 0.020   -3.672  6.169   1.00 16.74 ?  591 GLU A CA  1 
ATOM   520 C C   . GLU A 1 75  ? -0.534  -3.200  4.840   1.00 18.25 ?  591 GLU A C   1 
ATOM   521 O O   . GLU A 1 75  ? -1.090  -2.113  4.748   1.00 20.21 ?  591 GLU A O   1 
ATOM   522 C CB  . GLU A 1 75  ? -1.121  -4.083  7.097   1.00 17.54 ?  591 GLU A CB  1 
ATOM   523 C CG  . GLU A 1 75  ? -1.957  -5.188  6.446   1.00 18.33 ?  591 GLU A CG  1 
ATOM   524 C CD  . GLU A 1 75  ? -2.971  -5.841  7.364   1.00 24.43 ?  591 GLU A CD  1 
ATOM   525 O OE1 . GLU A 1 75  ? -3.619  -6.807  6.880   1.00 23.03 ?  591 GLU A OE1 1 
ATOM   526 O OE2 . GLU A 1 75  ? -3.178  -5.399  8.535   1.00 25.59 -1 591 GLU A OE2 1 
ATOM   527 N N   . LEU A 1 76  ? -0.449  -4.046  3.808   1.00 17.52 ?  592 LEU A N   1 
ATOM   528 C CA  . LEU A 1 76  ? -0.983  -3.704  2.486   1.00 20.34 ?  592 LEU A CA  1 
ATOM   529 C C   . LEU A 1 76  ? -2.497  -3.889  2.440   1.00 19.51 ?  592 LEU A C   1 
ATOM   530 O O   . LEU A 1 76  ? -2.977  -4.951  2.797   1.00 20.72 ?  592 LEU A O   1 
ATOM   531 C CB  . LEU A 1 76  ? -0.365  -4.594  1.420   1.00 16.56 ?  592 LEU A CB  1 
ATOM   532 C CG  . LEU A 1 76  ? 1.148   -4.473  1.308   1.00 25.68 ?  592 LEU A CG  1 
ATOM   533 C CD1 . LEU A 1 76  ? 1.583   -5.458  0.214   1.00 29.71 ?  592 LEU A CD1 1 
ATOM   534 C CD2 . LEU A 1 76  ? 1.558   -3.094  0.914   1.00 32.25 ?  592 LEU A CD2 1 
ATOM   535 N N   . LEU A 1 77  ? -3.234  -2.871  1.988   1.00 17.32 ?  593 LEU A N   1 
ATOM   536 C CA  . LEU A 1 77  ? -4.701  -2.978  1.900   1.00 16.68 ?  593 LEU A CA  1 
ATOM   537 C C   . LEU A 1 77  ? -5.284  -2.986  0.484   1.00 17.09 ?  593 LEU A C   1 
ATOM   538 O O   . LEU A 1 77  ? -6.178  -3.786  0.189   1.00 19.15 ?  593 LEU A O   1 
ATOM   539 C CB  . LEU A 1 77  ? -5.382  -1.851  2.690   1.00 18.50 ?  593 LEU A CB  1 
ATOM   540 C CG  . LEU A 1 77  ? -5.013  -1.826  4.172   1.00 18.10 ?  593 LEU A CG  1 
ATOM   541 C CD1 . LEU A 1 77  ? -5.629  -0.582  4.807   1.00 18.99 ?  593 LEU A CD1 1 
ATOM   542 C CD2 . LEU A 1 77  ? -5.446  -3.116  4.887   1.00 18.87 ?  593 LEU A CD2 1 
ATOM   543 N N   . GLU A 1 78  ? -4.783  -2.114  -0.385  1.00 19.23 ?  594 GLU A N   1 
ATOM   544 C CA  . GLU A 1 78  ? -5.372  -1.890  -1.697  1.00 20.84 ?  594 GLU A CA  1 
ATOM   545 C C   . GLU A 1 78  ? -4.307  -1.301  -2.629  1.00 21.80 ?  594 GLU A C   1 
ATOM   546 O O   . GLU A 1 78  ? -3.444  -0.514  -2.192  1.00 22.04 ?  594 GLU A O   1 
ATOM   547 C CB  . GLU A 1 78  ? -6.564  -0.938  -1.585  1.00 23.63 ?  594 GLU A CB  1 
ATOM   548 C CG  . GLU A 1 78  ? -7.266  -0.673  -2.900  1.00 29.95 ?  594 GLU A CG  1 
ATOM   549 C CD  . GLU A 1 78  ? -8.361  0.390   -2.765  1.00 30.45 ?  594 GLU A CD  1 
ATOM   550 O OE1 . GLU A 1 78  ? -8.233  1.442   -3.426  1.00 38.62 ?  594 GLU A OE1 1 
ATOM   551 O OE2 . GLU A 1 78  ? -9.346  0.138   -2.040  1.00 33.62 -1 594 GLU A OE2 1 
ATOM   552 N N   . VAL A 1 79  ? -4.322  -1.681  -3.910  1.00 18.78 ?  595 VAL A N   1 
ATOM   553 C CA  . VAL A 1 79  ? -3.401  -0.995  -4.855  1.00 18.88 ?  595 VAL A CA  1 
ATOM   554 C C   . VAL A 1 79  ? -4.210  -0.702  -6.108  1.00 24.33 ?  595 VAL A C   1 
ATOM   555 O O   . VAL A 1 79  ? -4.862  -1.621  -6.625  1.00 22.46 ?  595 VAL A O   1 
ATOM   556 C CB  . VAL A 1 79  ? -2.151  -1.833  -5.250  1.00 21.52 ?  595 VAL A CB  1 
ATOM   557 C CG1 . VAL A 1 79  ? -1.119  -1.846  -4.135  1.00 27.92 ?  595 VAL A CG1 1 
ATOM   558 C CG2 . VAL A 1 79  ? -2.512  -3.270  -5.628  1.00 20.28 ?  595 VAL A CG2 1 
ATOM   559 N N   . ASN A 1 80  ? -4.186  0.542   -6.585  1.00 23.35 ?  596 ASN A N   1 
ATOM   560 C CA  . ASN A 1 80  ? -4.971  0.926   -7.771  1.00 24.39 ?  596 ASN A CA  1 
ATOM   561 C C   . ASN A 1 80  ? -6.408  0.370   -7.769  1.00 27.05 ?  596 ASN A C   1 
ATOM   562 O O   . ASN A 1 80  ? -6.897  -0.166  -8.787  1.00 26.70 ?  596 ASN A O   1 
ATOM   563 C CB  . ASN A 1 80  ? -4.241  0.483   -9.034  1.00 25.90 ?  596 ASN A CB  1 
ATOM   564 C CG  . ASN A 1 80  ? -3.061  1.366   -9.324  1.00 28.85 ?  596 ASN A CG  1 
ATOM   565 O OD1 . ASN A 1 80  ? -2.769  2.281   -8.542  1.00 29.28 ?  596 ASN A OD1 1 
ATOM   566 N ND2 . ASN A 1 80  ? -2.386  1.131   -10.445 1.00 24.43 ?  596 ASN A ND2 1 
ATOM   567 N N   . GLY A 1 81  ? -7.057  0.485   -6.618  1.00 24.18 ?  597 GLY A N   1 
ATOM   568 C CA  . GLY A 1 81  ? -8.440  0.062   -6.466  1.00 25.81 ?  597 GLY A CA  1 
ATOM   569 C C   . GLY A 1 81  ? -8.685  -1.420  -6.271  1.00 26.62 ?  597 GLY A C   1 
ATOM   570 O O   . GLY A 1 81  ? -9.826  -1.823  -6.042  1.00 30.95 ?  597 GLY A O   1 
ATOM   571 N N   . ILE A 1 82  ? -7.626  -2.225  -6.344  1.00 20.83 ?  598 ILE A N   1 
ATOM   572 C CA  . ILE A 1 82  ? -7.724  -3.676  -6.199  1.00 20.03 ?  598 ILE A CA  1 
ATOM   573 C C   . ILE A 1 82  ? -7.458  -4.092  -4.744  1.00 21.15 ?  598 ILE A C   1 
ATOM   574 O O   . ILE A 1 82  ? -6.415  -3.752  -4.155  1.00 22.12 ?  598 ILE A O   1 
ATOM   575 C CB  . ILE A 1 82  ? -6.712  -4.377  -7.108  1.00 25.90 ?  598 ILE A CB  1 
ATOM   576 C CG1 . ILE A 1 82  ? -6.914  -3.950  -8.573  1.00 27.75 ?  598 ILE A CG1 1 
ATOM   577 C CG2 . ILE A 1 82  ? -6.764  -5.894  -6.929  1.00 21.82 ?  598 ILE A CG2 1 
ATOM   578 C CD1 . ILE A 1 82  ? -5.717  -4.228  -9.455  1.00 34.81 ?  598 ILE A CD1 1 
ATOM   579 N N   . ASN A 1 83  ? -8.384  -4.826  -4.163  1.00 23.28 ?  599 ASN A N   1 
ATOM   580 C CA  . ASN A 1 83  ? -8.247  -5.233  -2.768  1.00 21.82 ?  599 ASN A CA  1 
ATOM   581 C C   . ASN A 1 83  ? -7.108  -6.211  -2.537  1.00 21.93 ?  599 ASN A C   1 
ATOM   582 O O   . ASN A 1 83  ? -6.937  -7.161  -3.312  1.00 21.40 ?  599 ASN A O   1 
ATOM   583 C CB  . ASN A 1 83  ? -9.542  -5.899  -2.286  1.00 24.12 ?  599 ASN A CB  1 
ATOM   584 C CG  . ASN A 1 83  ? -9.428  -6.371  -0.860  1.00 23.87 ?  599 ASN A CG  1 
ATOM   585 O OD1 . ASN A 1 83  ? -9.363  -5.549  0.037   1.00 25.45 ?  599 ASN A OD1 1 
ATOM   586 N ND2 . ASN A 1 83  ? -9.341  -7.695  -0.639  1.00 21.31 ?  599 ASN A ND2 1 
ATOM   587 N N   . LEU A 1 84  ? -6.350  -5.998  -1.456  1.00 19.71 ?  600 LEU A N   1 
ATOM   588 C CA  . LEU A 1 84  ? -5.350  -6.961  -1.054  1.00 18.63 ?  600 LEU A CA  1 
ATOM   589 C C   . LEU A 1 84  ? -5.652  -7.588  0.303   1.00 18.31 ?  600 LEU A C   1 
ATOM   590 O O   . LEU A 1 84  ? -5.162  -8.683  0.602   1.00 20.80 ?  600 LEU A O   1 
ATOM   591 C CB  . LEU A 1 84  ? -3.956  -6.298  -1.016  1.00 19.98 ?  600 LEU A CB  1 
ATOM   592 C CG  . LEU A 1 84  ? -3.464  -5.684  -2.322  1.00 17.92 ?  600 LEU A CG  1 
ATOM   593 C CD1 . LEU A 1 84  ? -2.172  -4.881  -2.050  1.00 20.38 ?  600 LEU A CD1 1 
ATOM   594 C CD2 . LEU A 1 84  ? -3.229  -6.766  -3.339  1.00 22.14 ?  600 LEU A CD2 1 
ATOM   595 N N   . LEU A 1 85  ? -6.412  -6.896  1.163   1.00 17.66 ?  601 LEU A N   1 
ATOM   596 C CA  . LEU A 1 85  ? -6.677  -7.423  2.495   1.00 18.58 ?  601 LEU A CA  1 
ATOM   597 C C   . LEU A 1 85  ? -7.419  -8.752  2.466   1.00 22.02 ?  601 LEU A C   1 
ATOM   598 O O   . LEU A 1 85  ? -8.457  -8.885  1.834   1.00 21.27 ?  601 LEU A O   1 
ATOM   599 C CB  . LEU A 1 85  ? -7.475  -6.399  3.317   1.00 20.21 ?  601 LEU A CB  1 
ATOM   600 C CG  . LEU A 1 85  ? -7.845  -6.867  4.730   1.00 22.05 ?  601 LEU A CG  1 
ATOM   601 C CD1 . LEU A 1 85  ? -6.568  -7.128  5.555   1.00 21.21 ?  601 LEU A CD1 1 
ATOM   602 C CD2 . LEU A 1 85  ? -8.693  -5.807  5.386   1.00 21.28 ?  601 LEU A CD2 1 
ATOM   603 N N   . GLY A 1 86  ? -6.851  -9.757  3.119   1.00 19.80 ?  602 GLY A N   1 
ATOM   604 C CA  . GLY A 1 86  ? -7.528  -11.036 3.240   1.00 20.32 ?  602 GLY A CA  1 
ATOM   605 C C   . GLY A 1 86  ? -7.383  -11.939 2.027   1.00 20.82 ?  602 GLY A C   1 
ATOM   606 O O   . GLY A 1 86  ? -7.961  -13.035 2.024   1.00 24.13 ?  602 GLY A O   1 
ATOM   607 N N   . GLU A 1 87  ? -6.620  -11.503 1.022   1.00 17.45 ?  603 GLU A N   1 
ATOM   608 C CA  . GLU A 1 87  ? -6.377  -12.310 -0.159  1.00 19.60 ?  603 GLU A CA  1 
ATOM   609 C C   . GLU A 1 87  ? -5.264  -13.330 0.093   1.00 24.67 ?  603 GLU A C   1 
ATOM   610 O O   . GLU A 1 87  ? -4.504  -13.220 1.058   1.00 23.66 ?  603 GLU A O   1 
ATOM   611 C CB  . GLU A 1 87  ? -6.019  -11.414 -1.373  1.00 20.61 ?  603 GLU A CB  1 
ATOM   612 C CG  . GLU A 1 87  ? -7.054  -10.289 -1.723  1.00 21.43 ?  603 GLU A CG  1 
ATOM   613 C CD  . GLU A 1 87  ? -8.422  -10.788 -2.232  1.00 36.13 ?  603 GLU A CD  1 
ATOM   614 O OE1 . GLU A 1 87  ? -9.377  -9.970  -2.304  1.00 31.18 ?  603 GLU A OE1 1 
ATOM   615 O OE2 . GLU A 1 87  ? -8.547  -11.975 -2.582  1.00 33.95 -1 603 GLU A OE2 1 
ATOM   616 N N   . ASN A 1 88  ? -5.168  -14.355 -0.750  1.00 20.71 ?  604 ASN A N   1 
ATOM   617 C CA  . ASN A 1 88  ? -4.103  -15.333 -0.543  1.00 18.16 ?  604 ASN A CA  1 
ATOM   618 C C   . ASN A 1 88  ? -2.775  -14.862 -1.118  1.00 17.68 ?  604 ASN A C   1 
ATOM   619 O O   . ASN A 1 88  ? -2.710  -13.858 -1.838  1.00 20.62 ?  604 ASN A O   1 
ATOM   620 C CB  . ASN A 1 88  ? -4.502  -16.726 -1.098  1.00 19.35 ?  604 ASN A CB  1 
ATOM   621 C CG  . ASN A 1 88  ? -4.654  -16.770 -2.623  1.00 25.23 ?  604 ASN A CG  1 
ATOM   622 O OD1 . ASN A 1 88  ? -3.815  -16.277 -3.369  1.00 25.12 ?  604 ASN A OD1 1 
ATOM   623 N ND2 . ASN A 1 88  ? -5.721  -17.415 -3.081  1.00 24.00 ?  604 ASN A ND2 1 
ATOM   624 N N   . HIS A 1 89  ? -1.697  -15.538 -0.731  1.00 17.85 ?  605 HIS A N   1 
ATOM   625 C CA  . HIS A 1 89  ? -0.348  -15.062 -1.071  1.00 18.88 ?  605 HIS A CA  1 
ATOM   626 C C   . HIS A 1 89  ? -0.167  -14.934 -2.575  1.00 18.09 ?  605 HIS A C   1 
ATOM   627 O O   . HIS A 1 89  ? 0.397   -13.960 -3.050  1.00 19.75 ?  605 HIS A O   1 
ATOM   628 C CB  . HIS A 1 89  ? 0.778   -15.983 -0.558  1.00 19.55 ?  605 HIS A CB  1 
ATOM   629 C CG  . HIS A 1 89  ? 0.781   -16.185 0.923   1.00 21.68 ?  605 HIS A CG  1 
ATOM   630 N ND1 . HIS A 1 89  ? 0.435   -15.191 1.817   1.00 23.11 ?  605 HIS A ND1 1 
ATOM   631 C CD2 . HIS A 1 89  ? 1.084   -17.274 1.671   1.00 21.55 ?  605 HIS A CD2 1 
ATOM   632 C CE1 . HIS A 1 89  ? 0.486   -15.671 3.048   1.00 26.11 ?  605 HIS A CE1 1 
ATOM   633 N NE2 . HIS A 1 89  ? 0.905   -16.923 2.990   1.00 26.54 ?  605 HIS A NE2 1 
ATOM   634 N N   . GLN A 1 90  ? -0.636  -15.941 -3.321  1.00 20.12 ?  606 GLN A N   1 
ATOM   635 C CA  . GLN A 1 90  ? -0.417  -15.907 -4.752  1.00 19.44 ?  606 GLN A CA  1 
ATOM   636 C C   . GLN A 1 90  ? -1.151  -14.731 -5.369  1.00 21.39 ?  606 GLN A C   1 
ATOM   637 O O   . GLN A 1 90  ? -0.591  -14.038 -6.216  1.00 22.41 ?  606 GLN A O   1 
ATOM   638 C CB  . GLN A 1 90  ? -0.855  -17.206 -5.408  1.00 21.18 ?  606 GLN A CB  1 
ATOM   639 C CG  . GLN A 1 90  ? -0.879  -17.083 -6.909  1.00 20.90 ?  606 GLN A CG  1 
ATOM   640 C CD  . GLN A 1 90  ? -1.018  -18.433 -7.522  1.00 25.46 ?  606 GLN A CD  1 
ATOM   641 O OE1 . GLN A 1 90  ? -2.140  -18.927 -7.745  1.00 33.93 ?  606 GLN A OE1 1 
ATOM   642 N NE2 . GLN A 1 90  ? 0.100   -19.075 -7.749  1.00 19.72 ?  606 GLN A NE2 1 
ATOM   643 N N   . ASP A 1 91  ? -2.384  -14.479 -4.937  1.00 19.41 ?  607 ASP A N   1 
ATOM   644 C CA  . ASP A 1 91  ? -3.131  -13.389 -5.534  1.00 21.45 ?  607 ASP A CA  1 
ATOM   645 C C   . ASP A 1 91  ? -2.479  -12.035 -5.222  1.00 21.22 ?  607 ASP A C   1 
ATOM   646 O O   . ASP A 1 91  ? -2.374  -11.178 -6.103  1.00 23.12 ?  607 ASP A O   1 
ATOM   647 C CB  . ASP A 1 91  ? -4.577  -13.417 -5.077  1.00 23.39 ?  607 ASP A CB  1 
ATOM   648 C CG  . ASP A 1 91  ? -5.372  -14.553 -5.736  1.00 30.53 ?  607 ASP A CG  1 
ATOM   649 O OD1 . ASP A 1 91  ? -4.888  -15.147 -6.736  1.00 28.01 ?  607 ASP A OD1 1 
ATOM   650 O OD2 . ASP A 1 91  ? -6.491  -14.837 -5.252  1.00 29.57 -1 607 ASP A OD2 1 
ATOM   651 N N   . VAL A 1 92  ? -2.031  -11.838 -3.984  1.00 18.97 ?  608 VAL A N   1 
ATOM   652 C CA  . VAL A 1 92  ? -1.319  -10.595 -3.669  1.00 17.51 ?  608 VAL A CA  1 
ATOM   653 C C   . VAL A 1 92  ? -0.075  -10.411 -4.526  1.00 21.75 ?  608 VAL A C   1 
ATOM   654 O O   . VAL A 1 92  ? 0.110   -9.342  -5.094  1.00 22.28 ?  608 VAL A O   1 
ATOM   655 C CB  . VAL A 1 92  ? -0.966  -10.544 -2.175  1.00 19.23 ?  608 VAL A CB  1 
ATOM   656 C CG1 . VAL A 1 92  ? -0.088  -9.339  -1.852  1.00 21.34 ?  608 VAL A CG1 1 
ATOM   657 C CG2 . VAL A 1 92  ? -2.275  -10.469 -1.354  1.00 21.71 ?  608 VAL A CG2 1 
ATOM   658 N N   . VAL A 1 93  ? 0.757   -11.439 -4.628  1.00 20.04 ?  609 VAL A N   1 
ATOM   659 C CA  . VAL A 1 93  ? 1.983   -11.334 -5.419  1.00 20.24 ?  609 VAL A CA  1 
ATOM   660 C C   . VAL A 1 93  ? 1.669   -11.042 -6.879  1.00 22.15 ?  609 VAL A C   1 
ATOM   661 O O   . VAL A 1 93  ? 2.309   -10.155 -7.481  1.00 25.07 ?  609 VAL A O   1 
ATOM   662 C CB  . VAL A 1 93  ? 2.811   -12.617 -5.298  1.00 22.65 ?  609 VAL A CB  1 
ATOM   663 C CG1 . VAL A 1 93  ? 3.964   -12.596 -6.296  1.00 31.77 ?  609 VAL A CG1 1 
ATOM   664 C CG2 . VAL A 1 93  ? 3.314   -12.755 -3.877  1.00 25.76 ?  609 VAL A CG2 1 
ATOM   665 N N   . ASN A 1 94  ? 0.687   -11.743 -7.432  1.00 24.19 ?  610 ASN A N   1 
ATOM   666 C CA  . ASN A 1 94  ? 0.335   -11.537 -8.830  1.00 24.60 ?  610 ASN A CA  1 
ATOM   667 C C   . ASN A 1 94  ? -0.246  -10.155 -9.077  1.00 29.04 ?  610 ASN A C   1 
ATOM   668 O O   . ASN A 1 94  ? 0.094   -9.509  -10.064 1.00 29.16 ?  610 ASN A O   1 
ATOM   669 C CB  . ASN A 1 94  ? -0.633  -12.600 -9.304  1.00 26.71 ?  610 ASN A CB  1 
ATOM   670 C CG  . ASN A 1 94  ? 0.059   -13.896 -9.645  1.00 25.45 ?  610 ASN A CG  1 
ATOM   671 O OD1 . ASN A 1 94  ? 1.260   -13.927 -9.853  1.00 31.40 ?  610 ASN A OD1 1 
ATOM   672 N ND2 . ASN A 1 94  ? -0.697  -14.973 -9.698  1.00 25.26 ?  610 ASN A ND2 1 
ATOM   673 N N   . ILE A 1 95  ? -1.084  -9.676  -8.164  1.00 22.75 ?  611 ILE A N   1 
ATOM   674 C CA  . ILE A 1 95  ? -1.631  -8.328  -8.316  1.00 24.92 ?  611 ILE A CA  1 
ATOM   675 C C   . ILE A 1 95  ? -0.488  -7.286  -8.317  1.00 29.05 ?  611 ILE A C   1 
ATOM   676 O O   . ILE A 1 95  ? -0.449  -6.399  -9.174  1.00 29.38 ?  611 ILE A O   1 
ATOM   677 C CB  . ILE A 1 95  ? -2.656  -8.006  -7.203  1.00 22.26 ?  611 ILE A CB  1 
ATOM   678 C CG1 . ILE A 1 95  ? -3.976  -8.781  -7.432  1.00 24.38 ?  611 ILE A CG1 1 
ATOM   679 C CG2 . ILE A 1 95  ? -2.951  -6.490  -7.194  1.00 25.86 ?  611 ILE A CG2 1 
ATOM   680 C CD1 . ILE A 1 95  ? -4.887  -8.941  -6.185  1.00 22.79 ?  611 ILE A CD1 1 
ATOM   681 N N   . LEU A 1 96  ? 0.456   -7.374  -7.375  1.00 22.44 ?  612 LEU A N   1 
ATOM   682 C CA  . LEU A 1 96  ? 1.556   -6.407  -7.320  1.00 23.83 ?  612 LEU A CA  1 
ATOM   683 C C   . LEU A 1 96  ? 2.410   -6.472  -8.595  1.00 29.41 ?  612 LEU A C   1 
ATOM   684 O O   . LEU A 1 96  ? 2.849   -5.444  -9.128  1.00 28.46 ?  612 LEU A O   1 
ATOM   685 C CB  . LEU A 1 96  ? 2.438   -6.642  -6.085  1.00 24.33 ?  612 LEU A CB  1 
ATOM   686 C CG  . LEU A 1 96  ? 1.687   -6.434  -4.764  1.00 22.26 ?  612 LEU A CG  1 
ATOM   687 C CD1 . LEU A 1 96  ? 2.551   -6.880  -3.601  1.00 25.23 ?  612 LEU A CD1 1 
ATOM   688 C CD2 . LEU A 1 96  ? 1.275   -4.970  -4.569  1.00 22.95 ?  612 LEU A CD2 1 
ATOM   689 N N   . LYS A 1 97  ? 2.647   -7.681  -9.091  1.00 26.26 ?  613 LYS A N   1 
ATOM   690 C CA  . LYS A 1 97  ? 3.505   -7.826  -10.287 1.00 25.58 ?  613 LYS A CA  1 
ATOM   691 C C   . LYS A 1 97  ? 2.905   -7.175  -11.521 1.00 30.64 ?  613 LYS A C   1 
ATOM   692 O O   . LYS A 1 97  ? 3.632   -6.717  -12.407 1.00 38.13 ?  613 LYS A O   1 
ATOM   693 C CB  . LYS A 1 97  ? 3.770   -9.307  -10.585 1.00 33.94 ?  613 LYS A CB  1 
ATOM   694 C CG  . LYS A 1 97  ? 4.810   -9.923  -9.674  1.00 37.45 ?  613 LYS A CG  1 
ATOM   695 N N   . GLU A 1 98  ? 1.590   -7.156  -11.603 1.00 29.04 ?  614 GLU A N   1 
ATOM   696 C CA  . GLU A 1 98  ? 0.881   -6.689  -12.789 1.00 28.97 ?  614 GLU A CA  1 
ATOM   697 C C   . GLU A 1 98  ? 0.586   -5.199  -12.778 1.00 30.03 ?  614 GLU A C   1 
ATOM   698 O O   . GLU A 1 98  ? -0.103  -4.693  -13.667 1.00 32.76 ?  614 GLU A O   1 
ATOM   699 C CB  . GLU A 1 98  ? -0.440  -7.444  -12.941 1.00 34.51 ?  614 GLU A CB  1 
ATOM   700 C CG  . GLU A 1 98  ? -0.273  -8.924  -13.285 1.00 42.05 ?  614 GLU A CG  1 
ATOM   701 N N   . LEU A 1 99  ? 1.049   -4.505  -11.746 1.00 28.26 ?  615 LEU A N   1 
ATOM   702 C CA  . LEU A 1 99  ? 0.781   -3.075  -11.637 1.00 28.79 ?  615 LEU A CA  1 
ATOM   703 C C   . LEU A 1 99  ? 1.455   -2.286  -12.763 1.00 26.68 ?  615 LEU A C   1 
ATOM   704 O O   . LEU A 1 99  ? 2.572   -2.595  -13.161 1.00 30.41 ?  615 LEU A O   1 
ATOM   705 C CB  . LEU A 1 99  ? 1.274   -2.549  -10.283 1.00 27.94 ?  615 LEU A CB  1 
ATOM   706 C CG  . LEU A 1 99  ? 0.372   -3.001  -9.137  1.00 26.27 ?  615 LEU A CG  1 
ATOM   707 C CD1 . LEU A 1 99  ? 1.043   -2.657  -7.839  1.00 29.13 ?  615 LEU A CD1 1 
ATOM   708 C CD2 . LEU A 1 99  ? -0.997  -2.323  -9.254  1.00 25.71 ?  615 LEU A CD2 1 
ATOM   709 N N   . PRO A 1 100 ? 0.771   -1.243  -13.251 1.00 26.31 ?  616 PRO A N   1 
ATOM   710 C CA  . PRO A 1 100 ? 1.393   -0.285  -14.174 1.00 31.44 ?  616 PRO A CA  1 
ATOM   711 C C   . PRO A 1 100 ? 2.409   0.616   -13.474 1.00 32.70 ?  616 PRO A C   1 
ATOM   712 O O   . PRO A 1 100 ? 2.640   0.473   -12.273 1.00 31.22 ?  616 PRO A O   1 
ATOM   713 C CB  . PRO A 1 100 ? 0.202   0.527   -14.653 1.00 26.22 ?  616 PRO A CB  1 
ATOM   714 C CG  . PRO A 1 100 ? -0.654  0.618   -13.411 1.00 30.48 ?  616 PRO A CG  1 
ATOM   715 C CD  . PRO A 1 100 ? -0.585  -0.812  -12.856 1.00 28.91 ?  616 PRO A CD  1 
ATOM   716 N N   . ILE A 1 101 ? 3.021   1.541   -14.210 1.00 33.57 ?  617 ILE A N   1 
ATOM   717 C CA  . ILE A 1 101 ? 4.018   2.439   -13.647 1.00 30.70 ?  617 ILE A CA  1 
ATOM   718 C C   . ILE A 1 101 ? 3.533   3.269   -12.454 1.00 31.46 ?  617 ILE A C   1 
ATOM   719 O O   . ILE A 1 101 ? 4.239   3.400   -11.447 1.00 33.14 ?  617 ILE A O   1 
ATOM   720 C CB  . ILE A 1 101 ? 4.517   3.406   -14.741 1.00 35.14 ?  617 ILE A CB  1 
ATOM   721 C CG1 . ILE A 1 101 ? 5.370   2.633   -15.720 1.00 41.85 ?  617 ILE A CG1 1 
ATOM   722 C CG2 . ILE A 1 101 ? 5.299   4.554   -14.134 1.00 39.88 ?  617 ILE A CG2 1 
ATOM   723 C CD1 . ILE A 1 101 ? 6.610   2.171   -15.099 1.00 45.38 ?  617 ILE A CD1 1 
ATOM   724 N N   . ASP A 1 102 ? 2.335   3.832   -12.579 1.00 28.83 ?  618 ASP A N   1 
ATOM   725 C CA  . ASP A 1 102 ? 1.785   4.697   -11.543 1.00 30.34 ?  618 ASP A CA  1 
ATOM   726 C C   . ASP A 1 102 ? 0.874   3.906   -10.622 1.00 28.15 ?  618 ASP A C   1 
ATOM   727 O O   . ASP A 1 102 ? -0.094  3.311   -11.080 1.00 25.83 ?  618 ASP A O   1 
ATOM   728 C CB  . ASP A 1 102 ? 1.028   5.863   -12.175 1.00 34.79 ?  618 ASP A CB  1 
ATOM   729 C CG  . ASP A 1 102 ? 1.957   6.837   -12.897 1.00 50.05 ?  618 ASP A CG  1 
ATOM   730 O OD1 . ASP A 1 102 ? 3.074   7.105   -12.383 1.00 45.77 ?  618 ASP A OD1 1 
ATOM   731 O OD2 . ASP A 1 102 ? 1.573   7.324   -13.983 1.00 69.98 -1 618 ASP A OD2 1 
ATOM   732 N N   . VAL A 1 103 ? 1.164   3.942   -9.323  1.00 23.81 ?  619 VAL A N   1 
ATOM   733 C CA  . VAL A 1 103 ? 0.453   3.100   -8.371  1.00 24.46 ?  619 VAL A CA  1 
ATOM   734 C C   . VAL A 1 103 ? -0.042  3.922   -7.195  1.00 24.74 ?  619 VAL A C   1 
ATOM   735 O O   . VAL A 1 103 ? 0.711   4.708   -6.625  1.00 27.57 ?  619 VAL A O   1 
ATOM   736 C CB  . VAL A 1 103 ? 1.361   1.975   -7.831  1.00 27.11 ?  619 VAL A CB  1 
ATOM   737 C CG1 . VAL A 1 103 ? 0.577   1.088   -6.860  1.00 31.24 ?  619 VAL A CG1 1 
ATOM   738 C CG2 . VAL A 1 103 ? 1.904   1.152   -9.003  1.00 26.41 ?  619 VAL A CG2 1 
ATOM   739 N N   . THR A 1 104 ? -1.298  3.754   -6.839  1.00 23.02 ?  620 THR A N   1 
ATOM   740 C CA  . THR A 1 104 ? -1.800  4.330   -5.605  1.00 22.63 ?  620 THR A CA  1 
ATOM   741 C C   . THR A 1 104 ? -1.944  3.207   -4.598  1.00 24.21 ?  620 THR A C   1 
ATOM   742 O O   . THR A 1 104 ? -2.738  2.305   -4.819  1.00 24.45 ?  620 THR A O   1 
ATOM   743 C CB  . THR A 1 104 ? -3.163  5.009   -5.835  1.00 27.75 ?  620 THR A CB  1 
ATOM   744 O OG1 . THR A 1 104 ? -2.960  6.093   -6.759  1.00 29.92 ?  620 THR A OG1 1 
ATOM   745 C CG2 . THR A 1 104 ? -3.734  5.563   -4.503  1.00 25.69 ?  620 THR A CG2 1 
ATOM   746 N N   . MET A 1 105 ? -1.186  3.269   -3.504  1.00 21.71 ?  621 MET A N   1 
ATOM   747 C CA  . MET A 1 105 ? -1.150  2.182   -2.531  1.00 20.75 ?  621 MET A CA  1 
ATOM   748 C C   . MET A 1 105 ? -1.874  2.648   -1.322  1.00 19.68 ?  621 MET A C   1 
ATOM   749 O O   . MET A 1 105 ? -1.628  3.771   -0.871  1.00 24.47 ?  621 MET A O   1 
ATOM   750 C CB  . MET A 1 105 ? 0.294   1.830   -2.153  1.00 20.30 ?  621 MET A CB  1 
ATOM   751 C CG  . MET A 1 105 ? 1.116   1.371   -3.329  1.00 27.16 ?  621 MET A CG  1 
ATOM   752 S SD  . MET A 1 105 ? 2.777   0.861   -2.799  1.00 29.51 ?  621 MET A SD  1 
ATOM   753 C CE  . MET A 1 105 ? 2.348   -0.464  -1.653  1.00 24.13 ?  621 MET A CE  1 
ATOM   754 N N   . VAL A 1 106 ? -2.740  1.809   -0.751  1.00 16.74 ?  622 VAL A N   1 
ATOM   755 C CA  . VAL A 1 106 ? -3.316  2.117   0.547   1.00 17.86 ?  622 VAL A CA  1 
ATOM   756 C C   . VAL A 1 106 ? -2.793  1.092   1.525   1.00 21.79 ?  622 VAL A C   1 
ATOM   757 O O   . VAL A 1 106 ? -2.901  -0.115  1.263   1.00 21.50 ?  622 VAL A O   1 
ATOM   758 C CB  . VAL A 1 106 ? -4.869  2.047   0.555   1.00 22.19 ?  622 VAL A CB  1 
ATOM   759 C CG1 . VAL A 1 106 ? -5.448  2.414   1.976   1.00 21.56 ?  622 VAL A CG1 1 
ATOM   760 C CG2 . VAL A 1 106 ? -5.463  2.923   -0.561  1.00 22.76 ?  622 VAL A CG2 1 
ATOM   761 N N   . CYS A 1 107 ? -2.241  1.567   2.638   1.00 19.05 ?  623 CYS A N   1 
ATOM   762 C CA  . CYS A 1 107 ? -1.723  0.681   3.698   1.00 19.45 ?  623 CYS A CA  1 
ATOM   763 C C   . CYS A 1 107 ? -2.216  1.121   5.048   1.00 17.88 ?  623 CYS A C   1 
ATOM   764 O O   . CYS A 1 107 ? -2.849  2.176   5.177   1.00 18.53 ?  623 CYS A O   1 
ATOM   765 C CB  . CYS A 1 107 ? -0.190  0.696   3.748   1.00 17.08 ?  623 CYS A CB  1 
ATOM   766 S SG  . CYS A 1 107 ? 0.609   0.113   2.215   1.00 23.75 ?  623 CYS A SG  1 
ATOM   767 N N   . CYS A 1 108 ? -1.926  0.337   6.085   1.00 17.80 ?  624 CYS A N   1 
ATOM   768 C CA  . CYS A 1 108 ? -2.227  0.826   7.446   1.00 16.50 ?  624 CYS A CA  1 
ATOM   769 C C   . CYS A 1 108 ? -1.212  0.362   8.452   1.00 19.13 ?  624 CYS A C   1 
ATOM   770 O O   . CYS A 1 108 ? -0.359  -0.504  8.169   1.00 19.40 ?  624 CYS A O   1 
ATOM   771 C CB  . CYS A 1 108 ? -3.628  0.386   7.896   1.00 18.34 ?  624 CYS A CB  1 
ATOM   772 S SG  . CYS A 1 108 ? -3.822  -1.406  8.013   1.00 20.88 ?  624 CYS A SG  1 
ATOM   773 N N   . ARG A 1 109 ? -1.218  1.012   9.609   1.00 17.16 ?  625 ARG A N   1 
ATOM   774 C CA  . ARG A 1 109 ? -0.355  0.560   10.719  1.00 20.96 ?  625 ARG A CA  1 
ATOM   775 C C   . ARG A 1 109 ? -1.190  0.662   12.003  1.00 21.49 ?  625 ARG A C   1 
ATOM   776 O O   . ARG A 1 109 ? -2.082  1.481   12.079  1.00 19.76 ?  625 ARG A O   1 
ATOM   777 C CB  . ARG A 1 109 ? 0.959   1.375   10.806  1.00 20.60 ?  625 ARG A CB  1 
ATOM   778 C CG  . ARG A 1 109 ? 0.776   2.901   10.964  1.00 24.69 ?  625 ARG A CG  1 
ATOM   779 C CD  . ARG A 1 109 ? 2.165   3.619   10.860  1.00 21.94 ?  625 ARG A CD  1 
ATOM   780 N NE  . ARG A 1 109 ? 2.649   3.613   9.492   1.00 22.79 ?  625 ARG A NE  1 
ATOM   781 C CZ  . ARG A 1 109 ? 2.757   4.673   8.701   1.00 25.18 ?  625 ARG A CZ  1 
ATOM   782 N NH1 . ARG A 1 109 ? 3.201   4.506   7.462   1.00 21.88 ?  625 ARG A NH1 1 
ATOM   783 N NH2 . ARG A 1 109 ? 2.452   5.889   9.148   1.00 26.62 ?  625 ARG A NH2 1 
ATOM   784 N N   . ARG A 1 110 ? -0.920  -0.188  12.981  1.00 20.60 ?  626 ARG A N   1 
ATOM   785 C CA  . ARG A 1 110 ? -1.654  -0.097  14.251  1.00 20.77 ?  626 ARG A CA  1 
ATOM   786 C C   . ARG A 1 110 ? -1.271  1.226   14.944  1.00 23.01 ?  626 ARG A C   1 
ATOM   787 O O   . ARG A 1 110 ? -0.134  1.677   14.851  1.00 23.14 ?  626 ARG A O   1 
ATOM   788 C CB  . ARG A 1 110 ? -1.331  -1.310  15.124  1.00 24.04 ?  626 ARG A CB  1 
ATOM   789 C CG  . ARG A 1 110 ? -1.992  -2.594  14.706  1.00 33.01 ?  626 ARG A CG  1 
ATOM   790 N N   . THR A 1 111 ? -2.216  1.855   15.654  1.00 21.57 ?  627 THR A N   1 
ATOM   791 C CA  . THR A 1 111 ? -1.917  3.146   16.247  1.00 21.06 ?  627 THR A CA  1 
ATOM   792 C C   . THR A 1 111 ? -2.490  3.210   17.658  1.00 22.11 ?  627 THR A C   1 
ATOM   793 O O   . THR A 1 111 ? -3.169  2.290   18.075  1.00 25.24 ?  627 THR A O   1 
ATOM   794 C CB  . THR A 1 111 ? -2.452  4.288   15.369  1.00 23.58 ?  627 THR A CB  1 
ATOM   795 O OG1 . THR A 1 111 ? -1.935  5.554   15.805  1.00 31.99 ?  627 THR A OG1 1 
ATOM   796 C CG2 . THR A 1 111 ? -3.982  4.303   15.352  1.00 22.77 ?  627 THR A CG2 1 
ATOM   797 N N   . VAL A 1 112 ? -2.095  4.281   18.347  1.00 24.84 ?  628 VAL A N   1 
ATOM   798 C CA  . VAL A 1 112 ? -2.529  4.672   19.699  1.00 34.61 ?  628 VAL A CA  1 
ATOM   799 C C   . VAL A 1 112 ? -2.892  6.157   19.685  1.00 37.73 ?  628 VAL A C   1 
ATOM   800 O O   . VAL A 1 112 ? -2.197  6.967   19.041  1.00 42.62 ?  628 VAL A O   1 
ATOM   801 C CB  . VAL A 1 112 ? -1.414  4.512   20.754  1.00 28.40 ?  628 VAL A CB  1 
ATOM   802 C CG1 . VAL A 1 112 ? -1.950  4.804   22.149  1.00 42.58 ?  628 VAL A CG1 1 
ATOM   803 C CG2 . VAL A 1 112 ? -0.814  3.150   20.728  1.00 28.01 ?  628 VAL A CG2 1 
ATOM   804 N N   . PRO A 1 113 ? -3.958  6.540   20.412  1.00 48.19 ?  629 PRO A N   1 
ATOM   805 C CA  . PRO A 1 113 ? -4.048  7.985   20.690  1.00 40.03 ?  629 PRO A CA  1 
ATOM   806 C C   . PRO A 1 113 ? -3.081  8.397   21.847  1.00 25.56 ?  629 PRO A C   1 
ATOM   807 O O   . PRO A 1 113 ? -2.668  9.554   21.960  1.00 43.14 ?  629 PRO A O   1 
ATOM   808 C CB  . PRO A 1 113 ? -5.530  8.187   21.054  1.00 43.51 ?  629 PRO A CB  1 
ATOM   809 C CG  . PRO A 1 113 ? -6.056  6.805   21.444  1.00 43.58 ?  629 PRO A CG  1 
ATOM   810 C CD  . PRO A 1 113 ? -5.190  5.791   20.742  1.00 52.02 ?  629 PRO A CD  1 
HETATM 811 N N1  . IMD B 2 .   ? 11.450  6.678   5.765   0.36 23.55 ?  701 IMD A N1  1 
HETATM 812 C C2  . IMD B 2 .   ? 11.430  5.363   6.112   0.36 25.65 ?  701 IMD A C2  1 
HETATM 813 N N3  . IMD B 2 .   ? 10.463  4.727   5.399   0.36 21.89 ?  701 IMD A N3  1 
HETATM 814 C C4  . IMD B 2 .   ? 9.852   5.657   4.624   0.36 24.01 ?  701 IMD A C4  1 
HETATM 815 C C5  . IMD B 2 .   ? 10.474  6.888   4.844   0.36 22.12 ?  701 IMD A C5  1 
HETATM 816 O O   . HOH C 3 .   ? 2.062   7.365   11.738  1.00 45.37 ?  801 HOH A O   1 
HETATM 817 O O   . HOH C 3 .   ? -2.894  11.152  2.771   1.00 55.77 ?  802 HOH A O   1 
HETATM 818 O O   . HOH C 3 .   ? 12.791  -0.634  5.816   1.00 38.52 ?  803 HOH A O   1 
HETATM 819 O O   . HOH C 3 .   ? 12.393  -3.076  -9.146  1.00 42.33 ?  804 HOH A O   1 
HETATM 820 O O   . HOH C 3 .   ? 19.217  -2.133  -3.606  1.00 30.36 ?  805 HOH A O   1 
HETATM 821 O O   . HOH C 3 .   ? 14.477  7.881   -0.992  1.00 41.21 ?  806 HOH A O   1 
HETATM 822 O O   . HOH C 3 .   ? 0.371   -20.604 -9.901  1.00 23.90 ?  807 HOH A O   1 
HETATM 823 O O   . HOH C 3 .   ? 11.884  9.441   0.588   1.00 31.59 ?  808 HOH A O   1 
HETATM 824 O O   . HOH C 3 .   ? 1.348   3.825   14.304  1.00 30.52 ?  809 HOH A O   1 
HETATM 825 O O   . HOH C 3 .   ? 8.228   5.140   1.845   1.00 23.86 ?  810 HOH A O   1 
HETATM 826 O O   . HOH C 3 .   ? 17.277  4.174   -7.509  1.00 36.74 ?  811 HOH A O   1 
HETATM 827 O O   . HOH C 3 .   ? 4.800   0.271   10.308  1.00 27.37 ?  812 HOH A O   1 
HETATM 828 O O   . HOH C 3 .   ? -8.845  3.762   10.697  1.00 30.08 ?  813 HOH A O   1 
HETATM 829 O O   . HOH C 3 .   ? -13.738 13.056  -0.267  1.00 44.26 ?  814 HOH A O   1 
HETATM 830 O O   . HOH C 3 .   ? 15.672  -5.622  2.006   1.00 34.18 ?  815 HOH A O   1 
HETATM 831 O O   . HOH C 3 .   ? -2.040  -3.664  10.343  1.00 28.63 ?  816 HOH A O   1 
HETATM 832 O O   . HOH C 3 .   ? -1.759  8.699   7.672   1.00 41.42 ?  817 HOH A O   1 
HETATM 833 O O   . HOH C 3 .   ? 0.196   6.209   14.148  1.00 38.99 ?  818 HOH A O   1 
HETATM 834 O O   . HOH C 3 .   ? 1.078   -17.816 5.618   1.00 42.36 ?  819 HOH A O   1 
HETATM 835 O O   . HOH C 3 .   ? 3.134   7.808   6.659   1.00 31.31 ?  820 HOH A O   1 
HETATM 836 O O   . HOH C 3 .   ? -9.987  -0.962  14.791  1.00 22.85 ?  821 HOH A O   1 
HETATM 837 O O   . HOH C 3 .   ? 11.471  -4.071  -6.412  1.00 43.15 ?  822 HOH A O   1 
HETATM 838 O O   . HOH C 3 .   ? -1.776  9.342   3.426   1.00 38.52 ?  823 HOH A O   1 
HETATM 839 O O   . HOH C 3 .   ? 8.519   0.995   11.262  1.00 42.02 ?  824 HOH A O   1 
HETATM 840 O O   . HOH C 3 .   ? -3.335  -14.817 10.444  1.00 46.81 ?  825 HOH A O   1 
HETATM 841 O O   . HOH C 3 .   ? -6.262  7.042   9.479   1.00 34.57 ?  826 HOH A O   1 
HETATM 842 O O   . HOH C 3 .   ? 20.523  2.247   0.687   1.00 25.18 ?  827 HOH A O   1 
HETATM 843 O O   . HOH C 3 .   ? -7.985  -18.266 -1.444  1.00 30.46 ?  828 HOH A O   1 
HETATM 844 O O   . HOH C 3 .   ? -4.667  -18.040 -6.286  1.00 34.62 ?  829 HOH A O   1 
HETATM 845 O O   . HOH C 3 .   ? 17.613  6.984   -4.933  1.00 45.84 ?  830 HOH A O   1 
HETATM 846 O O   . HOH C 3 .   ? 14.741  1.455   5.237   1.00 44.33 ?  831 HOH A O   1 
HETATM 847 O O   . HOH C 3 .   ? 0.019   -17.527 -11.129 1.00 32.40 ?  832 HOH A O   1 
HETATM 848 O O   . HOH C 3 .   ? 10.837  1.866   6.670   1.00 29.89 ?  833 HOH A O   1 
HETATM 849 O O   . HOH C 3 .   ? 3.329   -5.387  11.300  1.00 40.65 ?  834 HOH A O   1 
HETATM 850 O O   . HOH C 3 .   ? -9.589  -14.238 4.281   1.00 41.80 ?  835 HOH A O   1 
HETATM 851 O O   . HOH C 3 .   ? -18.100 -0.269  8.726   1.00 33.88 ?  836 HOH A O   1 
HETATM 852 O O   . HOH C 3 .   ? 4.847   -7.102  10.341  1.00 54.26 ?  837 HOH A O   1 
HETATM 853 O O   . HOH C 3 .   ? -11.508 -4.271  11.440  1.00 47.92 ?  838 HOH A O   1 
HETATM 854 O O   . HOH C 3 .   ? 8.069   -2.882  11.828  1.00 49.41 ?  839 HOH A O   1 
HETATM 855 O O   . HOH C 3 .   ? -14.386 11.278  1.906   1.00 53.44 ?  840 HOH A O   1 
HETATM 856 O O   . HOH C 3 .   ? -3.367  -19.566 -4.274  1.00 27.02 ?  841 HOH A O   1 
HETATM 857 O O   . HOH C 3 .   ? -4.497  -17.485 -9.898  1.00 52.10 ?  842 HOH A O   1 
HETATM 858 O O   . HOH C 3 .   ? 12.784  -0.535  -8.861  1.00 42.43 ?  843 HOH A O   1 
HETATM 859 O O   . HOH C 3 .   ? 16.715  -3.784  3.724   1.00 34.01 ?  844 HOH A O   1 
HETATM 860 O O   . HOH C 3 .   ? -1.798  -5.654  12.364  1.00 40.91 ?  845 HOH A O   1 
HETATM 861 O O   . HOH C 3 .   ? -3.088  -7.306  4.263   1.00 20.39 ?  846 HOH A O   1 
HETATM 862 O O   . HOH C 3 .   ? 11.649  1.432   -2.231  1.00 23.95 ?  847 HOH A O   1 
HETATM 863 O O   . HOH C 3 .   ? -7.184  -14.371 -2.774  1.00 24.36 ?  848 HOH A O   1 
HETATM 864 O O   . HOH C 3 .   ? 7.703   6.723   -6.166  1.00 25.96 ?  849 HOH A O   1 
HETATM 865 O O   . HOH C 3 .   ? -8.562  -8.557  -5.113  1.00 30.93 ?  850 HOH A O   1 
HETATM 866 O O   . HOH C 3 .   ? -3.739  -9.481  2.714   1.00 24.49 ?  851 HOH A O   1 
HETATM 867 O O   . HOH C 3 .   ? 0.850   4.178   -15.124 1.00 38.76 ?  852 HOH A O   1 
HETATM 868 O O   . HOH C 3 .   ? 5.004   -3.947  -9.371  1.00 37.75 ?  853 HOH A O   1 
HETATM 869 O O   . HOH C 3 .   ? 9.214   -10.127 -0.786  1.00 35.37 ?  854 HOH A O   1 
HETATM 870 O O   . HOH C 3 .   ? -2.639  -5.545  -10.872 1.00 37.49 ?  855 HOH A O   1 
HETATM 871 O O   . HOH C 3 .   ? -10.547 -2.470  -2.767  1.00 43.76 ?  856 HOH A O   1 
HETATM 872 O O   . HOH C 3 .   ? 10.637  0.145   -10.440 1.00 33.12 ?  857 HOH A O   1 
HETATM 873 O O   . HOH C 3 .   ? -5.925  2.339   -4.598  1.00 32.14 ?  858 HOH A O   1 
HETATM 874 O O   . HOH C 3 .   ? -3.921  -0.955  -12.017 1.00 33.40 ?  859 HOH A O   1 
HETATM 875 O O   . HOH C 3 .   ? -4.956  -6.186  10.192  1.00 38.65 ?  860 HOH A O   1 
HETATM 876 O O   . HOH C 3 .   ? -3.501  -14.669 -8.923  1.00 33.24 ?  861 HOH A O   1 
HETATM 877 O O   . HOH C 3 .   ? -6.859  4.315   -6.301  1.00 39.99 ?  862 HOH A O   1 
HETATM 878 O O   . HOH C 3 .   ? -15.088 6.983   1.072   1.00 42.32 ?  863 HOH A O   1 
HETATM 879 O O   . HOH C 3 .   ? -10.818 2.079   -4.213  1.00 40.72 ?  864 HOH A O   1 
HETATM 880 O O   . HOH C 3 .   ? -6.531  -1.104  -11.264 1.00 38.08 ?  865 HOH A O   1 
HETATM 881 O O   . HOH C 3 .   ? 2.871   9.622   -1.917  1.00 40.24 ?  866 HOH A O   1 
HETATM 882 O O   . HOH C 3 .   ? -15.735 1.459   3.348   1.00 35.10 ?  867 HOH A O   1 
HETATM 883 O O   . HOH C 3 .   ? -16.604 5.419   3.020   1.00 47.04 ?  868 HOH A O   1 
HETATM 884 O O   . HOH C 3 .   ? -11.318 7.796   -4.166  1.00 41.39 ?  869 HOH A O   1 
HETATM 885 O O   . HOH C 3 .   ? 9.531   7.299   -8.019  1.00 41.64 ?  870 HOH A O   1 
HETATM 886 O O   . HOH C 3 .   ? 2.541   1.786   -16.978 1.00 46.60 ?  871 HOH A O   1 
HETATM 887 O O   . HOH C 3 .   ? -5.171  7.936   -7.157  1.00 49.04 ?  872 HOH A O   1 
HETATM 888 O O   . HOH C 3 .   ? 4.044   -4.787  -14.480 1.00 53.97 ?  873 HOH A O   1 
HETATM 889 O O   . HOH C 3 .   ? -4.120  -7.599  -11.440 1.00 40.00 ?  874 HOH A O   1 
HETATM 890 O O   . HOH C 3 .   ? -7.252  6.480   11.891  1.00 48.37 ?  875 HOH A O   1 
HETATM 891 O O   . HOH C 3 .   ? 5.030   11.146  -1.695  1.00 41.43 ?  876 HOH A O   1 
HETATM 892 O O   . HOH C 3 .   ? -2.717  5.000   -9.783  1.00 50.34 ?  877 HOH A O   1 
HETATM 893 O O   . HOH C 3 .   ? -12.832 5.368   -2.654  1.00 49.79 ?  878 HOH A O   1 
HETATM 894 O O   . HOH C 3 .   ? -10.738 -5.692  -5.516  1.00 33.69 ?  879 HOH A O   1 
HETATM 895 O O   . HOH C 3 .   ? -9.394  3.904   -6.316  1.00 49.56 ?  880 HOH A O   1 
HETATM 896 O O   . HOH C 3 .   ? -15.919 9.682   1.368   1.00 52.93 ?  881 HOH A O   1 
HETATM 897 O O   . HOH C 3 .   ? -7.136  -3.309  -12.928 1.00 57.64 ?  882 HOH A O   1 
HETATM 898 O O   . HOH C 3 .   ? -2.007  4.078   -12.971 1.00 54.73 ?  883 HOH A O   1 
HETATM 899 O O   . HOH C 3 .   ? -7.565  -10.909 6.674   1.00 35.27 ?  884 HOH A O   1 
HETATM 900 O O   . HOH C 3 .   ? -11.887 -0.120  -5.431  1.00 42.70 ?  885 HOH A O   1 
HETATM 901 O O   . HOH C 3 .   ? -5.445  9.227   -4.309  1.00 36.58 ?  886 HOH A O   1 
HETATM 902 O O   . HOH C 3 .   ? -5.641  11.458  -5.868  1.00 59.29 ?  887 HOH A O   1 
HETATM 903 O O   . HOH C 3 .   ? -0.886  -1.489  -0.789  1.00 37.62 ?  888 HOH A O   1 
HETATM 904 O O   . HOH C 3 .   ? -1.515  -11.158 11.334  1.00 49.05 ?  889 HOH A O   1 
HETATM 905 O O   . HOH C 3 .   ? -3.049  -3.489  -12.667 1.00 38.53 ?  890 HOH A O   1 
HETATM 906 O O   . HOH C 3 .   ? -7.098  7.117   -5.957  1.00 46.33 ?  891 HOH A O   1 
HETATM 907 O O   . HOH C 3 .   ? -9.497  6.539   -5.793  1.00 54.30 ?  892 HOH A O   1 
HETATM 908 O O   . HOH C 3 .   ? -0.099  10.727  -0.319  1.00 45.09 ?  893 HOH A O   1 
HETATM 909 O O   . HOH C 3 .   ? 8.799   5.928   -14.516 1.00 56.30 ?  894 HOH A O   1 
HETATM 910 O O   . HOH C 3 .   ? 1.182   7.535   -8.630  1.00 41.61 ?  895 HOH A O   1 
HETATM 911 O O   . HOH C 3 .   ? 7.511   -5.111  -6.608  1.00 48.16 ?  896 HOH A O   1 
HETATM 912 O O   . HOH C 3 .   ? 6.300   8.885   -5.160  1.00 49.72 ?  897 HOH A O   1 
HETATM 913 O O   . HOH C 3 .   ? 6.912   -6.223  8.840   1.00 42.15 ?  898 HOH A O   1 
HETATM 914 O O   . HOH C 3 .   ? 8.743   -5.170  -4.765  1.00 40.70 ?  899 HOH A O   1 
# 
loop_
_pdbx_poly_seq_scheme.asym_id 
_pdbx_poly_seq_scheme.entity_id 
_pdbx_poly_seq_scheme.seq_id 
_pdbx_poly_seq_scheme.mon_id 
_pdbx_poly_seq_scheme.ndb_seq_num 
_pdbx_poly_seq_scheme.pdb_seq_num 
_pdbx_poly_seq_scheme.auth_seq_num 
_pdbx_poly_seq_scheme.pdb_mon_id 
_pdbx_poly_seq_scheme.auth_mon_id 
_pdbx_poly_seq_scheme.pdb_strand_id 
_pdbx_poly_seq_scheme.pdb_ins_code 
_pdbx_poly_seq_scheme.hetero 
A 1 1   GLY 1   517 ?   ?   ?   A . n 
A 1 2   PRO 2   518 ?   ?   ?   A . n 
A 1 3   GLY 3   519 ?   ?   ?   A . n 
A 1 4   SER 4   520 520 SER SER A . n 
A 1 5   ALA 5   521 521 ALA ALA A . n 
A 1 6   GLU 6   522 522 GLU GLU A . n 
A 1 7   ASP 7   523 523 ASP ASP A . n 
A 1 8   VAL 8   524 524 VAL VAL A . n 
A 1 9   GLN 9   525 525 GLN GLN A . n 
A 1 10  GLN 10  526 526 GLN GLN A . n 
A 1 11  GLU 11  527 527 GLU GLU A . n 
A 1 12  ALA 12  528 528 ALA ALA A . n 
A 1 13  ALA 13  529 529 ALA ALA A . n 
A 1 14  LEU 14  530 530 LEU LEU A . n 
A 1 15  LEU 15  531 531 LEU LEU A . n 
A 1 16  THR 16  532 532 THR THR A . n 
A 1 17  LYS 17  533 533 LYS LYS A . n 
A 1 18  TRP 18  534 534 TRP TRP A . n 
A 1 19  GLN 19  535 535 GLN GLN A . n 
A 1 20  ARG 20  536 536 ARG ARG A . n 
A 1 21  ILE 21  537 537 ILE ILE A . n 
A 1 22  MET 22  538 538 MET MET A . n 
A 1 23  GLY 23  539 539 GLY GLY A . n 
A 1 24  ILE 24  540 540 ILE ILE A . n 
A 1 25  ASN 25  541 541 ASN ASN A . n 
A 1 26  TYR 26  542 542 TYR TYR A . n 
A 1 27  GLU 27  543 543 GLU GLU A . n 
A 1 28  ILE 28  544 544 ILE ILE A . n 
A 1 29  VAL 29  545 545 VAL VAL A . n 
A 1 30  VAL 30  546 546 VAL VAL A . n 
A 1 31  ALA 31  547 547 ALA ALA A . n 
A 1 32  HIS 32  548 548 HIS HIS A . n 
A 1 33  VAL 33  549 549 VAL VAL A . n 
A 1 34  SER 34  550 550 SER SER A . n 
A 1 35  LYS 35  551 551 LYS LYS A . n 
A 1 36  PHE 36  552 552 PHE PHE A . n 
A 1 37  SER 37  553 553 SER SER A . n 
A 1 38  GLU 38  554 554 GLU GLU A . n 
A 1 39  ASN 39  555 555 ASN ASN A . n 
A 1 40  SER 40  556 556 SER SER A . n 
A 1 41  GLY 41  557 557 GLY GLY A . n 
A 1 42  LEU 42  558 558 LEU LEU A . n 
A 1 43  GLY 43  559 559 GLY GLY A . n 
A 1 44  ILE 44  560 560 ILE ILE A . n 
A 1 45  SER 45  561 561 SER SER A . n 
A 1 46  LEU 46  562 562 LEU LEU A . n 
A 1 47  GLU 47  563 563 GLU GLU A . n 
A 1 48  ALA 48  564 564 ALA ALA A . n 
A 1 49  THR 49  565 565 THR THR A . n 
A 1 50  VAL 50  566 566 VAL VAL A . n 
A 1 51  GLY 51  567 567 GLY GLY A . n 
A 1 52  HIS 52  568 568 HIS HIS A . n 
A 1 53  HIS 53  569 569 HIS HIS A . n 
A 1 54  PHE 54  570 570 PHE PHE A . n 
A 1 55  ILE 55  571 571 ILE ILE A . n 
A 1 56  ARG 56  572 572 ARG ARG A . n 
A 1 57  SER 57  573 573 SER SER A . n 
A 1 58  VAL 58  574 574 VAL VAL A . n 
A 1 59  LEU 59  575 575 LEU LEU A . n 
A 1 60  PRO 60  576 576 PRO PRO A . n 
A 1 61  GLU 61  577 577 GLU GLU A . n 
A 1 62  GLY 62  578 578 GLY GLY A . n 
A 1 63  PRO 63  579 579 PRO PRO A . n 
A 1 64  VAL 64  580 580 VAL VAL A . n 
A 1 65  GLY 65  581 581 GLY GLY A . n 
A 1 66  HIS 66  582 582 HIS HIS A . n 
A 1 67  SER 67  583 583 SER SER A . n 
A 1 68  GLY 68  584 584 GLY GLY A . n 
A 1 69  LYS 69  585 585 LYS LYS A . n 
A 1 70  LEU 70  586 586 LEU LEU A . n 
A 1 71  PHE 71  587 587 PHE PHE A . n 
A 1 72  SER 72  588 588 SER SER A . n 
A 1 73  GLY 73  589 589 GLY GLY A . n 
A 1 74  ASP 74  590 590 ASP ASP A . n 
A 1 75  GLU 75  591 591 GLU GLU A . n 
A 1 76  LEU 76  592 592 LEU LEU A . n 
A 1 77  LEU 77  593 593 LEU LEU A . n 
A 1 78  GLU 78  594 594 GLU GLU A . n 
A 1 79  VAL 79  595 595 VAL VAL A . n 
A 1 80  ASN 80  596 596 ASN ASN A . n 
A 1 81  GLY 81  597 597 GLY GLY A . n 
A 1 82  ILE 82  598 598 ILE ILE A . n 
A 1 83  ASN 83  599 599 ASN ASN A . n 
A 1 84  LEU 84  600 600 LEU LEU A . n 
A 1 85  LEU 85  601 601 LEU LEU A . n 
A 1 86  GLY 86  602 602 GLY GLY A . n 
A 1 87  GLU 87  603 603 GLU GLU A . n 
A 1 88  ASN 88  604 604 ASN ASN A . n 
A 1 89  HIS 89  605 605 HIS HIS A . n 
A 1 90  GLN 90  606 606 GLN GLN A . n 
A 1 91  ASP 91  607 607 ASP ASP A . n 
A 1 92  VAL 92  608 608 VAL VAL A . n 
A 1 93  VAL 93  609 609 VAL VAL A . n 
A 1 94  ASN 94  610 610 ASN ASN A . n 
A 1 95  ILE 95  611 611 ILE ILE A . n 
A 1 96  LEU 96  612 612 LEU LEU A . n 
A 1 97  LYS 97  613 613 LYS LYS A . n 
A 1 98  GLU 98  614 614 GLU GLU A . n 
A 1 99  LEU 99  615 615 LEU LEU A . n 
A 1 100 PRO 100 616 616 PRO PRO A . n 
A 1 101 ILE 101 617 617 ILE ILE A . n 
A 1 102 ASP 102 618 618 ASP ASP A . n 
A 1 103 VAL 103 619 619 VAL VAL A . n 
A 1 104 THR 104 620 620 THR THR A . n 
A 1 105 MET 105 621 621 MET MET A . n 
A 1 106 VAL 106 622 622 VAL VAL A . n 
A 1 107 CYS 107 623 623 CYS CYS A . n 
A 1 108 CYS 108 624 624 CYS CYS A . n 
A 1 109 ARG 109 625 625 ARG ARG A . n 
A 1 110 ARG 110 626 626 ARG ARG A . n 
A 1 111 THR 111 627 627 THR THR A . n 
A 1 112 VAL 112 628 628 VAL VAL A . n 
A 1 113 PRO 113 629 629 PRO PRO A . n 
A 1 114 PRO 114 630 ?   ?   ?   A . n 
A 1 115 ILE 115 631 ?   ?   ?   A . n 
A 1 116 ALA 116 632 ?   ?   ?   A . n 
A 1 117 LEU 117 633 ?   ?   ?   A . n 
A 1 118 SER 118 634 ?   ?   ?   A . n 
A 1 119 GLU 119 635 ?   ?   ?   A . n 
A 1 120 MET 120 636 ?   ?   ?   A . n 
A 1 121 ASP 121 637 ?   ?   ?   A . n 
A 1 122 SER 122 638 ?   ?   ?   A . n 
A 1 123 LEU 123 639 ?   ?   ?   A . n 
A 1 124 ASP 124 640 ?   ?   ?   A . n 
A 1 125 ILE 125 641 ?   ?   ?   A . n 
A 1 126 ASN 126 642 ?   ?   ?   A . n 
A 1 127 ASP 127 643 ?   ?   ?   A . n 
A 1 128 LEU 128 644 ?   ?   ?   A . n 
A 1 129 GLU 129 645 ?   ?   ?   A . n 
A 1 130 LEU 130 646 ?   ?   ?   A . n 
A 1 131 THR 131 647 ?   ?   ?   A . n 
A 1 132 GLU 132 648 ?   ?   ?   A . n 
A 1 133 LYS 133 649 ?   ?   ?   A . n 
A 1 134 PRO 134 650 ?   ?   ?   A . n 
A 1 135 HIS 135 651 ?   ?   ?   A . n 
A 1 136 ILE 136 652 ?   ?   ?   A . n 
A 1 137 ASP 137 653 ?   ?   ?   A . n 
A 1 138 LEU 138 654 ?   ?   ?   A . n 
A 1 139 GLY 139 655 ?   ?   ?   A . n 
A 1 140 GLU 140 656 ?   ?   ?   A . n 
A 1 141 PHE 141 657 ?   ?   ?   A . n 
A 1 142 ILE 142 658 ?   ?   ?   A . n 
A 1 143 GLY 143 659 ?   ?   ?   A . n 
A 1 144 SER 144 660 ?   ?   ?   A . n 
A 1 145 SER 145 661 ?   ?   ?   A . n 
A 1 146 GLU 146 662 ?   ?   ?   A . n 
A 1 147 THR 147 663 ?   ?   ?   A . n 
A 1 148 GLU 148 664 ?   ?   ?   A . n 
A 1 149 ASP 149 665 ?   ?   ?   A . n 
# 
loop_
_pdbx_nonpoly_scheme.asym_id 
_pdbx_nonpoly_scheme.entity_id 
_pdbx_nonpoly_scheme.mon_id 
_pdbx_nonpoly_scheme.ndb_seq_num 
_pdbx_nonpoly_scheme.pdb_seq_num 
_pdbx_nonpoly_scheme.auth_seq_num 
_pdbx_nonpoly_scheme.pdb_mon_id 
_pdbx_nonpoly_scheme.auth_mon_id 
_pdbx_nonpoly_scheme.pdb_strand_id 
_pdbx_nonpoly_scheme.pdb_ins_code 
B 2 IMD 1  701 1   IMD IMD A . 
C 3 HOH 1  801 77  HOH HOH A . 
C 3 HOH 2  802 84  HOH HOH A . 
C 3 HOH 3  803 32  HOH HOH A . 
C 3 HOH 4  804 100 HOH HOH A . 
C 3 HOH 5  805 22  HOH HOH A . 
C 3 HOH 6  806 54  HOH HOH A . 
C 3 HOH 7  807 9   HOH HOH A . 
C 3 HOH 8  808 24  HOH HOH A . 
C 3 HOH 9  809 51  HOH HOH A . 
C 3 HOH 10 810 2   HOH HOH A . 
C 3 HOH 11 811 28  HOH HOH A . 
C 3 HOH 12 812 8   HOH HOH A . 
C 3 HOH 13 813 14  HOH HOH A . 
C 3 HOH 14 814 39  HOH HOH A . 
C 3 HOH 15 815 20  HOH HOH A . 
C 3 HOH 16 816 12  HOH HOH A . 
C 3 HOH 17 817 38  HOH HOH A . 
C 3 HOH 18 818 44  HOH HOH A . 
C 3 HOH 19 819 101 HOH HOH A . 
C 3 HOH 20 820 7   HOH HOH A . 
C 3 HOH 21 821 4   HOH HOH A . 
C 3 HOH 22 822 43  HOH HOH A . 
C 3 HOH 23 823 23  HOH HOH A . 
C 3 HOH 24 824 55  HOH HOH A . 
C 3 HOH 25 825 60  HOH HOH A . 
C 3 HOH 26 826 13  HOH HOH A . 
C 3 HOH 27 827 5   HOH HOH A . 
C 3 HOH 28 828 15  HOH HOH A . 
C 3 HOH 29 829 81  HOH HOH A . 
C 3 HOH 30 830 76  HOH HOH A . 
C 3 HOH 31 831 91  HOH HOH A . 
C 3 HOH 32 832 10  HOH HOH A . 
C 3 HOH 33 833 30  HOH HOH A . 
C 3 HOH 34 834 56  HOH HOH A . 
C 3 HOH 35 835 66  HOH HOH A . 
C 3 HOH 36 836 114 HOH HOH A . 
C 3 HOH 37 837 78  HOH HOH A . 
C 3 HOH 38 838 48  HOH HOH A . 
C 3 HOH 39 839 65  HOH HOH A . 
C 3 HOH 40 840 63  HOH HOH A . 
C 3 HOH 41 841 80  HOH HOH A . 
C 3 HOH 42 842 106 HOH HOH A . 
C 3 HOH 43 843 93  HOH HOH A . 
C 3 HOH 44 844 27  HOH HOH A . 
C 3 HOH 45 845 58  HOH HOH A . 
C 3 HOH 46 846 1   HOH HOH A . 
C 3 HOH 47 847 3   HOH HOH A . 
C 3 HOH 48 848 6   HOH HOH A . 
C 3 HOH 49 849 11  HOH HOH A . 
C 3 HOH 50 850 16  HOH HOH A . 
C 3 HOH 51 851 17  HOH HOH A . 
C 3 HOH 52 852 18  HOH HOH A . 
C 3 HOH 53 853 19  HOH HOH A . 
C 3 HOH 54 854 21  HOH HOH A . 
C 3 HOH 55 855 25  HOH HOH A . 
C 3 HOH 56 856 26  HOH HOH A . 
C 3 HOH 57 857 29  HOH HOH A . 
C 3 HOH 58 858 31  HOH HOH A . 
C 3 HOH 59 859 33  HOH HOH A . 
C 3 HOH 60 860 34  HOH HOH A . 
C 3 HOH 61 861 35  HOH HOH A . 
C 3 HOH 62 862 36  HOH HOH A . 
C 3 HOH 63 863 37  HOH HOH A . 
C 3 HOH 64 864 40  HOH HOH A . 
C 3 HOH 65 865 41  HOH HOH A . 
C 3 HOH 66 866 42  HOH HOH A . 
C 3 HOH 67 867 45  HOH HOH A . 
C 3 HOH 68 868 46  HOH HOH A . 
C 3 HOH 69 869 47  HOH HOH A . 
C 3 HOH 70 870 49  HOH HOH A . 
C 3 HOH 71 871 50  HOH HOH A . 
C 3 HOH 72 872 57  HOH HOH A . 
C 3 HOH 73 873 59  HOH HOH A . 
C 3 HOH 74 874 61  HOH HOH A . 
C 3 HOH 75 875 62  HOH HOH A . 
C 3 HOH 76 876 67  HOH HOH A . 
C 3 HOH 77 877 68  HOH HOH A . 
C 3 HOH 78 878 69  HOH HOH A . 
C 3 HOH 79 879 70  HOH HOH A . 
C 3 HOH 80 880 71  HOH HOH A . 
C 3 HOH 81 881 72  HOH HOH A . 
C 3 HOH 82 882 73  HOH HOH A . 
C 3 HOH 83 883 74  HOH HOH A . 
C 3 HOH 84 884 82  HOH HOH A . 
C 3 HOH 85 885 83  HOH HOH A . 
C 3 HOH 86 886 85  HOH HOH A . 
C 3 HOH 87 887 86  HOH HOH A . 
C 3 HOH 88 888 87  HOH HOH A . 
C 3 HOH 89 889 90  HOH HOH A . 
C 3 HOH 90 890 96  HOH HOH A . 
C 3 HOH 91 891 98  HOH HOH A . 
C 3 HOH 92 892 103 HOH HOH A . 
C 3 HOH 93 893 107 HOH HOH A . 
C 3 HOH 94 894 108 HOH HOH A . 
C 3 HOH 95 895 112 HOH HOH A . 
C 3 HOH 96 896 115 HOH HOH A . 
C 3 HOH 97 897 117 HOH HOH A . 
C 3 HOH 98 898 118 HOH HOH A . 
C 3 HOH 99 899 119 HOH HOH A . 
# 
_pdbx_struct_assembly.id                   1 
_pdbx_struct_assembly.details              author_defined_assembly 
_pdbx_struct_assembly.method_details       ? 
_pdbx_struct_assembly.oligomeric_details   monomeric 
_pdbx_struct_assembly.oligomeric_count     1 
# 
_pdbx_struct_assembly_gen.assembly_id       1 
_pdbx_struct_assembly_gen.oper_expression   1 
_pdbx_struct_assembly_gen.asym_id_list      A,B,C 
# 
loop_
_pdbx_struct_assembly_prop.biol_id 
_pdbx_struct_assembly_prop.type 
_pdbx_struct_assembly_prop.value 
_pdbx_struct_assembly_prop.details 
1 'ABSA (A^2)' 0    ? 
1 MORE         0    ? 
1 'SSA (A^2)'  6260 ? 
# 
_pdbx_struct_oper_list.id                   1 
_pdbx_struct_oper_list.type                 'identity operation' 
_pdbx_struct_oper_list.name                 1_555 
_pdbx_struct_oper_list.symmetry_operation   x,y,z 
_pdbx_struct_oper_list.matrix[1][1]         1.0000000000 
_pdbx_struct_oper_list.matrix[1][2]         0.0000000000 
_pdbx_struct_oper_list.matrix[1][3]         0.0000000000 
_pdbx_struct_oper_list.vector[1]            0.0000000000 
_pdbx_struct_oper_list.matrix[2][1]         0.0000000000 
_pdbx_struct_oper_list.matrix[2][2]         1.0000000000 
_pdbx_struct_oper_list.matrix[2][3]         0.0000000000 
_pdbx_struct_oper_list.vector[2]            0.0000000000 
_pdbx_struct_oper_list.matrix[3][1]         0.0000000000 
_pdbx_struct_oper_list.matrix[3][2]         0.0000000000 
_pdbx_struct_oper_list.matrix[3][3]         1.0000000000 
_pdbx_struct_oper_list.vector[3]            0.0000000000 
# 
_pdbx_struct_special_symmetry.id              1 
_pdbx_struct_special_symmetry.PDB_model_num   1 
_pdbx_struct_special_symmetry.auth_asym_id    A 
_pdbx_struct_special_symmetry.auth_comp_id    IMD 
_pdbx_struct_special_symmetry.auth_seq_id     701 
_pdbx_struct_special_symmetry.PDB_ins_code    ? 
_pdbx_struct_special_symmetry.label_asym_id   B 
_pdbx_struct_special_symmetry.label_comp_id   IMD 
_pdbx_struct_special_symmetry.label_seq_id    . 
# 
loop_
_pdbx_audit_revision_history.ordinal 
_pdbx_audit_revision_history.data_content_type 
_pdbx_audit_revision_history.major_revision 
_pdbx_audit_revision_history.minor_revision 
_pdbx_audit_revision_history.revision_date 
1 'Structure model' 1 0 2015-03-04 
2 'Structure model' 1 1 2015-03-18 
3 'Structure model' 1 2 2023-11-08 
# 
_pdbx_audit_revision_details.ordinal             1 
_pdbx_audit_revision_details.revision_ordinal    1 
_pdbx_audit_revision_details.data_content_type   'Structure model' 
_pdbx_audit_revision_details.provider            repository 
_pdbx_audit_revision_details.type                'Initial release' 
_pdbx_audit_revision_details.description         ? 
_pdbx_audit_revision_details.details             ? 
# 
loop_
_pdbx_audit_revision_group.ordinal 
_pdbx_audit_revision_group.revision_ordinal 
_pdbx_audit_revision_group.data_content_type 
_pdbx_audit_revision_group.group 
1 2 'Structure model' 'Database references'    
2 3 'Structure model' 'Data collection'        
3 3 'Structure model' 'Database references'    
4 3 'Structure model' 'Derived calculations'   
5 3 'Structure model' 'Refinement description' 
6 3 'Structure model' 'Source and taxonomy'    
# 
loop_
_pdbx_audit_revision_category.ordinal 
_pdbx_audit_revision_category.revision_ordinal 
_pdbx_audit_revision_category.data_content_type 
_pdbx_audit_revision_category.category 
1 3 'Structure model' chem_comp_atom                
2 3 'Structure model' chem_comp_bond                
3 3 'Structure model' database_2                    
4 3 'Structure model' entity_src_gen                
5 3 'Structure model' pdbx_initial_refinement_model 
6 3 'Structure model' pdbx_struct_oper_list         
7 3 'Structure model' pdbx_struct_special_symmetry  
# 
loop_
_pdbx_audit_revision_item.ordinal 
_pdbx_audit_revision_item.revision_ordinal 
_pdbx_audit_revision_item.data_content_type 
_pdbx_audit_revision_item.item 
1 3 'Structure model' '_database_2.pdbx_DOI'                      
2 3 'Structure model' '_database_2.pdbx_database_accession'       
3 3 'Structure model' '_entity_src_gen.pdbx_alt_source_flag'      
4 3 'Structure model' '_pdbx_struct_oper_list.symmetry_operation' 
# 
loop_
_software.citation_id 
_software.classification 
_software.compiler_name 
_software.compiler_version 
_software.contact_author 
_software.contact_author_email 
_software.date 
_software.description 
_software.dependencies 
_software.hardware 
_software.language 
_software.location 
_software.mods 
_software.name 
_software.os 
_software.os_version 
_software.type 
_software.version 
_software.pdbx_ordinal 
? refinement       ? ? ? ? ? ? ? ? ? ? ? PHENIX   ? ? ? '(phenix.refine: 1.8.4_1496)' 1 
? 'data reduction' ? ? ? ? ? ? ? ? ? ? ? HKL-2000 ? ? ? .                             2 
? 'data scaling'   ? ? ? ? ? ? ? ? ? ? ? HKL-2000 ? ? ? .                             3 
? phasing          ? ? ? ? ? ? ? ? ? ? ? PHASER   ? ? ? .                             4 
# 
loop_
_pdbx_unobs_or_zero_occ_atoms.id 
_pdbx_unobs_or_zero_occ_atoms.PDB_model_num 
_pdbx_unobs_or_zero_occ_atoms.polymer_flag 
_pdbx_unobs_or_zero_occ_atoms.occupancy_flag 
_pdbx_unobs_or_zero_occ_atoms.auth_asym_id 
_pdbx_unobs_or_zero_occ_atoms.auth_comp_id 
_pdbx_unobs_or_zero_occ_atoms.auth_seq_id 
_pdbx_unobs_or_zero_occ_atoms.PDB_ins_code 
_pdbx_unobs_or_zero_occ_atoms.auth_atom_id 
_pdbx_unobs_or_zero_occ_atoms.label_alt_id 
_pdbx_unobs_or_zero_occ_atoms.label_asym_id 
_pdbx_unobs_or_zero_occ_atoms.label_comp_id 
_pdbx_unobs_or_zero_occ_atoms.label_seq_id 
_pdbx_unobs_or_zero_occ_atoms.label_atom_id 
1  1 Y 1 A SER 520 ? OG  ? A SER 4   OG  
2  1 Y 1 A GLU 522 ? CG  ? A GLU 6   CG  
3  1 Y 1 A GLU 522 ? CD  ? A GLU 6   CD  
4  1 Y 1 A GLU 522 ? OE1 ? A GLU 6   OE1 
5  1 Y 1 A GLU 522 ? OE2 ? A GLU 6   OE2 
6  1 Y 1 A ASP 523 ? CG  ? A ASP 7   CG  
7  1 Y 1 A ASP 523 ? OD1 ? A ASP 7   OD1 
8  1 Y 1 A ASP 523 ? OD2 ? A ASP 7   OD2 
9  1 Y 1 A GLN 526 ? CG  ? A GLN 10  CG  
10 1 Y 1 A GLN 526 ? CD  ? A GLN 10  CD  
11 1 Y 1 A GLN 526 ? OE1 ? A GLN 10  OE1 
12 1 Y 1 A GLN 526 ? NE2 ? A GLN 10  NE2 
13 1 Y 1 A ARG 536 ? CD  ? A ARG 20  CD  
14 1 Y 1 A ARG 536 ? NE  ? A ARG 20  NE  
15 1 Y 1 A ARG 536 ? CZ  ? A ARG 20  CZ  
16 1 Y 1 A ARG 536 ? NH1 ? A ARG 20  NH1 
17 1 Y 1 A ARG 536 ? NH2 ? A ARG 20  NH2 
18 1 Y 1 A GLU 554 ? CG  ? A GLU 38  CG  
19 1 Y 1 A GLU 554 ? CD  ? A GLU 38  CD  
20 1 Y 1 A GLU 554 ? OE1 ? A GLU 38  OE1 
21 1 Y 1 A GLU 554 ? OE2 ? A GLU 38  OE2 
22 1 Y 1 A ASN 555 ? CG  ? A ASN 39  CG  
23 1 Y 1 A ASN 555 ? OD1 ? A ASN 39  OD1 
24 1 Y 1 A ASN 555 ? ND2 ? A ASN 39  ND2 
25 1 Y 1 A ARG 572 ? NE  ? A ARG 56  NE  
26 1 Y 1 A ARG 572 ? CZ  ? A ARG 56  CZ  
27 1 Y 1 A ARG 572 ? NH1 ? A ARG 56  NH1 
28 1 Y 1 A ARG 572 ? NH2 ? A ARG 56  NH2 
29 1 Y 1 A LYS 613 ? CD  ? A LYS 97  CD  
30 1 Y 1 A LYS 613 ? CE  ? A LYS 97  CE  
31 1 Y 1 A LYS 613 ? NZ  ? A LYS 97  NZ  
32 1 Y 1 A GLU 614 ? CD  ? A GLU 98  CD  
33 1 Y 1 A GLU 614 ? OE1 ? A GLU 98  OE1 
34 1 Y 1 A GLU 614 ? OE2 ? A GLU 98  OE2 
35 1 Y 1 A ARG 626 ? CD  ? A ARG 110 CD  
36 1 Y 1 A ARG 626 ? NE  ? A ARG 110 NE  
37 1 Y 1 A ARG 626 ? CZ  ? A ARG 110 CZ  
38 1 Y 1 A ARG 626 ? NH1 ? A ARG 110 NH1 
39 1 Y 1 A ARG 626 ? NH2 ? A ARG 110 NH2 
# 
loop_
_pdbx_unobs_or_zero_occ_residues.id 
_pdbx_unobs_or_zero_occ_residues.PDB_model_num 
_pdbx_unobs_or_zero_occ_residues.polymer_flag 
_pdbx_unobs_or_zero_occ_residues.occupancy_flag 
_pdbx_unobs_or_zero_occ_residues.auth_asym_id 
_pdbx_unobs_or_zero_occ_residues.auth_comp_id 
_pdbx_unobs_or_zero_occ_residues.auth_seq_id 
_pdbx_unobs_or_zero_occ_residues.PDB_ins_code 
_pdbx_unobs_or_zero_occ_residues.label_asym_id 
_pdbx_unobs_or_zero_occ_residues.label_comp_id 
_pdbx_unobs_or_zero_occ_residues.label_seq_id 
1  1 Y 1 A GLY 517 ? A GLY 1   
2  1 Y 1 A PRO 518 ? A PRO 2   
3  1 Y 1 A GLY 519 ? A GLY 3   
4  1 Y 1 A PRO 630 ? A PRO 114 
5  1 Y 1 A ILE 631 ? A ILE 115 
6  1 Y 1 A ALA 632 ? A ALA 116 
7  1 Y 1 A LEU 633 ? A LEU 117 
8  1 Y 1 A SER 634 ? A SER 118 
9  1 Y 1 A GLU 635 ? A GLU 119 
10 1 Y 1 A MET 636 ? A MET 120 
11 1 Y 1 A ASP 637 ? A ASP 121 
12 1 Y 1 A SER 638 ? A SER 122 
13 1 Y 1 A LEU 639 ? A LEU 123 
14 1 Y 1 A ASP 640 ? A ASP 124 
15 1 Y 1 A ILE 641 ? A ILE 125 
16 1 Y 1 A ASN 642 ? A ASN 126 
17 1 Y 1 A ASP 643 ? A ASP 127 
18 1 Y 1 A LEU 644 ? A LEU 128 
19 1 Y 1 A GLU 645 ? A GLU 129 
20 1 Y 1 A LEU 646 ? A LEU 130 
21 1 Y 1 A THR 647 ? A THR 131 
22 1 Y 1 A GLU 648 ? A GLU 132 
23 1 Y 1 A LYS 649 ? A LYS 133 
24 1 Y 1 A PRO 650 ? A PRO 134 
25 1 Y 1 A HIS 651 ? A HIS 135 
26 1 Y 1 A ILE 652 ? A ILE 136 
27 1 Y 1 A ASP 653 ? A ASP 137 
28 1 Y 1 A LEU 654 ? A LEU 138 
29 1 Y 1 A GLY 655 ? A GLY 139 
30 1 Y 1 A GLU 656 ? A GLU 140 
31 1 Y 1 A PHE 657 ? A PHE 141 
32 1 Y 1 A ILE 658 ? A ILE 142 
33 1 Y 1 A GLY 659 ? A GLY 143 
34 1 Y 1 A SER 660 ? A SER 144 
35 1 Y 1 A SER 661 ? A SER 145 
36 1 Y 1 A GLU 662 ? A GLU 146 
37 1 Y 1 A THR 663 ? A THR 147 
38 1 Y 1 A GLU 664 ? A GLU 148 
39 1 Y 1 A ASP 665 ? A ASP 149 
# 
loop_
_chem_comp_atom.comp_id 
_chem_comp_atom.atom_id 
_chem_comp_atom.type_symbol 
_chem_comp_atom.pdbx_aromatic_flag 
_chem_comp_atom.pdbx_stereo_config 
_chem_comp_atom.pdbx_ordinal 
ALA N    N N N 1   
ALA CA   C N S 2   
ALA C    C N N 3   
ALA O    O N N 4   
ALA CB   C N N 5   
ALA OXT  O N N 6   
ALA H    H N N 7   
ALA H2   H N N 8   
ALA HA   H N N 9   
ALA HB1  H N N 10  
ALA HB2  H N N 11  
ALA HB3  H N N 12  
ALA HXT  H N N 13  
ARG N    N N N 14  
ARG CA   C N S 15  
ARG C    C N N 16  
ARG O    O N N 17  
ARG CB   C N N 18  
ARG CG   C N N 19  
ARG CD   C N N 20  
ARG NE   N N N 21  
ARG CZ   C N N 22  
ARG NH1  N N N 23  
ARG NH2  N N N 24  
ARG OXT  O N N 25  
ARG H    H N N 26  
ARG H2   H N N 27  
ARG HA   H N N 28  
ARG HB2  H N N 29  
ARG HB3  H N N 30  
ARG HG2  H N N 31  
ARG HG3  H N N 32  
ARG HD2  H N N 33  
ARG HD3  H N N 34  
ARG HE   H N N 35  
ARG HH11 H N N 36  
ARG HH12 H N N 37  
ARG HH21 H N N 38  
ARG HH22 H N N 39  
ARG HXT  H N N 40  
ASN N    N N N 41  
ASN CA   C N S 42  
ASN C    C N N 43  
ASN O    O N N 44  
ASN CB   C N N 45  
ASN CG   C N N 46  
ASN OD1  O N N 47  
ASN ND2  N N N 48  
ASN OXT  O N N 49  
ASN H    H N N 50  
ASN H2   H N N 51  
ASN HA   H N N 52  
ASN HB2  H N N 53  
ASN HB3  H N N 54  
ASN HD21 H N N 55  
ASN HD22 H N N 56  
ASN HXT  H N N 57  
ASP N    N N N 58  
ASP CA   C N S 59  
ASP C    C N N 60  
ASP O    O N N 61  
ASP CB   C N N 62  
ASP CG   C N N 63  
ASP OD1  O N N 64  
ASP OD2  O N N 65  
ASP OXT  O N N 66  
ASP H    H N N 67  
ASP H2   H N N 68  
ASP HA   H N N 69  
ASP HB2  H N N 70  
ASP HB3  H N N 71  
ASP HD2  H N N 72  
ASP HXT  H N N 73  
CYS N    N N N 74  
CYS CA   C N R 75  
CYS C    C N N 76  
CYS O    O N N 77  
CYS CB   C N N 78  
CYS SG   S N N 79  
CYS OXT  O N N 80  
CYS H    H N N 81  
CYS H2   H N N 82  
CYS HA   H N N 83  
CYS HB2  H N N 84  
CYS HB3  H N N 85  
CYS HG   H N N 86  
CYS HXT  H N N 87  
GLN N    N N N 88  
GLN CA   C N S 89  
GLN C    C N N 90  
GLN O    O N N 91  
GLN CB   C N N 92  
GLN CG   C N N 93  
GLN CD   C N N 94  
GLN OE1  O N N 95  
GLN NE2  N N N 96  
GLN OXT  O N N 97  
GLN H    H N N 98  
GLN H2   H N N 99  
GLN HA   H N N 100 
GLN HB2  H N N 101 
GLN HB3  H N N 102 
GLN HG2  H N N 103 
GLN HG3  H N N 104 
GLN HE21 H N N 105 
GLN HE22 H N N 106 
GLN HXT  H N N 107 
GLU N    N N N 108 
GLU CA   C N S 109 
GLU C    C N N 110 
GLU O    O N N 111 
GLU CB   C N N 112 
GLU CG   C N N 113 
GLU CD   C N N 114 
GLU OE1  O N N 115 
GLU OE2  O N N 116 
GLU OXT  O N N 117 
GLU H    H N N 118 
GLU H2   H N N 119 
GLU HA   H N N 120 
GLU HB2  H N N 121 
GLU HB3  H N N 122 
GLU HG2  H N N 123 
GLU HG3  H N N 124 
GLU HE2  H N N 125 
GLU HXT  H N N 126 
GLY N    N N N 127 
GLY CA   C N N 128 
GLY C    C N N 129 
GLY O    O N N 130 
GLY OXT  O N N 131 
GLY H    H N N 132 
GLY H2   H N N 133 
GLY HA2  H N N 134 
GLY HA3  H N N 135 
GLY HXT  H N N 136 
HIS N    N N N 137 
HIS CA   C N S 138 
HIS C    C N N 139 
HIS O    O N N 140 
HIS CB   C N N 141 
HIS CG   C Y N 142 
HIS ND1  N Y N 143 
HIS CD2  C Y N 144 
HIS CE1  C Y N 145 
HIS NE2  N Y N 146 
HIS OXT  O N N 147 
HIS H    H N N 148 
HIS H2   H N N 149 
HIS HA   H N N 150 
HIS HB2  H N N 151 
HIS HB3  H N N 152 
HIS HD1  H N N 153 
HIS HD2  H N N 154 
HIS HE1  H N N 155 
HIS HE2  H N N 156 
HIS HXT  H N N 157 
HOH O    O N N 158 
HOH H1   H N N 159 
HOH H2   H N N 160 
ILE N    N N N 161 
ILE CA   C N S 162 
ILE C    C N N 163 
ILE O    O N N 164 
ILE CB   C N S 165 
ILE CG1  C N N 166 
ILE CG2  C N N 167 
ILE CD1  C N N 168 
ILE OXT  O N N 169 
ILE H    H N N 170 
ILE H2   H N N 171 
ILE HA   H N N 172 
ILE HB   H N N 173 
ILE HG12 H N N 174 
ILE HG13 H N N 175 
ILE HG21 H N N 176 
ILE HG22 H N N 177 
ILE HG23 H N N 178 
ILE HD11 H N N 179 
ILE HD12 H N N 180 
ILE HD13 H N N 181 
ILE HXT  H N N 182 
IMD N1   N Y N 183 
IMD C2   C Y N 184 
IMD N3   N Y N 185 
IMD C4   C Y N 186 
IMD C5   C Y N 187 
IMD HN1  H N N 188 
IMD H2   H N N 189 
IMD HN3  H N N 190 
IMD H4   H N N 191 
IMD H5   H N N 192 
LEU N    N N N 193 
LEU CA   C N S 194 
LEU C    C N N 195 
LEU O    O N N 196 
LEU CB   C N N 197 
LEU CG   C N N 198 
LEU CD1  C N N 199 
LEU CD2  C N N 200 
LEU OXT  O N N 201 
LEU H    H N N 202 
LEU H2   H N N 203 
LEU HA   H N N 204 
LEU HB2  H N N 205 
LEU HB3  H N N 206 
LEU HG   H N N 207 
LEU HD11 H N N 208 
LEU HD12 H N N 209 
LEU HD13 H N N 210 
LEU HD21 H N N 211 
LEU HD22 H N N 212 
LEU HD23 H N N 213 
LEU HXT  H N N 214 
LYS N    N N N 215 
LYS CA   C N S 216 
LYS C    C N N 217 
LYS O    O N N 218 
LYS CB   C N N 219 
LYS CG   C N N 220 
LYS CD   C N N 221 
LYS CE   C N N 222 
LYS NZ   N N N 223 
LYS OXT  O N N 224 
LYS H    H N N 225 
LYS H2   H N N 226 
LYS HA   H N N 227 
LYS HB2  H N N 228 
LYS HB3  H N N 229 
LYS HG2  H N N 230 
LYS HG3  H N N 231 
LYS HD2  H N N 232 
LYS HD3  H N N 233 
LYS HE2  H N N 234 
LYS HE3  H N N 235 
LYS HZ1  H N N 236 
LYS HZ2  H N N 237 
LYS HZ3  H N N 238 
LYS HXT  H N N 239 
MET N    N N N 240 
MET CA   C N S 241 
MET C    C N N 242 
MET O    O N N 243 
MET CB   C N N 244 
MET CG   C N N 245 
MET SD   S N N 246 
MET CE   C N N 247 
MET OXT  O N N 248 
MET H    H N N 249 
MET H2   H N N 250 
MET HA   H N N 251 
MET HB2  H N N 252 
MET HB3  H N N 253 
MET HG2  H N N 254 
MET HG3  H N N 255 
MET HE1  H N N 256 
MET HE2  H N N 257 
MET HE3  H N N 258 
MET HXT  H N N 259 
PHE N    N N N 260 
PHE CA   C N S 261 
PHE C    C N N 262 
PHE O    O N N 263 
PHE CB   C N N 264 
PHE CG   C Y N 265 
PHE CD1  C Y N 266 
PHE CD2  C Y N 267 
PHE CE1  C Y N 268 
PHE CE2  C Y N 269 
PHE CZ   C Y N 270 
PHE OXT  O N N 271 
PHE H    H N N 272 
PHE H2   H N N 273 
PHE HA   H N N 274 
PHE HB2  H N N 275 
PHE HB3  H N N 276 
PHE HD1  H N N 277 
PHE HD2  H N N 278 
PHE HE1  H N N 279 
PHE HE2  H N N 280 
PHE HZ   H N N 281 
PHE HXT  H N N 282 
PRO N    N N N 283 
PRO CA   C N S 284 
PRO C    C N N 285 
PRO O    O N N 286 
PRO CB   C N N 287 
PRO CG   C N N 288 
PRO CD   C N N 289 
PRO OXT  O N N 290 
PRO H    H N N 291 
PRO HA   H N N 292 
PRO HB2  H N N 293 
PRO HB3  H N N 294 
PRO HG2  H N N 295 
PRO HG3  H N N 296 
PRO HD2  H N N 297 
PRO HD3  H N N 298 
PRO HXT  H N N 299 
SER N    N N N 300 
SER CA   C N S 301 
SER C    C N N 302 
SER O    O N N 303 
SER CB   C N N 304 
SER OG   O N N 305 
SER OXT  O N N 306 
SER H    H N N 307 
SER H2   H N N 308 
SER HA   H N N 309 
SER HB2  H N N 310 
SER HB3  H N N 311 
SER HG   H N N 312 
SER HXT  H N N 313 
THR N    N N N 314 
THR CA   C N S 315 
THR C    C N N 316 
THR O    O N N 317 
THR CB   C N R 318 
THR OG1  O N N 319 
THR CG2  C N N 320 
THR OXT  O N N 321 
THR H    H N N 322 
THR H2   H N N 323 
THR HA   H N N 324 
THR HB   H N N 325 
THR HG1  H N N 326 
THR HG21 H N N 327 
THR HG22 H N N 328 
THR HG23 H N N 329 
THR HXT  H N N 330 
TRP N    N N N 331 
TRP CA   C N S 332 
TRP C    C N N 333 
TRP O    O N N 334 
TRP CB   C N N 335 
TRP CG   C Y N 336 
TRP CD1  C Y N 337 
TRP CD2  C Y N 338 
TRP NE1  N Y N 339 
TRP CE2  C Y N 340 
TRP CE3  C Y N 341 
TRP CZ2  C Y N 342 
TRP CZ3  C Y N 343 
TRP CH2  C Y N 344 
TRP OXT  O N N 345 
TRP H    H N N 346 
TRP H2   H N N 347 
TRP HA   H N N 348 
TRP HB2  H N N 349 
TRP HB3  H N N 350 
TRP HD1  H N N 351 
TRP HE1  H N N 352 
TRP HE3  H N N 353 
TRP HZ2  H N N 354 
TRP HZ3  H N N 355 
TRP HH2  H N N 356 
TRP HXT  H N N 357 
TYR N    N N N 358 
TYR CA   C N S 359 
TYR C    C N N 360 
TYR O    O N N 361 
TYR CB   C N N 362 
TYR CG   C Y N 363 
TYR CD1  C Y N 364 
TYR CD2  C Y N 365 
TYR CE1  C Y N 366 
TYR CE2  C Y N 367 
TYR CZ   C Y N 368 
TYR OH   O N N 369 
TYR OXT  O N N 370 
TYR H    H N N 371 
TYR H2   H N N 372 
TYR HA   H N N 373 
TYR HB2  H N N 374 
TYR HB3  H N N 375 
TYR HD1  H N N 376 
TYR HD2  H N N 377 
TYR HE1  H N N 378 
TYR HE2  H N N 379 
TYR HH   H N N 380 
TYR HXT  H N N 381 
VAL N    N N N 382 
VAL CA   C N S 383 
VAL C    C N N 384 
VAL O    O N N 385 
VAL CB   C N N 386 
VAL CG1  C N N 387 
VAL CG2  C N N 388 
VAL OXT  O N N 389 
VAL H    H N N 390 
VAL H2   H N N 391 
VAL HA   H N N 392 
VAL HB   H N N 393 
VAL HG11 H N N 394 
VAL HG12 H N N 395 
VAL HG13 H N N 396 
VAL HG21 H N N 397 
VAL HG22 H N N 398 
VAL HG23 H N N 399 
VAL HXT  H N N 400 
# 
loop_
_chem_comp_bond.comp_id 
_chem_comp_bond.atom_id_1 
_chem_comp_bond.atom_id_2 
_chem_comp_bond.value_order 
_chem_comp_bond.pdbx_aromatic_flag 
_chem_comp_bond.pdbx_stereo_config 
_chem_comp_bond.pdbx_ordinal 
ALA N   CA   sing N N 1   
ALA N   H    sing N N 2   
ALA N   H2   sing N N 3   
ALA CA  C    sing N N 4   
ALA CA  CB   sing N N 5   
ALA CA  HA   sing N N 6   
ALA C   O    doub N N 7   
ALA C   OXT  sing N N 8   
ALA CB  HB1  sing N N 9   
ALA CB  HB2  sing N N 10  
ALA CB  HB3  sing N N 11  
ALA OXT HXT  sing N N 12  
ARG N   CA   sing N N 13  
ARG N   H    sing N N 14  
ARG N   H2   sing N N 15  
ARG CA  C    sing N N 16  
ARG CA  CB   sing N N 17  
ARG CA  HA   sing N N 18  
ARG C   O    doub N N 19  
ARG C   OXT  sing N N 20  
ARG CB  CG   sing N N 21  
ARG CB  HB2  sing N N 22  
ARG CB  HB3  sing N N 23  
ARG CG  CD   sing N N 24  
ARG CG  HG2  sing N N 25  
ARG CG  HG3  sing N N 26  
ARG CD  NE   sing N N 27  
ARG CD  HD2  sing N N 28  
ARG CD  HD3  sing N N 29  
ARG NE  CZ   sing N N 30  
ARG NE  HE   sing N N 31  
ARG CZ  NH1  sing N N 32  
ARG CZ  NH2  doub N N 33  
ARG NH1 HH11 sing N N 34  
ARG NH1 HH12 sing N N 35  
ARG NH2 HH21 sing N N 36  
ARG NH2 HH22 sing N N 37  
ARG OXT HXT  sing N N 38  
ASN N   CA   sing N N 39  
ASN N   H    sing N N 40  
ASN N   H2   sing N N 41  
ASN CA  C    sing N N 42  
ASN CA  CB   sing N N 43  
ASN CA  HA   sing N N 44  
ASN C   O    doub N N 45  
ASN C   OXT  sing N N 46  
ASN CB  CG   sing N N 47  
ASN CB  HB2  sing N N 48  
ASN CB  HB3  sing N N 49  
ASN CG  OD1  doub N N 50  
ASN CG  ND2  sing N N 51  
ASN ND2 HD21 sing N N 52  
ASN ND2 HD22 sing N N 53  
ASN OXT HXT  sing N N 54  
ASP N   CA   sing N N 55  
ASP N   H    sing N N 56  
ASP N   H2   sing N N 57  
ASP CA  C    sing N N 58  
ASP CA  CB   sing N N 59  
ASP CA  HA   sing N N 60  
ASP C   O    doub N N 61  
ASP C   OXT  sing N N 62  
ASP CB  CG   sing N N 63  
ASP CB  HB2  sing N N 64  
ASP CB  HB3  sing N N 65  
ASP CG  OD1  doub N N 66  
ASP CG  OD2  sing N N 67  
ASP OD2 HD2  sing N N 68  
ASP OXT HXT  sing N N 69  
CYS N   CA   sing N N 70  
CYS N   H    sing N N 71  
CYS N   H2   sing N N 72  
CYS CA  C    sing N N 73  
CYS CA  CB   sing N N 74  
CYS CA  HA   sing N N 75  
CYS C   O    doub N N 76  
CYS C   OXT  sing N N 77  
CYS CB  SG   sing N N 78  
CYS CB  HB2  sing N N 79  
CYS CB  HB3  sing N N 80  
CYS SG  HG   sing N N 81  
CYS OXT HXT  sing N N 82  
GLN N   CA   sing N N 83  
GLN N   H    sing N N 84  
GLN N   H2   sing N N 85  
GLN CA  C    sing N N 86  
GLN CA  CB   sing N N 87  
GLN CA  HA   sing N N 88  
GLN C   O    doub N N 89  
GLN C   OXT  sing N N 90  
GLN CB  CG   sing N N 91  
GLN CB  HB2  sing N N 92  
GLN CB  HB3  sing N N 93  
GLN CG  CD   sing N N 94  
GLN CG  HG2  sing N N 95  
GLN CG  HG3  sing N N 96  
GLN CD  OE1  doub N N 97  
GLN CD  NE2  sing N N 98  
GLN NE2 HE21 sing N N 99  
GLN NE2 HE22 sing N N 100 
GLN OXT HXT  sing N N 101 
GLU N   CA   sing N N 102 
GLU N   H    sing N N 103 
GLU N   H2   sing N N 104 
GLU CA  C    sing N N 105 
GLU CA  CB   sing N N 106 
GLU CA  HA   sing N N 107 
GLU C   O    doub N N 108 
GLU C   OXT  sing N N 109 
GLU CB  CG   sing N N 110 
GLU CB  HB2  sing N N 111 
GLU CB  HB3  sing N N 112 
GLU CG  CD   sing N N 113 
GLU CG  HG2  sing N N 114 
GLU CG  HG3  sing N N 115 
GLU CD  OE1  doub N N 116 
GLU CD  OE2  sing N N 117 
GLU OE2 HE2  sing N N 118 
GLU OXT HXT  sing N N 119 
GLY N   CA   sing N N 120 
GLY N   H    sing N N 121 
GLY N   H2   sing N N 122 
GLY CA  C    sing N N 123 
GLY CA  HA2  sing N N 124 
GLY CA  HA3  sing N N 125 
GLY C   O    doub N N 126 
GLY C   OXT  sing N N 127 
GLY OXT HXT  sing N N 128 
HIS N   CA   sing N N 129 
HIS N   H    sing N N 130 
HIS N   H2   sing N N 131 
HIS CA  C    sing N N 132 
HIS CA  CB   sing N N 133 
HIS CA  HA   sing N N 134 
HIS C   O    doub N N 135 
HIS C   OXT  sing N N 136 
HIS CB  CG   sing N N 137 
HIS CB  HB2  sing N N 138 
HIS CB  HB3  sing N N 139 
HIS CG  ND1  sing Y N 140 
HIS CG  CD2  doub Y N 141 
HIS ND1 CE1  doub Y N 142 
HIS ND1 HD1  sing N N 143 
HIS CD2 NE2  sing Y N 144 
HIS CD2 HD2  sing N N 145 
HIS CE1 NE2  sing Y N 146 
HIS CE1 HE1  sing N N 147 
HIS NE2 HE2  sing N N 148 
HIS OXT HXT  sing N N 149 
HOH O   H1   sing N N 150 
HOH O   H2   sing N N 151 
ILE N   CA   sing N N 152 
ILE N   H    sing N N 153 
ILE N   H2   sing N N 154 
ILE CA  C    sing N N 155 
ILE CA  CB   sing N N 156 
ILE CA  HA   sing N N 157 
ILE C   O    doub N N 158 
ILE C   OXT  sing N N 159 
ILE CB  CG1  sing N N 160 
ILE CB  CG2  sing N N 161 
ILE CB  HB   sing N N 162 
ILE CG1 CD1  sing N N 163 
ILE CG1 HG12 sing N N 164 
ILE CG1 HG13 sing N N 165 
ILE CG2 HG21 sing N N 166 
ILE CG2 HG22 sing N N 167 
ILE CG2 HG23 sing N N 168 
ILE CD1 HD11 sing N N 169 
ILE CD1 HD12 sing N N 170 
ILE CD1 HD13 sing N N 171 
ILE OXT HXT  sing N N 172 
IMD N1  C2   sing Y N 173 
IMD N1  C5   sing Y N 174 
IMD N1  HN1  sing N N 175 
IMD C2  N3   doub Y N 176 
IMD C2  H2   sing N N 177 
IMD N3  C4   sing Y N 178 
IMD N3  HN3  sing N N 179 
IMD C4  C5   doub Y N 180 
IMD C4  H4   sing N N 181 
IMD C5  H5   sing N N 182 
LEU N   CA   sing N N 183 
LEU N   H    sing N N 184 
LEU N   H2   sing N N 185 
LEU CA  C    sing N N 186 
LEU CA  CB   sing N N 187 
LEU CA  HA   sing N N 188 
LEU C   O    doub N N 189 
LEU C   OXT  sing N N 190 
LEU CB  CG   sing N N 191 
LEU CB  HB2  sing N N 192 
LEU CB  HB3  sing N N 193 
LEU CG  CD1  sing N N 194 
LEU CG  CD2  sing N N 195 
LEU CG  HG   sing N N 196 
LEU CD1 HD11 sing N N 197 
LEU CD1 HD12 sing N N 198 
LEU CD1 HD13 sing N N 199 
LEU CD2 HD21 sing N N 200 
LEU CD2 HD22 sing N N 201 
LEU CD2 HD23 sing N N 202 
LEU OXT HXT  sing N N 203 
LYS N   CA   sing N N 204 
LYS N   H    sing N N 205 
LYS N   H2   sing N N 206 
LYS CA  C    sing N N 207 
LYS CA  CB   sing N N 208 
LYS CA  HA   sing N N 209 
LYS C   O    doub N N 210 
LYS C   OXT  sing N N 211 
LYS CB  CG   sing N N 212 
LYS CB  HB2  sing N N 213 
LYS CB  HB3  sing N N 214 
LYS CG  CD   sing N N 215 
LYS CG  HG2  sing N N 216 
LYS CG  HG3  sing N N 217 
LYS CD  CE   sing N N 218 
LYS CD  HD2  sing N N 219 
LYS CD  HD3  sing N N 220 
LYS CE  NZ   sing N N 221 
LYS CE  HE2  sing N N 222 
LYS CE  HE3  sing N N 223 
LYS NZ  HZ1  sing N N 224 
LYS NZ  HZ2  sing N N 225 
LYS NZ  HZ3  sing N N 226 
LYS OXT HXT  sing N N 227 
MET N   CA   sing N N 228 
MET N   H    sing N N 229 
MET N   H2   sing N N 230 
MET CA  C    sing N N 231 
MET CA  CB   sing N N 232 
MET CA  HA   sing N N 233 
MET C   O    doub N N 234 
MET C   OXT  sing N N 235 
MET CB  CG   sing N N 236 
MET CB  HB2  sing N N 237 
MET CB  HB3  sing N N 238 
MET CG  SD   sing N N 239 
MET CG  HG2  sing N N 240 
MET CG  HG3  sing N N 241 
MET SD  CE   sing N N 242 
MET CE  HE1  sing N N 243 
MET CE  HE2  sing N N 244 
MET CE  HE3  sing N N 245 
MET OXT HXT  sing N N 246 
PHE N   CA   sing N N 247 
PHE N   H    sing N N 248 
PHE N   H2   sing N N 249 
PHE CA  C    sing N N 250 
PHE CA  CB   sing N N 251 
PHE CA  HA   sing N N 252 
PHE C   O    doub N N 253 
PHE C   OXT  sing N N 254 
PHE CB  CG   sing N N 255 
PHE CB  HB2  sing N N 256 
PHE CB  HB3  sing N N 257 
PHE CG  CD1  doub Y N 258 
PHE CG  CD2  sing Y N 259 
PHE CD1 CE1  sing Y N 260 
PHE CD1 HD1  sing N N 261 
PHE CD2 CE2  doub Y N 262 
PHE CD2 HD2  sing N N 263 
PHE CE1 CZ   doub Y N 264 
PHE CE1 HE1  sing N N 265 
PHE CE2 CZ   sing Y N 266 
PHE CE2 HE2  sing N N 267 
PHE CZ  HZ   sing N N 268 
PHE OXT HXT  sing N N 269 
PRO N   CA   sing N N 270 
PRO N   CD   sing N N 271 
PRO N   H    sing N N 272 
PRO CA  C    sing N N 273 
PRO CA  CB   sing N N 274 
PRO CA  HA   sing N N 275 
PRO C   O    doub N N 276 
PRO C   OXT  sing N N 277 
PRO CB  CG   sing N N 278 
PRO CB  HB2  sing N N 279 
PRO CB  HB3  sing N N 280 
PRO CG  CD   sing N N 281 
PRO CG  HG2  sing N N 282 
PRO CG  HG3  sing N N 283 
PRO CD  HD2  sing N N 284 
PRO CD  HD3  sing N N 285 
PRO OXT HXT  sing N N 286 
SER N   CA   sing N N 287 
SER N   H    sing N N 288 
SER N   H2   sing N N 289 
SER CA  C    sing N N 290 
SER CA  CB   sing N N 291 
SER CA  HA   sing N N 292 
SER C   O    doub N N 293 
SER C   OXT  sing N N 294 
SER CB  OG   sing N N 295 
SER CB  HB2  sing N N 296 
SER CB  HB3  sing N N 297 
SER OG  HG   sing N N 298 
SER OXT HXT  sing N N 299 
THR N   CA   sing N N 300 
THR N   H    sing N N 301 
THR N   H2   sing N N 302 
THR CA  C    sing N N 303 
THR CA  CB   sing N N 304 
THR CA  HA   sing N N 305 
THR C   O    doub N N 306 
THR C   OXT  sing N N 307 
THR CB  OG1  sing N N 308 
THR CB  CG2  sing N N 309 
THR CB  HB   sing N N 310 
THR OG1 HG1  sing N N 311 
THR CG2 HG21 sing N N 312 
THR CG2 HG22 sing N N 313 
THR CG2 HG23 sing N N 314 
THR OXT HXT  sing N N 315 
TRP N   CA   sing N N 316 
TRP N   H    sing N N 317 
TRP N   H2   sing N N 318 
TRP CA  C    sing N N 319 
TRP CA  CB   sing N N 320 
TRP CA  HA   sing N N 321 
TRP C   O    doub N N 322 
TRP C   OXT  sing N N 323 
TRP CB  CG   sing N N 324 
TRP CB  HB2  sing N N 325 
TRP CB  HB3  sing N N 326 
TRP CG  CD1  doub Y N 327 
TRP CG  CD2  sing Y N 328 
TRP CD1 NE1  sing Y N 329 
TRP CD1 HD1  sing N N 330 
TRP CD2 CE2  doub Y N 331 
TRP CD2 CE3  sing Y N 332 
TRP NE1 CE2  sing Y N 333 
TRP NE1 HE1  sing N N 334 
TRP CE2 CZ2  sing Y N 335 
TRP CE3 CZ3  doub Y N 336 
TRP CE3 HE3  sing N N 337 
TRP CZ2 CH2  doub Y N 338 
TRP CZ2 HZ2  sing N N 339 
TRP CZ3 CH2  sing Y N 340 
TRP CZ3 HZ3  sing N N 341 
TRP CH2 HH2  sing N N 342 
TRP OXT HXT  sing N N 343 
TYR N   CA   sing N N 344 
TYR N   H    sing N N 345 
TYR N   H2   sing N N 346 
TYR CA  C    sing N N 347 
TYR CA  CB   sing N N 348 
TYR CA  HA   sing N N 349 
TYR C   O    doub N N 350 
TYR C   OXT  sing N N 351 
TYR CB  CG   sing N N 352 
TYR CB  HB2  sing N N 353 
TYR CB  HB3  sing N N 354 
TYR CG  CD1  doub Y N 355 
TYR CG  CD2  sing Y N 356 
TYR CD1 CE1  sing Y N 357 
TYR CD1 HD1  sing N N 358 
TYR CD2 CE2  doub Y N 359 
TYR CD2 HD2  sing N N 360 
TYR CE1 CZ   doub Y N 361 
TYR CE1 HE1  sing N N 362 
TYR CE2 CZ   sing Y N 363 
TYR CE2 HE2  sing N N 364 
TYR CZ  OH   sing N N 365 
TYR OH  HH   sing N N 366 
TYR OXT HXT  sing N N 367 
VAL N   CA   sing N N 368 
VAL N   H    sing N N 369 
VAL N   H2   sing N N 370 
VAL CA  C    sing N N 371 
VAL CA  CB   sing N N 372 
VAL CA  HA   sing N N 373 
VAL C   O    doub N N 374 
VAL C   OXT  sing N N 375 
VAL CB  CG1  sing N N 376 
VAL CB  CG2  sing N N 377 
VAL CB  HB   sing N N 378 
VAL CG1 HG11 sing N N 379 
VAL CG1 HG12 sing N N 380 
VAL CG1 HG13 sing N N 381 
VAL CG2 HG21 sing N N 382 
VAL CG2 HG22 sing N N 383 
VAL CG2 HG23 sing N N 384 
VAL OXT HXT  sing N N 385 
# 
loop_
_pdbx_entity_nonpoly.entity_id 
_pdbx_entity_nonpoly.name 
_pdbx_entity_nonpoly.comp_id 
2 IMIDAZOLE IMD 
3 water     HOH 
# 
_pdbx_initial_refinement_model.id               1 
_pdbx_initial_refinement_model.entity_id_list   ? 
_pdbx_initial_refinement_model.type             'experimental model' 
_pdbx_initial_refinement_model.source_name      PDB 
_pdbx_initial_refinement_model.accession_code   3JXT 
_pdbx_initial_refinement_model.details          ? 
# 
